data_2E2K
#
_entry.id   2E2K
#
_cell.length_a   117.717
_cell.length_b   130.527
_cell.length_c   144.589
_cell.angle_alpha   90.00
_cell.angle_beta   99.44
_cell.angle_gamma   90.00
#
_symmetry.space_group_name_H-M   'C 1 2 1'
#
loop_
_entity.id
_entity.type
_entity.pdbx_description
1 polymer Formamidase
2 water water
#
_entity_poly.entity_id   1
_entity_poly.type   'polypeptide(L)'
_entity_poly.pdbx_seq_one_letter_code
;MGSIGSMGKPIEGFLVAAIQFPVPIVNSRKDIDHNIESIIRTLHATKAGYPGVELIIFPEYSTQGLNTAKWLSEEFLLDV
PGKETELYAKACKEAKVYGVFSIMERNPDSNKNPYNTAIIIDPQGEIILKYRKLFPWNPIEPWYPGDLGMPVCEGPGGSK
LAVCISHDGMIPELAREAAYKGCNVYIRISGYSTQVNDQWILTNRSNAWHNLMYTVSVNLAGYDNVFYYFGEGQICNFDG
TTLVQGHRNPWEIVTGEIYPKMADNARLSWGLENNIYNLGHRGYVAKPGGEHDAGLTYIKDLAAGKYKLPWEDHMKIKDG
SIYGYPTTGGRFGK
;
_entity_poly.pdbx_strand_id   A,B,C,D,E,F
#
# COMPACT_ATOMS: atom_id res chain seq x y z
N GLY A 13 -8.56 27.34 -11.22
CA GLY A 13 -9.31 26.79 -10.04
C GLY A 13 -9.04 27.54 -8.74
N PHE A 14 -8.88 26.80 -7.65
CA PHE A 14 -8.66 27.42 -6.35
C PHE A 14 -7.92 26.52 -5.36
N LEU A 15 -7.41 27.14 -4.30
CA LEU A 15 -6.75 26.43 -3.21
C LEU A 15 -7.70 26.22 -2.03
N VAL A 16 -7.83 24.96 -1.59
CA VAL A 16 -8.64 24.64 -0.43
C VAL A 16 -7.77 24.30 0.78
N ALA A 17 -8.34 24.46 1.97
CA ALA A 17 -7.66 24.08 3.21
C ALA A 17 -8.66 23.52 4.21
N ALA A 18 -8.35 22.34 4.73
CA ALA A 18 -9.18 21.69 5.74
C ALA A 18 -8.37 21.46 7.00
N ILE A 19 -8.95 21.80 8.14
CA ILE A 19 -8.24 21.72 9.42
C ILE A 19 -8.74 20.57 10.26
N GLN A 20 -7.83 19.67 10.61
CA GLN A 20 -8.13 18.61 11.56
C GLN A 20 -8.21 19.20 12.97
N PHE A 21 -9.13 20.15 13.11
CA PHE A 21 -9.35 20.88 14.35
C PHE A 21 -9.53 19.90 15.51
N PRO A 22 -8.82 20.14 16.62
CA PRO A 22 -9.02 19.30 17.79
C PRO A 22 -10.25 19.77 18.54
N VAL A 23 -10.95 18.85 19.19
CA VAL A 23 -11.99 19.31 20.09
C VAL A 23 -11.63 18.96 21.53
N PRO A 24 -11.18 19.97 22.29
CA PRO A 24 -11.10 19.83 23.75
C PRO A 24 -12.49 19.60 24.34
N ILE A 25 -12.54 19.45 25.66
CA ILE A 25 -13.79 19.19 26.35
C ILE A 25 -14.62 20.46 26.40
N VAL A 26 -15.93 20.32 26.36
CA VAL A 26 -16.83 21.45 26.48
C VAL A 26 -17.78 21.22 27.66
N ASN A 27 -17.78 22.17 28.61
CA ASN A 27 -18.57 22.02 29.82
C ASN A 27 -19.51 23.20 30.10
N SER A 28 -19.33 24.29 29.35
CA SER A 28 -20.15 25.48 29.51
C SER A 28 -20.16 26.35 28.25
N ARG A 29 -20.90 27.45 28.29
CA ARG A 29 -21.01 28.39 27.18
C ARG A 29 -19.69 29.11 26.92
N LYS A 30 -18.93 29.39 27.99
CA LYS A 30 -17.64 30.07 27.87
C LYS A 30 -16.60 29.20 27.13
N ASP A 31 -16.76 27.89 27.23
CA ASP A 31 -15.93 26.95 26.50
C ASP A 31 -16.30 26.96 25.01
N ILE A 32 -17.59 27.13 24.73
CA ILE A 32 -18.08 27.26 23.36
C ILE A 32 -17.57 28.55 22.74
N ASP A 33 -17.59 29.64 23.51
CA ASP A 33 -17.04 30.91 23.06
C ASP A 33 -15.54 30.80 22.82
N HIS A 34 -14.85 30.09 23.71
CA HIS A 34 -13.42 29.85 23.59
C HIS A 34 -13.10 29.10 22.30
N ASN A 35 -13.93 28.11 21.97
CA ASN A 35 -13.82 27.38 20.71
C ASN A 35 -14.01 28.31 19.50
N ILE A 36 -15.01 29.18 19.59
CA ILE A 36 -15.34 30.11 18.51
C ILE A 36 -14.18 31.04 18.19
N GLU A 37 -13.60 31.64 19.23
CA GLU A 37 -12.43 32.50 19.04
C GLU A 37 -11.24 31.72 18.48
N SER A 38 -11.06 30.50 18.96
CA SER A 38 -9.98 29.62 18.49
C SER A 38 -10.13 29.30 17.00
N ILE A 39 -11.35 29.02 16.58
CA ILE A 39 -11.66 28.78 15.17
C ILE A 39 -11.34 30.00 14.31
N ILE A 40 -11.65 31.19 14.86
CA ILE A 40 -11.38 32.44 14.17
C ILE A 40 -9.87 32.72 14.07
N ARG A 41 -9.14 32.51 15.16
CA ARG A 41 -7.68 32.67 15.15
C ARG A 41 -7.03 31.73 14.14
N THR A 42 -7.57 30.51 14.05
CA THR A 42 -7.06 29.51 13.11
C THR A 42 -7.28 29.98 11.68
N LEU A 43 -8.46 30.52 11.41
CA LEU A 43 -8.83 31.01 10.08
C LEU A 43 -7.92 32.14 9.60
N HIS A 44 -7.54 33.04 10.50
CA HIS A 44 -6.62 34.13 10.15
C HIS A 44 -5.19 33.62 9.98
N ALA A 45 -4.78 32.70 10.85
CA ALA A 45 -3.47 32.07 10.76
C ALA A 45 -3.30 31.31 9.44
N THR A 46 -4.32 30.55 9.07
CA THR A 46 -4.32 29.75 7.84
C THR A 46 -4.27 30.63 6.60
N LYS A 47 -4.95 31.78 6.65
CA LYS A 47 -4.90 32.74 5.56
C LYS A 47 -3.52 33.39 5.45
N ALA A 48 -2.89 33.62 6.60
CA ALA A 48 -1.57 34.24 6.62
C ALA A 48 -0.50 33.28 6.12
N GLY A 49 -0.66 31.99 6.44
CA GLY A 49 0.28 30.95 6.05
C GLY A 49 0.09 30.47 4.62
N TYR A 50 -1.16 30.55 4.14
CA TYR A 50 -1.49 30.21 2.76
C TYR A 50 -2.24 31.36 2.10
N PRO A 51 -1.51 32.40 1.67
CA PRO A 51 -2.13 33.62 1.13
C PRO A 51 -3.10 33.38 -0.03
N GLY A 52 -2.90 32.29 -0.75
CA GLY A 52 -3.75 31.97 -1.90
C GLY A 52 -5.05 31.24 -1.56
N VAL A 53 -5.19 30.83 -0.30
CA VAL A 53 -6.36 30.03 0.12
C VAL A 53 -7.68 30.81 0.00
N GLU A 54 -8.67 30.19 -0.64
CA GLU A 54 -9.96 30.82 -0.85
C GLU A 54 -11.09 30.14 -0.12
N LEU A 55 -10.87 28.88 0.25
CA LEU A 55 -11.87 28.11 0.98
C LEU A 55 -11.24 27.38 2.16
N ILE A 56 -11.73 27.68 3.36
CA ILE A 56 -11.19 27.11 4.60
C ILE A 56 -12.29 26.38 5.36
N ILE A 57 -12.04 25.12 5.71
CA ILE A 57 -13.08 24.23 6.23
C ILE A 57 -12.80 23.75 7.65
N PHE A 58 -13.82 23.84 8.51
CA PHE A 58 -13.75 23.28 9.86
C PHE A 58 -14.71 22.10 10.01
N PRO A 59 -14.33 21.11 10.83
CA PRO A 59 -15.15 19.91 10.97
C PRO A 59 -16.39 20.11 11.83
N GLU A 60 -17.32 19.16 11.74
CA GLU A 60 -18.53 19.15 12.57
C GLU A 60 -18.18 19.06 14.06
N TYR A 61 -18.92 19.82 14.87
CA TYR A 61 -18.73 19.87 16.34
C TYR A 61 -17.57 20.74 16.81
N SER A 62 -16.86 21.38 15.88
CA SER A 62 -15.73 22.24 16.23
C SER A 62 -16.15 23.41 17.12
N THR A 63 -17.37 23.88 16.94
CA THR A 63 -17.89 25.02 17.69
C THR A 63 -18.35 24.63 19.10
N GLN A 64 -18.94 23.43 19.21
CA GLN A 64 -19.66 23.07 20.43
C GLN A 64 -19.19 21.78 21.11
N GLY A 65 -18.49 20.92 20.38
CA GLY A 65 -17.98 19.66 20.93
C GLY A 65 -19.03 18.56 20.96
N LEU A 66 -18.69 17.45 21.62
CA LEU A 66 -19.61 16.31 21.73
C LEU A 66 -19.83 15.88 23.18
N ASN A 67 -20.30 16.81 24.01
CA ASN A 67 -20.66 16.48 25.39
C ASN A 67 -22.07 15.92 25.40
N THR A 68 -22.17 14.59 25.35
CA THR A 68 -23.48 13.93 25.24
C THR A 68 -24.41 14.18 26.43
N ALA A 69 -23.84 14.63 27.54
CA ALA A 69 -24.61 14.92 28.75
C ALA A 69 -25.26 16.30 28.75
N LYS A 70 -24.78 17.20 27.88
CA LYS A 70 -25.28 18.58 27.85
C LYS A 70 -25.60 19.11 26.45
N TRP A 71 -25.33 18.33 25.42
CA TRP A 71 -25.37 18.83 24.04
C TRP A 71 -26.78 19.07 23.47
N LEU A 72 -27.79 18.84 24.30
CA LEU A 72 -29.17 19.13 23.93
C LEU A 72 -29.72 20.31 24.71
N SER A 73 -29.01 20.72 25.76
CA SER A 73 -29.44 21.83 26.61
C SER A 73 -29.35 23.16 25.87
N GLU A 74 -30.16 24.12 26.29
CA GLU A 74 -30.23 25.43 25.63
C GLU A 74 -28.91 26.19 25.71
N GLU A 75 -28.17 25.98 26.79
CA GLU A 75 -26.85 26.59 26.98
C GLU A 75 -25.91 26.22 25.84
N PHE A 76 -26.02 24.98 25.39
CA PHE A 76 -25.15 24.43 24.34
C PHE A 76 -25.68 24.66 22.93
N LEU A 77 -26.74 25.45 22.81
CA LEU A 77 -27.38 25.68 21.52
C LEU A 77 -27.29 27.13 21.04
N LEU A 78 -27.22 27.30 19.73
CA LEU A 78 -27.11 28.63 19.11
C LEU A 78 -28.15 28.79 18.00
N ASP A 79 -28.28 30.03 17.51
CA ASP A 79 -29.20 30.31 16.41
C ASP A 79 -28.43 30.59 15.12
N VAL A 80 -29.05 30.24 13.99
CA VAL A 80 -28.45 30.47 12.67
C VAL A 80 -29.44 31.21 11.76
N PRO A 81 -29.12 32.46 11.40
CA PRO A 81 -27.93 33.20 11.86
C PRO A 81 -28.05 33.65 13.31
N GLY A 82 -26.93 34.11 13.88
CA GLY A 82 -26.89 34.57 15.25
C GLY A 82 -25.62 35.35 15.53
N LYS A 83 -25.39 35.69 16.78
CA LYS A 83 -24.21 36.50 17.15
C LYS A 83 -22.90 35.71 16.96
N GLU A 84 -22.99 34.39 17.04
CA GLU A 84 -21.82 33.52 16.87
C GLU A 84 -21.46 33.33 15.41
N THR A 85 -22.48 33.16 14.56
CA THR A 85 -22.25 33.04 13.12
C THR A 85 -21.79 34.37 12.54
N GLU A 86 -22.24 35.46 13.15
CA GLU A 86 -21.81 36.80 12.75
C GLU A 86 -20.33 37.04 13.05
N LEU A 87 -19.81 36.37 14.06
CA LEU A 87 -18.38 36.43 14.36
C LEU A 87 -17.58 35.70 13.29
N TYR A 88 -18.12 34.57 12.81
CA TYR A 88 -17.52 33.84 11.69
C TYR A 88 -17.62 34.66 10.40
N ALA A 89 -18.76 35.30 10.22
CA ALA A 89 -18.99 36.16 9.05
C ALA A 89 -18.02 37.35 9.05
N LYS A 90 -17.81 37.92 10.23
CA LYS A 90 -16.83 38.98 10.43
C LYS A 90 -15.44 38.51 10.02
N ALA A 91 -15.08 37.31 10.47
CA ALA A 91 -13.76 36.73 10.21
C ALA A 91 -13.51 36.46 8.73
N CYS A 92 -14.55 36.00 8.02
CA CYS A 92 -14.42 35.68 6.60
C CYS A 92 -14.29 36.93 5.74
N LYS A 93 -14.98 37.99 6.13
CA LYS A 93 -14.99 39.23 5.36
C LYS A 93 -13.62 39.91 5.34
N GLU A 94 -12.95 39.95 6.49
CA GLU A 94 -11.66 40.63 6.59
C GLU A 94 -10.49 39.75 6.15
N ALA A 95 -10.66 38.44 6.21
CA ALA A 95 -9.66 37.52 5.69
C ALA A 95 -9.85 37.28 4.19
N LYS A 96 -11.04 37.64 3.70
CA LYS A 96 -11.39 37.53 2.27
C LYS A 96 -11.44 36.08 1.78
N VAL A 97 -12.06 35.20 2.57
CA VAL A 97 -12.16 33.78 2.23
C VAL A 97 -13.58 33.25 2.37
N TYR A 98 -13.83 32.11 1.72
CA TYR A 98 -15.01 31.31 2.01
C TYR A 98 -14.68 30.46 3.23
N GLY A 99 -15.64 30.34 4.15
CA GLY A 99 -15.45 29.52 5.33
C GLY A 99 -16.60 28.56 5.59
N VAL A 100 -16.27 27.34 6.00
CA VAL A 100 -17.28 26.34 6.33
C VAL A 100 -17.27 26.08 7.83
N PHE A 101 -18.44 26.17 8.46
CA PHE A 101 -18.53 26.08 9.92
C PHE A 101 -19.64 25.13 10.38
N SER A 102 -19.57 24.72 11.64
CA SER A 102 -20.53 23.80 12.22
C SER A 102 -21.30 24.43 13.38
N ILE A 103 -22.62 24.34 13.33
CA ILE A 103 -23.45 24.85 14.41
C ILE A 103 -24.51 23.84 14.81
N MET A 104 -24.56 23.49 16.09
CA MET A 104 -25.70 22.76 16.62
C MET A 104 -26.81 23.78 16.82
N GLU A 105 -27.75 23.79 15.89
CA GLU A 105 -28.74 24.85 15.79
C GLU A 105 -30.00 24.58 16.59
N ARG A 106 -30.40 25.57 17.39
CA ARG A 106 -31.64 25.54 18.12
C ARG A 106 -32.81 25.43 17.13
N ASN A 107 -33.74 24.53 17.41
CA ASN A 107 -34.89 24.35 16.53
C ASN A 107 -35.92 25.45 16.75
N PRO A 108 -36.30 26.16 15.67
CA PRO A 108 -37.36 27.15 15.72
C PRO A 108 -38.64 26.59 16.33
N ASP A 109 -38.81 25.28 16.26
CA ASP A 109 -39.90 24.60 16.93
C ASP A 109 -39.38 23.95 18.21
N SER A 110 -39.76 24.51 19.35
CA SER A 110 -39.26 24.10 20.66
C SER A 110 -39.64 22.68 21.07
N ASN A 111 -40.64 22.11 20.41
CA ASN A 111 -41.08 20.73 20.69
C ASN A 111 -40.21 19.70 19.95
N LYS A 112 -39.38 20.17 19.04
CA LYS A 112 -38.46 19.31 18.31
C LYS A 112 -37.03 19.50 18.82
N ASN A 113 -36.21 18.46 18.67
CA ASN A 113 -34.79 18.54 19.00
C ASN A 113 -34.03 19.48 18.06
N PRO A 114 -32.83 19.92 18.48
CA PRO A 114 -31.98 20.80 17.67
C PRO A 114 -31.51 20.15 16.38
N TYR A 115 -31.11 20.99 15.41
CA TYR A 115 -30.56 20.50 14.16
C TYR A 115 -29.03 20.47 14.22
N ASN A 116 -28.44 19.64 13.36
CA ASN A 116 -27.00 19.62 13.19
C ASN A 116 -26.69 20.36 11.90
N THR A 117 -26.26 21.61 12.03
CA THR A 117 -26.23 22.52 10.89
C THR A 117 -24.82 22.91 10.44
N ALA A 118 -24.64 22.90 9.12
CA ALA A 118 -23.42 23.41 8.49
C ALA A 118 -23.76 24.64 7.67
N ILE A 119 -22.87 25.63 7.67
CA ILE A 119 -23.03 26.82 6.85
C ILE A 119 -21.77 27.15 6.08
N ILE A 120 -21.93 27.76 4.91
CA ILE A 120 -20.81 28.30 4.15
C ILE A 120 -20.96 29.81 4.04
N ILE A 121 -19.93 30.53 4.46
CA ILE A 121 -19.92 31.98 4.40
C ILE A 121 -18.91 32.47 3.37
N ASP A 122 -19.31 33.42 2.53
CA ASP A 122 -18.43 33.92 1.47
C ASP A 122 -17.52 35.04 1.99
N PRO A 123 -16.57 35.51 1.14
CA PRO A 123 -15.66 36.59 1.52
C PRO A 123 -16.34 37.95 1.76
N GLN A 124 -17.64 38.02 1.53
CA GLN A 124 -18.40 39.24 1.80
C GLN A 124 -19.10 39.17 3.15
N GLY A 125 -18.92 38.05 3.85
CA GLY A 125 -19.50 37.87 5.18
C GLY A 125 -20.95 37.44 5.14
N GLU A 126 -21.39 36.92 4.00
CA GLU A 126 -22.77 36.48 3.84
C GLU A 126 -22.88 34.95 3.87
N ILE A 127 -23.86 34.45 4.60
CA ILE A 127 -24.20 33.03 4.57
C ILE A 127 -24.85 32.73 3.23
N ILE A 128 -24.18 31.92 2.41
CA ILE A 128 -24.67 31.62 1.07
C ILE A 128 -25.17 30.17 0.96
N LEU A 129 -24.97 29.39 2.01
CA LEU A 129 -25.44 28.02 2.05
C LEU A 129 -25.75 27.61 3.49
N LYS A 130 -26.91 27.00 3.69
CA LYS A 130 -27.30 26.46 4.98
C LYS A 130 -27.81 25.04 4.81
N TYR A 131 -27.19 24.11 5.51
CA TYR A 131 -27.57 22.70 5.43
C TYR A 131 -27.74 22.07 6.80
N ARG A 132 -28.86 21.37 6.99
CA ARG A 132 -29.13 20.66 8.24
C ARG A 132 -28.99 19.17 8.00
N LYS A 133 -28.17 18.51 8.81
CA LYS A 133 -27.85 17.10 8.66
C LYS A 133 -29.08 16.25 8.35
N LEU A 134 -29.11 15.67 7.16
CA LEU A 134 -30.24 14.85 6.73
C LEU A 134 -30.23 13.47 7.38
N PHE A 135 -29.04 12.91 7.57
CA PHE A 135 -28.91 11.58 8.18
C PHE A 135 -28.06 11.61 9.46
N PRO A 136 -28.69 11.90 10.60
CA PRO A 136 -28.02 11.87 11.90
C PRO A 136 -27.40 10.51 12.21
N TRP A 137 -26.27 10.51 12.90
CA TRP A 137 -25.57 9.28 13.23
C TRP A 137 -26.27 8.54 14.37
N ASN A 138 -27.39 7.91 14.04
CA ASN A 138 -28.18 7.15 15.02
C ASN A 138 -27.53 5.82 15.36
N PRO A 139 -27.73 5.32 16.59
CA PRO A 139 -28.57 5.86 17.66
C PRO A 139 -27.90 6.87 18.59
N ILE A 140 -26.62 7.19 18.36
CA ILE A 140 -25.88 8.06 19.29
C ILE A 140 -26.27 9.54 19.18
N GLU A 141 -26.75 9.95 18.02
CA GLU A 141 -27.09 11.36 17.78
C GLU A 141 -28.58 11.62 17.86
N PRO A 142 -28.99 12.60 18.69
CA PRO A 142 -30.38 12.97 18.93
C PRO A 142 -30.88 14.10 18.02
N TRP A 143 -30.07 14.47 17.03
CA TRP A 143 -30.42 15.60 16.15
C TRP A 143 -31.63 15.29 15.29
N TYR A 144 -32.48 16.30 15.09
CA TYR A 144 -33.66 16.15 14.25
C TYR A 144 -33.22 16.12 12.79
N PRO A 145 -33.78 15.18 12.00
CA PRO A 145 -33.52 15.13 10.56
C PRO A 145 -33.72 16.47 9.88
N GLY A 146 -32.76 16.88 9.05
CA GLY A 146 -32.81 18.18 8.37
C GLY A 146 -34.00 18.35 7.45
N ASP A 147 -34.40 19.60 7.23
CA ASP A 147 -35.59 19.90 6.44
C ASP A 147 -35.30 20.91 5.33
N LEU A 148 -34.02 21.07 5.00
CA LEU A 148 -33.61 22.05 3.99
C LEU A 148 -33.08 21.35 2.74
N GLY A 149 -33.10 20.02 2.76
CA GLY A 149 -32.60 19.21 1.65
C GLY A 149 -31.09 19.35 1.51
N MET A 150 -30.60 19.07 0.31
CA MET A 150 -29.18 19.21 0.01
C MET A 150 -28.96 20.40 -0.94
N PRO A 151 -28.62 21.56 -0.37
CA PRO A 151 -28.46 22.77 -1.16
C PRO A 151 -27.08 22.90 -1.81
N VAL A 152 -27.01 23.71 -2.86
CA VAL A 152 -25.76 23.97 -3.57
C VAL A 152 -25.59 25.48 -3.72
N CYS A 153 -24.37 25.96 -3.61
CA CYS A 153 -24.09 27.39 -3.78
C CYS A 153 -22.90 27.60 -4.71
N GLU A 154 -22.67 28.85 -5.08
CA GLU A 154 -21.53 29.20 -5.91
C GLU A 154 -20.30 29.44 -5.05
N GLY A 155 -19.21 28.77 -5.38
CA GLY A 155 -17.95 28.91 -4.65
C GLY A 155 -16.90 29.61 -5.49
N PRO A 156 -15.66 29.62 -4.99
CA PRO A 156 -14.56 30.27 -5.71
C PRO A 156 -14.05 29.43 -6.88
N GLY A 157 -13.43 30.08 -7.86
CA GLY A 157 -12.81 29.40 -8.99
C GLY A 157 -13.70 28.43 -9.74
N GLY A 158 -14.93 28.85 -10.00
CA GLY A 158 -15.87 28.04 -10.78
C GLY A 158 -16.36 26.78 -10.10
N SER A 159 -16.38 26.78 -8.77
CA SER A 159 -16.83 25.62 -8.02
C SER A 159 -18.28 25.74 -7.58
N LYS A 160 -18.98 24.62 -7.61
CA LYS A 160 -20.34 24.55 -7.08
C LYS A 160 -20.30 23.73 -5.80
N LEU A 161 -20.27 24.41 -4.66
CA LEU A 161 -20.08 23.76 -3.38
C LEU A 161 -21.37 23.20 -2.80
N ALA A 162 -21.28 21.98 -2.28
CA ALA A 162 -22.32 21.42 -1.44
C ALA A 162 -21.63 20.78 -0.25
N VAL A 163 -22.29 20.79 0.90
CA VAL A 163 -21.69 20.22 2.10
C VAL A 163 -22.60 19.19 2.76
N CYS A 164 -22.02 18.04 3.11
CA CYS A 164 -22.70 17.05 3.92
C CYS A 164 -21.95 16.89 5.24
N ILE A 165 -22.55 16.17 6.19
CA ILE A 165 -21.98 16.07 7.52
C ILE A 165 -21.76 14.62 7.96
N SER A 166 -20.48 14.26 8.12
CA SER A 166 -20.06 12.94 8.60
C SER A 166 -20.86 11.75 8.07
N HIS A 167 -21.82 11.28 8.86
CA HIS A 167 -22.65 10.12 8.52
C HIS A 167 -23.32 10.25 7.16
N ASP A 168 -23.75 11.46 6.83
CA ASP A 168 -24.35 11.75 5.53
C ASP A 168 -23.52 11.15 4.41
N GLY A 169 -22.20 11.26 4.52
CA GLY A 169 -21.27 10.80 3.49
C GLY A 169 -21.22 9.30 3.25
N MET A 170 -21.87 8.54 4.13
CA MET A 170 -21.95 7.09 3.97
C MET A 170 -23.14 6.70 3.11
N ILE A 171 -23.94 7.71 2.73
CA ILE A 171 -25.16 7.51 1.95
C ILE A 171 -24.93 8.02 0.53
N PRO A 172 -24.63 7.09 -0.41
CA PRO A 172 -24.27 7.47 -1.78
C PRO A 172 -25.40 8.24 -2.48
N GLU A 173 -26.64 7.96 -2.11
CA GLU A 173 -27.79 8.71 -2.63
C GLU A 173 -27.66 10.21 -2.37
N LEU A 174 -27.10 10.57 -1.22
CA LEU A 174 -26.90 11.98 -0.88
C LEU A 174 -25.79 12.62 -1.70
N ALA A 175 -24.75 11.85 -2.02
CA ALA A 175 -23.70 12.35 -2.90
C ALA A 175 -24.26 12.53 -4.31
N ARG A 176 -25.15 11.62 -4.70
CA ARG A 176 -25.83 11.71 -6.00
C ARG A 176 -26.70 12.96 -6.08
N GLU A 177 -27.42 13.25 -5.00
CA GLU A 177 -28.34 14.39 -4.95
C GLU A 177 -27.61 15.73 -5.08
N ALA A 178 -26.46 15.85 -4.43
CA ALA A 178 -25.66 17.07 -4.53
C ALA A 178 -25.22 17.30 -5.97
N ALA A 179 -24.68 16.26 -6.60
CA ALA A 179 -24.20 16.33 -7.97
C ALA A 179 -25.34 16.54 -8.97
N TYR A 180 -26.51 15.99 -8.63
CA TYR A 180 -27.71 16.19 -9.45
C TYR A 180 -28.12 17.66 -9.48
N LYS A 181 -27.86 18.38 -8.39
CA LYS A 181 -28.19 19.79 -8.30
C LYS A 181 -27.03 20.69 -8.73
N GLY A 182 -25.96 20.09 -9.23
CA GLY A 182 -24.89 20.84 -9.88
C GLY A 182 -23.55 20.87 -9.17
N CYS A 183 -23.43 20.15 -8.05
CA CYS A 183 -22.21 20.18 -7.24
C CYS A 183 -21.01 19.51 -7.90
N ASN A 184 -19.89 20.23 -7.97
CA ASN A 184 -18.64 19.68 -8.49
C ASN A 184 -17.54 19.57 -7.44
N VAL A 185 -17.75 20.19 -6.28
CA VAL A 185 -16.87 20.03 -5.13
C VAL A 185 -17.70 19.72 -3.89
N TYR A 186 -17.60 18.47 -3.43
CA TYR A 186 -18.46 17.96 -2.37
C TYR A 186 -17.73 17.94 -1.03
N ILE A 187 -18.16 18.81 -0.12
CA ILE A 187 -17.50 18.96 1.18
C ILE A 187 -18.15 18.09 2.25
N ARG A 188 -17.34 17.45 3.08
CA ARG A 188 -17.83 16.59 4.14
C ARG A 188 -17.15 16.94 5.46
N ILE A 189 -17.89 17.64 6.32
CA ILE A 189 -17.38 18.00 7.64
C ILE A 189 -17.82 16.96 8.67
N SER A 190 -16.92 16.65 9.59
CA SER A 190 -17.10 15.50 10.47
C SER A 190 -16.71 15.88 11.91
N GLY A 191 -16.74 14.93 12.84
CA GLY A 191 -16.87 13.54 12.46
C GLY A 191 -17.06 12.44 13.47
N TYR A 192 -16.49 11.30 13.08
CA TYR A 192 -16.80 10.01 13.65
C TYR A 192 -15.98 9.74 14.92
N SER A 193 -14.96 8.87 14.90
CA SER A 193 -14.57 8.02 13.77
C SER A 193 -14.12 6.66 14.31
N GLN A 195 -13.81 3.66 14.60
CA GLN A 195 -14.61 2.49 14.27
C GLN A 195 -15.10 2.51 12.83
N VAL A 196 -14.88 3.62 12.14
CA VAL A 196 -15.34 3.79 10.77
C VAL A 196 -14.25 4.38 9.89
N ASN A 197 -13.05 4.47 10.45
CA ASN A 197 -11.92 5.15 9.82
C ASN A 197 -11.58 4.73 8.38
N ASP A 198 -11.59 3.43 8.10
CA ASP A 198 -11.24 2.92 6.77
C ASP A 198 -12.35 3.19 5.78
N GLN A 199 -13.59 3.18 6.28
CA GLN A 199 -14.76 3.39 5.44
C GLN A 199 -14.96 4.87 5.12
N TRP A 200 -14.32 5.73 5.91
CA TRP A 200 -14.35 7.16 5.67
C TRP A 200 -13.50 7.49 4.45
N ILE A 201 -12.35 6.85 4.33
CA ILE A 201 -11.48 6.96 3.16
C ILE A 201 -12.19 6.39 1.95
N LEU A 202 -12.79 5.21 2.14
CA LEU A 202 -13.49 4.52 1.08
C LEU A 202 -14.61 5.36 0.45
N THR A 203 -15.47 5.93 1.29
CA THR A 203 -16.65 6.65 0.78
C THR A 203 -16.32 8.02 0.17
N ASN A 204 -15.29 8.69 0.69
CA ASN A 204 -14.81 9.93 0.09
C ASN A 204 -14.35 9.72 -1.36
N ARG A 205 -13.81 8.54 -1.64
CA ARG A 205 -13.36 8.21 -2.99
C ARG A 205 -14.51 7.81 -3.90
N SER A 206 -15.46 7.05 -3.36
CA SER A 206 -16.62 6.60 -4.16
C SER A 206 -17.60 7.75 -4.41
N ASN A 207 -17.82 8.59 -3.41
CA ASN A 207 -18.66 9.77 -3.57
C ASN A 207 -18.15 10.62 -4.73
N ALA A 208 -16.84 10.69 -4.85
CA ALA A 208 -16.18 11.43 -5.92
C ALA A 208 -16.40 10.77 -7.28
N TRP A 209 -16.06 9.48 -7.38
CA TRP A 209 -16.05 8.75 -8.64
C TRP A 209 -17.45 8.49 -9.23
N HIS A 210 -18.43 8.22 -8.37
CA HIS A 210 -19.80 7.94 -8.81
C HIS A 210 -20.41 9.12 -9.57
N ASN A 211 -19.97 10.32 -9.22
CA ASN A 211 -20.66 11.54 -9.65
C ASN A 211 -19.78 12.52 -10.41
N LEU A 212 -18.54 12.10 -10.68
CA LEU A 212 -17.53 12.93 -11.36
C LEU A 212 -17.38 14.31 -10.72
N MET A 213 -17.11 14.32 -9.41
CA MET A 213 -16.87 15.54 -8.67
C MET A 213 -15.72 15.36 -7.67
N TYR A 214 -15.10 16.47 -7.29
CA TYR A 214 -14.11 16.46 -6.23
C TYR A 214 -14.79 16.22 -4.88
N THR A 215 -14.04 15.64 -3.95
CA THR A 215 -14.48 15.60 -2.56
C THR A 215 -13.39 16.16 -1.65
N VAL A 216 -13.76 17.14 -0.84
CA VAL A 216 -12.87 17.65 0.20
C VAL A 216 -13.51 17.34 1.54
N SER A 217 -12.83 16.54 2.34
CA SER A 217 -13.40 16.05 3.58
C SER A 217 -12.45 16.24 4.75
N VAL A 218 -12.99 16.54 5.93
CA VAL A 218 -12.18 16.66 7.13
C VAL A 218 -12.94 16.27 8.40
N ASN A 219 -12.27 15.48 9.23
CA ASN A 219 -12.85 14.99 10.47
C ASN A 219 -12.23 15.71 11.66
N LEU A 220 -12.96 15.74 12.76
CA LEU A 220 -12.48 16.30 14.03
C LEU A 220 -11.39 15.40 14.60
N ALA A 221 -10.92 15.71 15.80
CA ALA A 221 -9.89 14.91 16.45
C ALA A 221 -10.25 14.57 17.90
N GLY A 222 -10.68 13.33 18.15
CA GLY A 222 -11.18 12.90 19.48
C GLY A 222 -10.92 11.44 19.86
N TYR A 223 -11.47 11.01 21.01
CA TYR A 223 -11.43 9.61 21.47
C TYR A 223 -12.60 9.25 22.39
N ASP A 224 -12.85 10.12 23.37
CA ASP A 224 -13.81 9.87 24.44
C ASP A 224 -15.27 10.20 24.08
N ASN A 225 -15.53 10.84 22.93
CA ASN A 225 -14.52 11.09 21.90
C ASN A 225 -13.90 12.49 21.97
N VAL A 226 -12.80 12.60 22.72
CA VAL A 226 -12.19 13.89 23.03
C VAL A 226 -10.64 13.91 23.16
N PHE A 227 -9.96 12.89 22.64
CA PHE A 227 -8.49 12.98 22.55
C PHE A 227 -8.10 13.50 21.16
N TYR A 228 -7.20 14.49 21.16
CA TYR A 228 -6.92 15.24 19.95
C TYR A 228 -6.31 14.40 18.82
N TYR A 229 -7.04 13.40 18.33
CA TYR A 229 -6.60 12.56 17.19
C TYR A 229 -7.72 11.71 16.59
N PHE A 230 -8.32 12.17 15.50
CA PHE A 230 -9.26 11.37 14.71
C PHE A 230 -9.14 11.70 13.23
N GLY A 231 -9.48 12.93 12.89
CA GLY A 231 -9.63 13.40 11.51
C GLY A 231 -8.56 13.04 10.53
N GLU A 232 -8.96 12.78 9.29
CA GLU A 232 -8.03 12.42 8.24
C GLU A 232 -7.71 13.64 7.38
N GLY A 233 -8.72 14.17 6.70
CA GLY A 233 -8.49 15.27 5.78
C GLY A 233 -8.11 14.67 4.45
N GLN A 234 -9.07 14.64 3.54
CA GLN A 234 -8.88 13.95 2.28
C GLN A 234 -9.37 14.79 1.11
N ILE A 235 -8.53 14.88 0.09
CA ILE A 235 -8.90 15.52 -1.16
C ILE A 235 -8.88 14.47 -2.27
N CYS A 236 -10.03 14.26 -2.91
CA CYS A 236 -10.13 13.29 -3.99
C CYS A 236 -10.46 13.94 -5.32
N ASN A 237 -9.77 13.50 -6.36
CA ASN A 237 -10.05 13.92 -7.72
C ASN A 237 -11.43 13.42 -8.15
N PHE A 238 -11.95 13.94 -9.26
CA PHE A 238 -13.27 13.55 -9.75
C PHE A 238 -13.33 12.08 -10.19
N ASP A 239 -12.18 11.49 -10.46
CA ASP A 239 -12.12 10.08 -10.85
C ASP A 239 -11.89 9.15 -9.65
N GLY A 240 -11.94 9.72 -8.45
CA GLY A 240 -11.80 8.94 -7.23
C GLY A 240 -10.39 8.87 -6.66
N THR A 241 -9.40 9.30 -7.44
CA THR A 241 -8.01 9.27 -7.02
C THR A 241 -7.74 10.23 -5.86
N THR A 242 -7.24 9.71 -4.75
CA THR A 242 -6.89 10.55 -3.61
C THR A 242 -5.66 11.37 -3.95
N LEU A 243 -5.78 12.68 -3.81
CA LEU A 243 -4.68 13.60 -4.10
C LEU A 243 -3.89 13.96 -2.85
N VAL A 244 -4.59 14.22 -1.75
CA VAL A 244 -3.94 14.57 -0.49
C VAL A 244 -4.60 13.81 0.66
N GLN A 245 -3.78 13.32 1.59
CA GLN A 245 -4.26 12.56 2.72
C GLN A 245 -3.59 13.00 4.01
N GLY A 246 -4.40 13.34 5.02
CA GLY A 246 -3.87 13.67 6.33
C GLY A 246 -3.91 12.46 7.26
N HIS A 247 -3.12 12.53 8.32
CA HIS A 247 -3.08 11.47 9.32
C HIS A 247 -4.12 11.71 10.41
N ARG A 248 -3.85 11.24 11.62
CA ARG A 248 -4.86 11.21 12.69
C ARG A 248 -4.61 12.23 13.80
N PRO A 250 -4.44 16.16 15.38
CA PRO A 250 -5.19 17.40 15.51
C PRO A 250 -4.40 18.58 14.99
N TRP A 251 -5.10 19.58 14.46
CA TRP A 251 -4.48 20.76 13.87
C TRP A 251 -3.82 20.49 12.51
N GLU A 252 -3.74 19.22 12.12
CA GLU A 252 -3.23 18.88 10.78
C GLU A 252 -4.02 19.60 9.71
N ILE A 253 -3.32 20.30 8.83
CA ILE A 253 -3.96 21.05 7.76
C ILE A 253 -3.76 20.34 6.43
N VAL A 254 -4.86 20.08 5.72
CA VAL A 254 -4.80 19.44 4.42
C VAL A 254 -5.13 20.45 3.33
N THR A 255 -4.17 20.72 2.46
CA THR A 255 -4.36 21.68 1.37
C THR A 255 -4.14 21.04 0.01
N GLY A 256 -4.57 21.74 -1.03
CA GLY A 256 -4.41 21.27 -2.40
C GLY A 256 -5.18 22.16 -3.35
N GLU A 257 -4.72 22.20 -4.60
CA GLU A 257 -5.42 22.95 -5.63
C GLU A 257 -6.53 22.09 -6.22
N ILE A 258 -7.71 22.70 -6.39
CA ILE A 258 -8.86 22.04 -6.97
C ILE A 258 -9.20 22.72 -8.29
N TYR A 259 -9.43 21.92 -9.33
CA TYR A 259 -9.84 22.47 -10.63
C TYR A 259 -11.20 21.93 -11.04
N PRO A 260 -12.28 22.59 -10.59
CA PRO A 260 -13.66 22.18 -10.82
C PRO A 260 -14.02 22.05 -12.31
N LYS A 261 -13.31 22.78 -13.15
CA LYS A 261 -13.59 22.80 -14.58
C LYS A 261 -13.30 21.45 -15.23
N MET A 262 -12.24 20.79 -14.76
CA MET A 262 -11.87 19.47 -15.28
C MET A 262 -12.94 18.43 -14.95
N ALA A 263 -13.60 18.61 -13.81
CA ALA A 263 -14.71 17.76 -13.41
C ALA A 263 -15.95 18.07 -14.25
N ASP A 264 -16.20 19.36 -14.49
CA ASP A 264 -17.31 19.79 -15.33
C ASP A 264 -17.17 19.31 -16.77
N ASN A 265 -15.94 19.34 -17.29
CA ASN A 265 -15.65 18.85 -18.64
C ASN A 265 -15.82 17.34 -18.76
N ALA A 266 -15.54 16.63 -17.67
CA ALA A 266 -15.68 15.17 -17.63
C ALA A 266 -17.14 14.76 -17.73
N ARG A 267 -18.02 15.53 -17.10
CA ARG A 267 -19.45 15.27 -17.15
C ARG A 267 -20.02 15.56 -18.54
N LEU A 268 -19.30 16.36 -19.31
CA LEU A 268 -19.76 16.78 -20.64
C LEU A 268 -19.19 15.92 -21.76
N SER A 269 -17.92 15.54 -21.65
CA SER A 269 -17.23 14.87 -22.75
C SER A 269 -17.17 13.35 -22.62
N TRP A 270 -17.09 12.85 -21.39
CA TRP A 270 -16.98 11.41 -21.14
C TRP A 270 -18.18 10.65 -21.69
N GLY A 271 -17.93 9.42 -22.12
CA GLY A 271 -18.99 8.57 -22.66
C GLY A 271 -19.08 7.26 -21.89
N LEU A 272 -18.04 6.43 -22.03
CA LEU A 272 -18.02 5.10 -21.42
C LEU A 272 -18.44 5.08 -19.95
N GLU A 273 -17.72 5.81 -19.10
CA GLU A 273 -18.01 5.78 -17.66
C GLU A 273 -18.73 7.03 -17.16
N ASN A 274 -19.58 7.62 -18.00
CA ASN A 274 -20.40 8.74 -17.58
C ASN A 274 -21.58 8.22 -16.75
N ASN A 275 -21.27 7.64 -15.60
CA ASN A 275 -22.21 6.86 -14.81
C ASN A 275 -23.43 7.64 -14.29
N ILE A 276 -23.20 8.91 -13.94
CA ILE A 276 -24.26 9.76 -13.40
C ILE A 276 -25.35 10.01 -14.45
N TYR A 277 -24.98 10.00 -15.72
CA TYR A 277 -25.93 10.17 -16.81
C TYR A 277 -26.60 8.84 -17.13
N ASN A 278 -25.83 7.76 -17.09
CA ASN A 278 -26.32 6.41 -17.36
C ASN A 278 -27.49 6.01 -16.47
N LEU A 279 -27.45 6.47 -15.22
CA LEU A 279 -28.48 6.18 -14.23
C LEU A 279 -29.90 6.52 -14.71
N GLY A 280 -30.02 7.63 -15.44
CA GLY A 280 -31.33 8.08 -15.93
C GLY A 280 -31.55 7.77 -17.39
N HIS A 281 -30.51 7.30 -18.07
CA HIS A 281 -30.57 7.01 -19.49
C HIS A 281 -29.96 5.66 -19.83
N ARG A 282 -30.36 4.64 -19.07
CA ARG A 282 -29.85 3.27 -19.22
C ARG A 282 -29.45 2.95 -20.66
N GLY A 289 -33.10 7.75 -26.25
CA GLY A 289 -32.48 8.40 -25.10
C GLY A 289 -32.46 7.53 -23.87
N GLY A 290 -32.42 6.22 -24.07
CA GLY A 290 -32.37 5.26 -22.96
C GLY A 290 -33.70 5.02 -22.29
N GLU A 291 -33.75 4.04 -21.40
CA GLU A 291 -34.94 3.75 -20.63
C GLU A 291 -34.97 4.60 -19.36
N HIS A 292 -35.98 5.48 -19.27
CA HIS A 292 -36.07 6.43 -18.17
C HIS A 292 -36.46 5.78 -16.85
N ASP A 293 -36.98 4.56 -16.92
CA ASP A 293 -37.26 3.78 -15.72
C ASP A 293 -36.05 2.91 -15.39
N ALA A 294 -35.52 3.05 -14.19
CA ALA A 294 -34.33 2.31 -13.78
C ALA A 294 -34.68 0.99 -13.09
N GLY A 295 -35.92 0.88 -12.62
CA GLY A 295 -36.33 -0.25 -11.78
C GLY A 295 -35.81 -0.11 -10.36
N LEU A 296 -36.54 0.56 -9.47
CA LEU A 296 -37.89 1.14 -9.68
C LEU A 296 -38.90 0.33 -10.50
N THR A 297 -39.37 -0.77 -9.91
CA THR A 297 -40.33 -1.65 -10.57
C THR A 297 -41.64 -1.70 -9.80
N TYR A 298 -42.75 -1.82 -10.54
CA TYR A 298 -44.11 -1.85 -9.99
C TYR A 298 -44.30 -0.94 -8.77
N LYS A 300 -38.60 2.82 -5.82
CA LYS A 300 -39.43 4.01 -5.77
C LYS A 300 -40.30 4.04 -4.51
N ASP A 301 -40.00 3.14 -3.57
CA ASP A 301 -40.65 3.12 -2.28
C ASP A 301 -40.21 4.32 -1.44
N LEU A 302 -38.91 4.60 -1.47
CA LEU A 302 -38.31 5.71 -0.74
C LEU A 302 -38.97 7.03 -1.15
N ALA A 303 -39.13 7.21 -2.45
CA ALA A 303 -39.78 8.40 -3.00
C ALA A 303 -41.20 8.59 -2.45
N ALA A 304 -41.91 7.48 -2.26
CA ALA A 304 -43.26 7.52 -1.71
C ALA A 304 -43.26 7.40 -0.19
N GLY A 305 -42.07 7.27 0.39
CA GLY A 305 -41.92 7.23 1.84
C GLY A 305 -42.28 5.91 2.47
N LYS A 306 -42.10 4.83 1.71
CA LYS A 306 -42.37 3.49 2.23
C LYS A 306 -41.19 2.53 2.03
N TYR A 307 -39.99 3.10 2.03
CA TYR A 307 -38.75 2.33 2.03
C TYR A 307 -38.78 1.34 3.18
N LYS A 308 -38.82 0.05 2.85
CA LYS A 308 -38.90 -0.99 3.87
C LYS A 308 -38.00 -2.19 3.55
N LEU A 309 -37.08 -2.49 4.47
CA LEU A 309 -36.22 -3.65 4.34
C LEU A 309 -36.94 -4.88 4.89
N PRO A 310 -36.70 -6.06 4.28
CA PRO A 310 -37.33 -7.32 4.66
C PRO A 310 -37.00 -7.79 6.07
N TRP A 311 -35.89 -7.32 6.62
CA TRP A 311 -35.43 -7.77 7.93
C TRP A 311 -35.64 -6.74 9.04
N GLU A 312 -36.46 -5.73 8.77
CA GLU A 312 -36.69 -4.65 9.74
C GLU A 312 -37.35 -5.14 11.03
N ASP A 313 -38.20 -6.16 10.91
CA ASP A 313 -38.94 -6.70 12.06
C ASP A 313 -38.02 -7.25 13.14
N HIS A 314 -36.87 -7.81 12.74
CA HIS A 314 -35.99 -8.49 13.69
C HIS A 314 -34.70 -7.71 13.99
N MET A 315 -34.73 -6.40 13.76
CA MET A 315 -33.57 -5.56 14.07
C MET A 315 -33.52 -5.21 15.55
N LYS A 316 -32.31 -5.02 16.07
CA LYS A 316 -32.10 -4.77 17.50
C LYS A 316 -32.14 -3.28 17.86
N ILE A 317 -31.69 -2.43 16.93
CA ILE A 317 -31.54 -1.02 17.21
C ILE A 317 -32.38 -0.15 16.26
N LYS A 318 -33.54 0.29 16.74
CA LYS A 318 -34.42 1.15 15.96
C LYS A 318 -34.80 2.40 16.75
N ASP A 319 -34.18 2.57 17.91
CA ASP A 319 -34.33 3.76 18.72
C ASP A 319 -33.03 4.03 19.48
N GLY A 320 -33.02 5.08 20.31
CA GLY A 320 -31.82 5.47 21.04
C GLY A 320 -31.78 5.03 22.49
N SER A 321 -32.52 3.97 22.82
CA SER A 321 -32.60 3.48 24.19
C SER A 321 -31.27 2.88 24.66
N ILE A 322 -30.49 2.36 23.72
CA ILE A 322 -29.17 1.81 24.01
C ILE A 322 -28.21 2.88 24.54
N TYR A 323 -28.45 4.12 24.16
CA TYR A 323 -27.62 5.24 24.62
C TYR A 323 -28.32 6.10 25.68
N GLY A 324 -29.44 5.61 26.21
CA GLY A 324 -30.11 6.26 27.33
C GLY A 324 -31.22 7.23 26.95
N TYR A 325 -31.42 7.45 25.66
CA TYR A 325 -32.45 8.37 25.18
C TYR A 325 -33.85 7.77 25.33
N PRO A 326 -34.89 8.64 25.42
CA PRO A 326 -36.26 8.16 25.40
C PRO A 326 -36.67 7.69 24.00
N THR A 327 -37.77 6.95 23.90
CA THR A 327 -38.16 6.33 22.65
C THR A 327 -39.42 6.95 22.04
N THR A 328 -40.08 7.83 22.78
CA THR A 328 -41.31 8.45 22.33
C THR A 328 -41.06 9.72 21.52
N GLY A 329 -39.80 10.12 21.41
CA GLY A 329 -39.42 11.27 20.60
C GLY A 329 -39.61 12.60 21.31
N GLY A 330 -39.94 13.62 20.53
CA GLY A 330 -40.15 14.97 21.07
C GLY A 330 -38.85 15.64 21.48
N ARG A 331 -38.97 16.69 22.28
CA ARG A 331 -37.81 17.41 22.79
C ARG A 331 -37.31 16.76 24.09
N PHE A 332 -36.00 16.54 24.16
CA PHE A 332 -35.38 15.99 25.37
C PHE A 332 -33.92 16.42 25.54
N GLY A 333 -33.44 16.36 26.77
CA GLY A 333 -32.07 16.76 27.10
C GLY A 333 -31.90 18.26 27.21
N LYS A 334 -33.02 18.98 27.22
CA LYS A 334 -33.02 20.45 27.28
C LYS A 334 -32.49 20.98 28.62
N GLY B 13 -20.63 -21.29 6.37
CA GLY B 13 -20.93 -20.64 5.06
C GLY B 13 -20.57 -21.52 3.87
N PHE B 14 -19.97 -20.92 2.84
CA PHE B 14 -19.60 -21.66 1.64
C PHE B 14 -18.31 -21.15 1.00
N LEU B 15 -17.77 -21.94 0.08
CA LEU B 15 -16.55 -21.60 -0.65
C LEU B 15 -16.90 -21.22 -2.09
N VAL B 16 -16.45 -20.04 -2.51
CA VAL B 16 -16.70 -19.55 -3.87
C VAL B 16 -15.42 -19.56 -4.72
N ALA B 17 -15.59 -19.69 -6.03
CA ALA B 17 -14.46 -19.59 -6.97
C ALA B 17 -14.80 -18.68 -8.14
N ALA B 18 -13.99 -17.64 -8.34
CA ALA B 18 -14.16 -16.74 -9.46
C ALA B 18 -13.01 -16.90 -10.45
N ILE B 19 -13.34 -17.23 -11.69
CA ILE B 19 -12.33 -17.51 -12.71
C ILE B 19 -12.10 -16.31 -13.62
N GLN B 20 -10.85 -15.87 -13.70
CA GLN B 20 -10.48 -14.81 -14.63
C GLN B 20 -10.29 -15.41 -16.02
N PHE B 21 -11.41 -15.73 -16.66
CA PHE B 21 -11.44 -16.43 -17.95
C PHE B 21 -10.85 -15.56 -19.06
N PRO B 22 -9.99 -16.15 -19.90
CA PRO B 22 -9.45 -15.41 -21.04
C PRO B 22 -10.54 -15.07 -22.03
N VAL B 23 -10.67 -13.80 -22.39
CA VAL B 23 -11.65 -13.41 -23.41
C VAL B 23 -11.33 -14.20 -24.66
N PRO B 24 -12.34 -14.87 -25.22
CA PRO B 24 -12.10 -15.56 -26.46
C PRO B 24 -12.06 -14.60 -27.64
N ILE B 25 -11.30 -14.94 -28.67
CA ILE B 25 -11.39 -14.27 -29.95
C ILE B 25 -12.40 -15.08 -30.77
N VAL B 26 -13.50 -14.42 -31.14
CA VAL B 26 -14.63 -15.13 -31.73
C VAL B 26 -14.95 -14.63 -33.13
N ASN B 27 -15.01 -15.57 -34.07
CA ASN B 27 -15.27 -15.24 -35.46
C ASN B 27 -16.47 -16.00 -36.04
N SER B 28 -16.96 -16.98 -35.29
CA SER B 28 -18.11 -17.78 -35.72
C SER B 28 -18.79 -18.48 -34.56
N ARG B 29 -19.89 -19.18 -34.88
CA ARG B 29 -20.61 -20.01 -33.92
C ARG B 29 -19.71 -21.16 -33.44
N LYS B 30 -18.84 -21.63 -34.33
CA LYS B 30 -17.89 -22.69 -34.01
C LYS B 30 -16.98 -22.29 -32.84
N ASP B 31 -16.57 -21.02 -32.81
CA ASP B 31 -15.74 -20.52 -31.73
C ASP B 31 -16.54 -20.39 -30.44
N ILE B 32 -17.80 -19.95 -30.54
CA ILE B 32 -18.71 -19.85 -29.39
C ILE B 32 -18.92 -21.22 -28.74
N ASP B 33 -19.06 -22.24 -29.57
CA ASP B 33 -19.18 -23.62 -29.06
C ASP B 33 -17.89 -24.11 -28.41
N HIS B 34 -16.75 -23.64 -28.92
CA HIS B 34 -15.45 -23.99 -28.34
C HIS B 34 -15.31 -23.35 -26.96
N ASN B 35 -15.87 -22.16 -26.80
CA ASN B 35 -15.84 -21.44 -25.53
C ASN B 35 -16.71 -22.11 -24.46
N ILE B 36 -17.90 -22.54 -24.87
CA ILE B 36 -18.84 -23.21 -23.98
C ILE B 36 -18.23 -24.48 -23.40
N GLU B 37 -17.64 -25.29 -24.28
CA GLU B 37 -16.97 -26.52 -23.86
C GLU B 37 -15.72 -26.24 -23.03
N SER B 38 -15.07 -25.11 -23.30
CA SER B 38 -13.92 -24.68 -22.52
C SER B 38 -14.37 -24.26 -21.12
N ILE B 39 -15.46 -23.51 -21.05
CA ILE B 39 -16.06 -23.09 -19.78
C ILE B 39 -16.49 -24.31 -18.97
N ILE B 40 -17.17 -25.24 -19.64
CA ILE B 40 -17.62 -26.49 -19.01
C ILE B 40 -16.46 -27.31 -18.47
N ARG B 41 -15.39 -27.44 -19.25
CA ARG B 41 -14.19 -28.16 -18.81
C ARG B 41 -13.52 -27.47 -17.63
N THR B 42 -13.51 -26.14 -17.65
CA THR B 42 -12.94 -25.37 -16.54
C THR B 42 -13.76 -25.58 -15.27
N LEU B 43 -15.07 -25.65 -15.42
CA LEU B 43 -15.97 -25.85 -14.29
C LEU B 43 -15.71 -27.19 -13.59
N HIS B 44 -15.62 -28.25 -14.37
CA HIS B 44 -15.34 -29.59 -13.84
C HIS B 44 -13.95 -29.68 -13.20
N ALA B 45 -13.00 -28.92 -13.75
CA ALA B 45 -11.63 -28.96 -13.27
C ALA B 45 -11.47 -28.15 -11.98
N THR B 46 -12.22 -27.06 -11.87
CA THR B 46 -12.24 -26.25 -10.66
C THR B 46 -12.83 -27.05 -9.50
N LYS B 47 -13.88 -27.83 -9.79
CA LYS B 47 -14.49 -28.71 -8.80
C LYS B 47 -13.52 -29.81 -8.35
N ALA B 48 -12.76 -30.35 -9.30
CA ALA B 48 -11.75 -31.37 -9.00
C ALA B 48 -10.63 -30.81 -8.13
N GLY B 49 -10.26 -29.56 -8.39
CA GLY B 49 -9.20 -28.89 -7.64
C GLY B 49 -9.66 -28.41 -6.27
N TYR B 50 -10.93 -28.03 -6.19
CA TYR B 50 -11.51 -27.51 -4.95
C TYR B 50 -12.80 -28.27 -4.59
N PRO B 51 -12.66 -29.49 -4.04
CA PRO B 51 -13.82 -30.37 -3.81
C PRO B 51 -14.93 -29.75 -2.96
N GLY B 52 -14.59 -28.76 -2.15
CA GLY B 52 -15.58 -28.07 -1.32
C GLY B 52 -16.22 -26.86 -1.95
N VAL B 53 -15.91 -26.60 -3.22
CA VAL B 53 -16.46 -25.43 -3.91
C VAL B 53 -17.93 -25.61 -4.27
N GLU B 54 -18.73 -24.59 -4.01
CA GLU B 54 -20.17 -24.65 -4.24
C GLU B 54 -20.64 -23.60 -5.25
N LEU B 55 -19.84 -22.56 -5.44
CA LEU B 55 -20.17 -21.49 -6.38
C LEU B 55 -19.01 -21.18 -7.32
N ILE B 56 -19.18 -21.46 -8.59
CA ILE B 56 -18.15 -21.16 -9.59
C ILE B 56 -18.63 -20.08 -10.55
N ILE B 57 -17.92 -18.96 -10.58
CA ILE B 57 -18.35 -17.79 -11.32
C ILE B 57 -17.48 -17.52 -12.55
N PHE B 58 -18.14 -17.32 -13.69
CA PHE B 58 -17.46 -16.92 -14.92
C PHE B 58 -17.83 -15.49 -15.29
N PRO B 59 -16.93 -14.77 -15.96
CA PRO B 59 -17.17 -13.36 -16.27
C PRO B 59 -18.08 -13.10 -17.47
N GLU B 60 -18.40 -11.83 -17.68
CA GLU B 60 -19.21 -11.38 -18.81
C GLU B 60 -18.46 -11.59 -20.12
N TYR B 61 -19.18 -12.04 -21.14
CA TYR B 61 -18.62 -12.28 -22.48
C TYR B 61 -17.75 -13.54 -22.61
N SER B 62 -17.74 -14.37 -21.57
CA SER B 62 -16.93 -15.59 -21.57
C SER B 62 -17.47 -16.65 -22.55
N THR B 63 -18.74 -16.51 -22.91
CA THR B 63 -19.37 -17.45 -23.84
C THR B 63 -19.24 -17.01 -25.30
N GLN B 64 -19.31 -15.71 -25.53
CA GLN B 64 -19.47 -15.19 -26.90
C GLN B 64 -18.39 -14.20 -27.36
N GLY B 65 -17.54 -13.75 -26.44
CA GLY B 65 -16.48 -12.79 -26.77
C GLY B 65 -16.98 -11.38 -27.04
N LEU B 66 -16.12 -10.54 -27.59
CA LEU B 66 -16.47 -9.15 -27.89
C LEU B 66 -16.14 -8.76 -29.33
N ASN B 67 -16.63 -9.54 -30.28
CA ASN B 67 -16.48 -9.18 -31.69
C ASN B 67 -17.50 -8.12 -32.05
N THR B 68 -17.11 -6.86 -31.90
CA THR B 68 -18.01 -5.72 -32.04
C THR B 68 -18.67 -5.62 -33.42
N ALA B 69 -17.99 -6.15 -34.44
CA ALA B 69 -18.50 -6.13 -35.80
C ALA B 69 -19.55 -7.22 -36.01
N LYS B 70 -19.51 -8.24 -35.16
CA LYS B 70 -20.36 -9.42 -35.35
C LYS B 70 -21.36 -9.67 -34.24
N TRP B 71 -21.16 -9.05 -33.07
CA TRP B 71 -21.90 -9.46 -31.86
C TRP B 71 -23.40 -9.18 -31.85
N LEU B 72 -23.88 -8.39 -32.81
CA LEU B 72 -25.31 -8.12 -32.93
C LEU B 72 -25.99 -9.09 -33.90
N SER B 73 -25.19 -9.86 -34.63
CA SER B 73 -25.71 -10.80 -35.62
C SER B 73 -26.37 -12.00 -34.94
N GLU B 74 -27.33 -12.61 -35.64
CA GLU B 74 -28.07 -13.76 -35.13
C GLU B 74 -27.15 -14.94 -34.82
N GLU B 75 -26.12 -15.12 -35.63
CA GLU B 75 -25.14 -16.19 -35.46
C GLU B 75 -24.46 -16.13 -34.10
N PHE B 76 -24.30 -14.92 -33.59
CA PHE B 76 -23.60 -14.67 -32.32
C PHE B 76 -24.53 -14.60 -31.12
N LEU B 77 -25.82 -14.85 -31.35
CA LEU B 77 -26.82 -14.73 -30.28
C LEU B 77 -27.42 -16.08 -29.88
N LEU B 78 -27.73 -16.21 -28.60
CA LEU B 78 -28.33 -17.43 -28.06
C LEU B 78 -29.61 -17.11 -27.32
N ASP B 79 -30.47 -18.12 -27.16
CA ASP B 79 -31.68 -17.99 -26.35
C ASP B 79 -31.37 -18.36 -24.90
N VAL B 80 -32.06 -17.73 -23.97
CA VAL B 80 -31.95 -18.08 -22.55
C VAL B 80 -33.34 -18.41 -21.99
N PRO B 81 -33.60 -19.69 -21.70
CA PRO B 81 -32.66 -20.80 -21.86
C PRO B 81 -32.62 -21.34 -23.30
N GLY B 82 -31.63 -22.19 -23.58
CA GLY B 82 -31.49 -22.81 -24.89
C GLY B 82 -30.62 -24.04 -24.81
N LYS B 83 -30.12 -24.49 -25.95
CA LYS B 83 -29.25 -25.67 -26.01
C LYS B 83 -27.99 -25.44 -25.19
N GLU B 84 -27.45 -24.23 -25.28
CA GLU B 84 -26.19 -23.86 -24.67
C GLU B 84 -26.26 -23.79 -23.14
N THR B 85 -27.31 -23.18 -22.61
CA THR B 85 -27.48 -23.08 -21.16
C THR B 85 -27.81 -24.43 -20.53
N GLU B 86 -28.39 -25.34 -21.33
CA GLU B 86 -28.68 -26.69 -20.85
C GLU B 86 -27.39 -27.50 -20.73
N LEU B 87 -26.42 -27.16 -21.56
CA LEU B 87 -25.09 -27.76 -21.47
C LEU B 87 -24.37 -27.26 -20.22
N TYR B 88 -24.61 -26.01 -19.85
CA TYR B 88 -24.11 -25.46 -18.60
C TYR B 88 -24.81 -26.12 -17.41
N ALA B 89 -26.11 -26.34 -17.56
CA ALA B 89 -26.93 -26.95 -16.52
C ALA B 89 -26.50 -28.39 -16.25
N LYS B 90 -26.24 -29.14 -17.32
CA LYS B 90 -25.76 -30.51 -17.20
C LYS B 90 -24.44 -30.56 -16.43
N ALA B 91 -23.47 -29.74 -16.86
CA ALA B 91 -22.19 -29.63 -16.19
C ALA B 91 -22.33 -29.32 -14.70
N CYS B 92 -23.21 -28.38 -14.37
CA CYS B 92 -23.48 -27.99 -12.98
C CYS B 92 -24.08 -29.13 -12.17
N LYS B 93 -24.99 -29.89 -12.77
CA LYS B 93 -25.63 -31.02 -12.10
C LYS B 93 -24.62 -32.15 -11.91
N GLU B 94 -23.81 -32.38 -12.93
CA GLU B 94 -22.77 -33.40 -12.89
C GLU B 94 -21.68 -33.07 -11.88
N ALA B 95 -21.32 -31.79 -11.79
CA ALA B 95 -20.26 -31.35 -10.87
C ALA B 95 -20.80 -31.03 -9.49
N LYS B 96 -22.12 -30.82 -9.40
CA LYS B 96 -22.81 -30.56 -8.14
C LYS B 96 -22.45 -29.19 -7.56
N VAL B 97 -22.54 -28.16 -8.41
CA VAL B 97 -22.21 -26.80 -8.01
C VAL B 97 -23.21 -25.77 -8.52
N TYR B 98 -23.25 -24.60 -7.89
CA TYR B 98 -23.93 -23.45 -8.44
C TYR B 98 -23.00 -22.82 -9.47
N GLY B 99 -23.56 -22.39 -10.60
CA GLY B 99 -22.76 -21.80 -11.67
C GLY B 99 -23.32 -20.49 -12.17
N VAL B 100 -22.43 -19.54 -12.45
CA VAL B 100 -22.82 -18.23 -12.96
C VAL B 100 -22.29 -18.05 -14.38
N PHE B 101 -23.20 -17.88 -15.34
CA PHE B 101 -22.81 -17.84 -16.75
C PHE B 101 -23.28 -16.57 -17.44
N SER B 102 -22.68 -16.27 -18.58
CA SER B 102 -22.98 -15.08 -19.35
C SER B 102 -23.43 -15.44 -20.75
N ILE B 103 -24.54 -14.83 -21.19
CA ILE B 103 -25.08 -15.07 -22.52
C ILE B 103 -25.61 -13.77 -23.11
N MET B 104 -25.17 -13.44 -24.32
CA MET B 104 -25.79 -12.35 -25.07
C MET B 104 -27.09 -12.90 -25.66
N GLU B 105 -28.22 -12.41 -25.13
CA GLU B 105 -29.51 -13.06 -25.36
C GLU B 105 -30.32 -12.44 -26.50
N ARG B 106 -30.70 -13.29 -27.46
CA ARG B 106 -31.62 -12.89 -28.52
C ARG B 106 -32.92 -12.38 -27.92
N ASN B 107 -33.32 -11.18 -28.31
CA ASN B 107 -34.53 -10.54 -27.80
C ASN B 107 -35.77 -11.19 -28.39
N PRO B 108 -36.64 -11.76 -27.52
CA PRO B 108 -37.89 -12.38 -27.95
C PRO B 108 -38.75 -11.41 -28.75
N ASP B 109 -38.43 -10.12 -28.67
CA ASP B 109 -39.03 -9.10 -29.52
C ASP B 109 -38.06 -8.82 -30.66
N SER B 110 -38.32 -9.39 -31.82
CA SER B 110 -37.41 -9.32 -32.97
C SER B 110 -37.19 -7.91 -33.49
N ASN B 111 -37.95 -6.94 -32.98
CA ASN B 111 -37.77 -5.53 -33.34
C ASN B 111 -36.93 -4.76 -32.34
N LYS B 112 -36.34 -5.48 -31.38
CA LYS B 112 -35.46 -4.87 -30.39
C LYS B 112 -34.13 -5.61 -30.30
N ASN B 113 -33.09 -4.88 -29.92
CA ASN B 113 -31.74 -5.44 -29.79
C ASN B 113 -31.61 -6.49 -28.69
N PRO B 114 -30.60 -7.37 -28.81
CA PRO B 114 -30.32 -8.41 -27.83
C PRO B 114 -29.99 -7.88 -26.44
N TYR B 115 -30.31 -8.67 -25.42
CA TYR B 115 -29.97 -8.34 -24.04
C TYR B 115 -28.59 -8.87 -23.69
N ASN B 116 -27.98 -8.28 -22.66
CA ASN B 116 -26.79 -8.84 -22.02
C ASN B 116 -27.26 -9.56 -20.76
N THR B 117 -27.20 -10.89 -20.77
CA THR B 117 -27.85 -11.70 -19.74
C THR B 117 -26.88 -12.53 -18.90
N ALA B 118 -27.17 -12.61 -17.60
CA ALA B 118 -26.46 -13.49 -16.70
C ALA B 118 -27.45 -14.48 -16.09
N ILE B 119 -27.00 -15.72 -15.89
CA ILE B 119 -27.83 -16.73 -15.25
C ILE B 119 -27.11 -17.48 -14.13
N ILE B 120 -27.87 -17.86 -13.11
CA ILE B 120 -27.35 -18.72 -12.04
C ILE B 120 -28.03 -20.08 -12.13
N ILE B 121 -27.22 -21.12 -12.20
CA ILE B 121 -27.72 -22.50 -12.28
C ILE B 121 -27.35 -23.25 -11.00
N ASP B 122 -28.31 -23.98 -10.43
CA ASP B 122 -28.11 -24.67 -9.16
C ASP B 122 -27.52 -26.07 -9.35
N PRO B 123 -27.13 -26.74 -8.25
CA PRO B 123 -26.48 -28.06 -8.32
C PRO B 123 -27.35 -29.17 -8.91
N GLN B 124 -28.63 -28.89 -9.10
CA GLN B 124 -29.53 -29.86 -9.73
C GLN B 124 -29.73 -29.54 -11.20
N GLY B 125 -28.94 -28.62 -11.72
CA GLY B 125 -28.98 -28.25 -13.12
C GLY B 125 -30.22 -27.47 -13.51
N GLU B 126 -30.63 -26.55 -12.64
CA GLU B 126 -31.80 -25.72 -12.89
C GLU B 126 -31.46 -24.25 -12.79
N ILE B 127 -32.02 -23.46 -13.70
CA ILE B 127 -31.86 -22.01 -13.65
C ILE B 127 -32.72 -21.46 -12.51
N ILE B 128 -32.08 -20.76 -11.58
CA ILE B 128 -32.77 -20.20 -10.42
C ILE B 128 -32.75 -18.68 -10.43
N LEU B 129 -31.98 -18.11 -11.35
CA LEU B 129 -31.92 -16.66 -11.51
C LEU B 129 -31.57 -16.30 -12.95
N LYS B 130 -32.26 -15.30 -13.48
CA LYS B 130 -31.97 -14.79 -14.82
C LYS B 130 -32.00 -13.26 -14.79
N TYR B 131 -30.86 -12.65 -15.09
CA TYR B 131 -30.73 -11.20 -15.00
C TYR B 131 -30.31 -10.57 -16.34
N ARG B 132 -31.04 -9.54 -16.75
CA ARG B 132 -30.70 -8.79 -17.94
C ARG B 132 -30.07 -7.44 -17.58
N LYS B 133 -28.85 -7.21 -18.07
CA LYS B 133 -28.07 -6.00 -17.77
C LYS B 133 -28.92 -4.73 -17.80
N LEU B 134 -29.04 -4.08 -16.66
CA LEU B 134 -29.85 -2.86 -16.55
C LEU B 134 -29.14 -1.66 -17.15
N PHE B 135 -27.84 -1.59 -16.97
CA PHE B 135 -27.05 -0.46 -17.48
C PHE B 135 -25.95 -0.92 -18.43
N PRO B 136 -26.27 -1.02 -19.73
CA PRO B 136 -25.27 -1.33 -20.74
C PRO B 136 -24.16 -0.29 -20.74
N TRP B 137 -22.95 -0.70 -21.09
CA TRP B 137 -21.80 0.18 -21.04
C TRP B 137 -21.78 1.08 -22.27
N ASN B 138 -22.69 2.06 -22.30
CA ASN B 138 -22.77 3.03 -23.38
C ASN B 138 -21.53 3.91 -23.43
N PRO B 139 -21.13 4.35 -24.62
CA PRO B 139 -21.77 4.13 -25.93
C PRO B 139 -21.30 2.89 -26.70
N ILE B 140 -20.38 2.11 -26.13
CA ILE B 140 -19.80 0.97 -26.86
C ILE B 140 -20.75 -0.23 -26.96
N GLU B 141 -21.60 -0.39 -25.96
CA GLU B 141 -22.52 -1.53 -25.92
C GLU B 141 -23.90 -1.20 -26.48
N PRO B 142 -24.33 -1.95 -27.50
CA PRO B 142 -25.61 -1.74 -28.17
C PRO B 142 -26.74 -2.58 -27.58
N TRP B 143 -26.52 -3.18 -26.41
CA TRP B 143 -27.51 -4.04 -25.80
C TRP B 143 -28.72 -3.25 -25.31
N TYR B 144 -29.89 -3.88 -25.36
CA TYR B 144 -31.12 -3.25 -24.90
C TYR B 144 -31.16 -3.30 -23.37
N PRO B 145 -31.57 -2.18 -22.74
CA PRO B 145 -31.68 -2.14 -21.28
C PRO B 145 -32.60 -3.24 -20.75
N GLY B 146 -32.10 -4.00 -19.78
CA GLY B 146 -32.83 -5.15 -19.24
C GLY B 146 -34.20 -4.82 -18.67
N ASP B 147 -35.15 -5.74 -18.84
CA ASP B 147 -36.53 -5.50 -18.41
C ASP B 147 -36.95 -6.36 -17.21
N LEU B 148 -36.01 -7.12 -16.66
CA LEU B 148 -36.34 -8.06 -15.58
C LEU B 148 -36.04 -7.52 -14.18
N GLY B 149 -35.61 -6.27 -14.10
CA GLY B 149 -35.21 -5.69 -12.82
C GLY B 149 -33.97 -6.37 -12.26
N MET B 150 -33.83 -6.35 -10.94
CA MET B 150 -32.72 -7.00 -10.26
C MET B 150 -33.25 -8.13 -9.37
N PRO B 151 -33.09 -9.38 -9.82
CA PRO B 151 -33.60 -10.53 -9.08
C PRO B 151 -32.62 -11.07 -8.04
N VAL B 152 -33.17 -11.79 -7.05
CA VAL B 152 -32.37 -12.39 -5.99
C VAL B 152 -32.82 -13.85 -5.80
N CYS B 153 -31.88 -14.73 -5.47
CA CYS B 153 -32.18 -16.15 -5.33
C CYS B 153 -31.44 -16.78 -4.16
N GLU B 154 -31.93 -17.94 -3.71
CA GLU B 154 -31.26 -18.70 -2.67
C GLU B 154 -30.00 -19.37 -3.23
N GLY B 155 -28.94 -19.35 -2.45
CA GLY B 155 -27.69 -20.00 -2.85
C GLY B 155 -27.15 -20.90 -1.77
N PRO B 156 -25.87 -21.30 -1.88
CA PRO B 156 -25.24 -22.20 -0.93
C PRO B 156 -24.92 -21.50 0.40
N GLY B 157 -24.86 -22.28 1.47
CA GLY B 157 -24.41 -21.80 2.77
C GLY B 157 -25.18 -20.62 3.35
N GLY B 158 -26.48 -20.59 3.12
CA GLY B 158 -27.34 -19.54 3.64
C GLY B 158 -27.21 -18.21 2.92
N SER B 159 -26.74 -18.24 1.68
CA SER B 159 -26.57 -17.03 0.90
C SER B 159 -27.83 -16.64 0.13
N LYS B 160 -28.00 -15.34 -0.06
CA LYS B 160 -29.00 -14.82 -0.97
C LYS B 160 -28.25 -14.15 -2.13
N LEU B 161 -28.18 -14.85 -3.24
CA LEU B 161 -27.37 -14.41 -4.37
C LEU B 161 -28.08 -13.40 -5.27
N ALA B 162 -27.30 -12.42 -5.75
CA ALA B 162 -27.72 -11.54 -6.84
C ALA B 162 -26.50 -11.28 -7.71
N VAL B 163 -26.74 -10.95 -8.97
CA VAL B 163 -25.64 -10.74 -9.91
C VAL B 163 -25.87 -9.51 -10.79
N CYS B 164 -24.83 -8.71 -10.94
CA CYS B 164 -24.84 -7.58 -11.86
C CYS B 164 -23.73 -7.75 -12.89
N ILE B 165 -23.73 -6.89 -13.90
CA ILE B 165 -22.85 -7.07 -15.04
C ILE B 165 -21.95 -5.86 -15.32
N SER B 166 -20.65 -6.04 -15.11
CA SER B 166 -19.63 -5.00 -15.32
C SER B 166 -20.07 -3.59 -14.94
N HIS B 167 -20.47 -2.81 -15.94
CA HIS B 167 -20.87 -1.42 -15.77
C HIS B 167 -21.95 -1.21 -14.70
N ASP B 168 -22.83 -2.20 -14.55
CA ASP B 168 -23.88 -2.18 -13.52
C ASP B 168 -23.33 -1.85 -12.14
N GLY B 169 -22.12 -2.34 -11.85
CA GLY B 169 -21.52 -2.18 -10.54
C GLY B 169 -20.97 -0.80 -10.24
N MET B 170 -21.04 0.09 -11.24
CA MET B 170 -20.62 1.47 -11.04
C MET B 170 -21.80 2.31 -10.54
N ILE B 171 -22.96 1.66 -10.46
CA ILE B 171 -24.19 2.33 -10.06
C ILE B 171 -24.59 1.89 -8.65
N PRO B 172 -24.29 2.74 -7.64
CA PRO B 172 -24.55 2.43 -6.23
C PRO B 172 -26.01 2.12 -5.95
N GLU B 173 -26.93 2.81 -6.63
CA GLU B 173 -28.35 2.58 -6.48
C GLU B 173 -28.78 1.15 -6.83
N LEU B 174 -28.02 0.52 -7.72
CA LEU B 174 -28.32 -0.86 -8.12
C LEU B 174 -27.89 -1.85 -7.04
N ALA B 175 -26.75 -1.58 -6.43
CA ALA B 175 -26.26 -2.39 -5.31
C ALA B 175 -27.19 -2.23 -4.11
N ARG B 176 -27.77 -1.05 -3.97
CA ARG B 176 -28.77 -0.79 -2.95
C ARG B 176 -30.01 -1.65 -3.20
N GLU B 177 -30.43 -1.71 -4.46
CA GLU B 177 -31.62 -2.46 -4.87
C GLU B 177 -31.50 -3.96 -4.60
N ALA B 178 -30.36 -4.54 -4.98
CA ALA B 178 -30.11 -5.96 -4.72
C ALA B 178 -30.21 -6.27 -3.22
N ALA B 179 -29.54 -5.45 -2.42
CA ALA B 179 -29.58 -5.58 -0.97
C ALA B 179 -31.00 -5.35 -0.42
N TYR B 180 -31.69 -4.35 -0.97
CA TYR B 180 -33.07 -4.05 -0.60
C TYR B 180 -33.98 -5.27 -0.80
N LYS B 181 -33.57 -6.18 -1.67
CA LYS B 181 -34.31 -7.40 -1.95
C LYS B 181 -33.76 -8.62 -1.19
N GLY B 182 -32.76 -8.41 -0.35
CA GLY B 182 -32.28 -9.47 0.54
C GLY B 182 -30.93 -10.06 0.20
N CYS B 183 -30.27 -9.51 -0.82
CA CYS B 183 -28.98 -10.01 -1.27
C CYS B 183 -27.88 -9.80 -0.22
N ASN B 184 -27.14 -10.87 0.07
CA ASN B 184 -26.00 -10.76 1.00
C ASN B 184 -24.68 -11.23 0.37
N VAL B 185 -24.77 -11.74 -0.86
CA VAL B 185 -23.58 -11.99 -1.68
C VAL B 185 -23.81 -11.42 -3.07
N TYR B 186 -23.20 -10.27 -3.33
CA TYR B 186 -23.40 -9.53 -4.56
C TYR B 186 -22.36 -9.93 -5.61
N ILE B 187 -22.82 -10.48 -6.73
CA ILE B 187 -21.92 -10.99 -7.75
C ILE B 187 -21.80 -10.04 -8.93
N ARG B 188 -20.57 -9.76 -9.32
CA ARG B 188 -20.31 -8.88 -10.45
C ARG B 188 -19.47 -9.62 -11.48
N ILE B 189 -20.11 -10.04 -12.56
CA ILE B 189 -19.40 -10.67 -13.67
C ILE B 189 -19.12 -9.59 -14.72
N SER B 190 -17.86 -9.50 -15.15
CA SER B 190 -17.41 -8.30 -15.84
C SER B 190 -16.53 -8.52 -17.07
N GLY B 191 -16.66 -7.61 -18.04
CA GLY B 191 -15.85 -7.63 -19.25
C GLY B 191 -15.26 -6.27 -19.59
N TYR B 192 -14.67 -5.61 -18.59
CA TYR B 192 -13.93 -4.36 -18.78
C TYR B 192 -12.55 -4.69 -19.41
N SER B 193 -11.46 -3.94 -19.13
CA SER B 193 -11.36 -2.80 -18.23
C SER B 193 -10.22 -1.88 -18.66
N THR B 194 -9.03 -2.13 -18.09
CA THR B 194 -7.82 -1.29 -18.22
C THR B 194 -8.03 0.23 -18.46
N GLN B 195 -9.17 0.75 -18.04
CA GLN B 195 -9.37 2.19 -17.99
C GLN B 195 -10.26 2.53 -16.80
N VAL B 196 -10.93 1.51 -16.27
CA VAL B 196 -11.79 1.66 -15.11
C VAL B 196 -11.25 0.79 -13.98
N ASN B 197 -9.99 0.39 -14.15
CA ASN B 197 -9.37 -0.59 -13.27
C ASN B 197 -9.37 -0.27 -11.77
N ASP B 198 -8.86 0.91 -11.41
CA ASP B 198 -8.77 1.30 -10.01
C ASP B 198 -10.16 1.50 -9.42
N GLN B 199 -11.09 1.93 -10.28
CA GLN B 199 -12.45 2.21 -9.86
C GLN B 199 -13.29 0.94 -9.76
N TRP B 200 -12.84 -0.11 -10.44
CA TRP B 200 -13.48 -1.41 -10.35
C TRP B 200 -13.26 -2.00 -8.97
N ILE B 201 -12.05 -1.84 -8.45
CA ILE B 201 -11.70 -2.26 -7.09
C ILE B 201 -12.41 -1.39 -6.05
N LEU B 202 -12.46 -0.08 -6.32
CA LEU B 202 -13.15 0.86 -5.44
C LEU B 202 -14.63 0.54 -5.29
N THR B 203 -15.32 0.33 -6.41
CA THR B 203 -16.76 0.10 -6.39
C THR B 203 -17.15 -1.25 -5.77
N ASN B 204 -16.34 -2.29 -6.03
CA ASN B 204 -16.54 -3.59 -5.38
C ASN B 204 -16.51 -3.47 -3.85
N ARG B 205 -15.63 -2.61 -3.34
CA ARG B 205 -15.53 -2.37 -1.91
C ARG B 205 -16.68 -1.51 -1.38
N SER B 206 -17.01 -0.44 -2.10
CA SER B 206 -18.08 0.47 -1.69
C SER B 206 -19.46 -0.20 -1.75
N ASN B 207 -19.68 -1.01 -2.78
CA ASN B 207 -20.93 -1.75 -2.92
C ASN B 207 -21.17 -2.70 -1.75
N ALA B 208 -20.09 -3.22 -1.19
CA ALA B 208 -20.16 -4.05 0.00
C ALA B 208 -20.53 -3.22 1.22
N TRP B 209 -19.69 -2.24 1.54
CA TRP B 209 -19.86 -1.39 2.72
C TRP B 209 -21.20 -0.66 2.79
N HIS B 210 -21.62 -0.07 1.67
CA HIS B 210 -22.88 0.69 1.62
C HIS B 210 -24.07 -0.14 2.10
N ASN B 211 -24.02 -1.44 1.84
CA ASN B 211 -25.19 -2.30 1.98
C ASN B 211 -25.00 -3.48 2.94
N LEU B 212 -23.84 -3.55 3.59
CA LEU B 212 -23.51 -4.65 4.49
C LEU B 212 -23.73 -6.02 3.86
N MET B 213 -23.07 -6.25 2.73
CA MET B 213 -23.11 -7.54 2.06
C MET B 213 -21.74 -7.86 1.48
N TYR B 214 -21.49 -9.14 1.24
CA TYR B 214 -20.29 -9.55 0.54
C TYR B 214 -20.38 -9.16 -0.93
N THR B 215 -19.25 -8.84 -1.54
CA THR B 215 -19.19 -8.70 -2.99
C THR B 215 -18.13 -9.64 -3.54
N VAL B 216 -18.54 -10.44 -4.53
CA VAL B 216 -17.64 -11.35 -5.21
C VAL B 216 -17.63 -10.98 -6.68
N SER B 217 -16.50 -10.46 -7.17
CA SER B 217 -16.44 -9.89 -8.51
C SER B 217 -15.28 -10.43 -9.33
N VAL B 218 -15.50 -10.60 -10.63
CA VAL B 218 -14.46 -11.06 -11.53
C VAL B 218 -14.60 -10.50 -12.94
N ASN B 219 -13.47 -10.11 -13.53
CA ASN B 219 -13.44 -9.61 -14.90
C ASN B 219 -12.74 -10.59 -15.83
N LEU B 220 -13.05 -10.50 -17.12
CA LEU B 220 -12.48 -11.36 -18.15
C LEU B 220 -10.98 -11.08 -18.35
N ALA B 221 -10.38 -11.64 -19.40
CA ALA B 221 -8.93 -11.49 -19.59
C ALA B 221 -8.43 -10.98 -20.95
N GLY B 222 -8.71 -11.71 -22.04
CA GLY B 222 -8.10 -11.37 -23.34
C GLY B 222 -8.95 -10.89 -24.49
N TYR B 223 -9.15 -9.58 -24.59
CA TYR B 223 -10.26 -9.04 -25.40
C TYR B 223 -9.99 -8.60 -26.86
N ASP B 224 -8.77 -8.78 -27.35
CA ASP B 224 -8.49 -8.49 -28.75
C ASP B 224 -8.51 -9.80 -29.55
N ASN B 225 -7.57 -9.95 -30.47
CA ASN B 225 -7.27 -11.26 -31.05
C ASN B 225 -6.54 -12.06 -29.98
N VAL B 226 -5.80 -11.33 -29.13
CA VAL B 226 -5.18 -11.88 -27.92
C VAL B 226 -5.43 -10.96 -26.71
N PHE B 227 -4.37 -10.29 -26.25
CA PHE B 227 -4.40 -9.49 -25.01
C PHE B 227 -5.18 -10.18 -23.90
N TYR B 228 -4.67 -11.34 -23.46
CA TYR B 228 -5.36 -12.21 -22.52
C TYR B 228 -5.26 -11.77 -21.05
N TYR B 229 -5.41 -10.48 -20.74
CA TYR B 229 -5.13 -10.00 -19.38
C TYR B 229 -5.94 -8.78 -18.88
N PHE B 230 -6.90 -9.04 -17.97
CA PHE B 230 -7.60 -7.97 -17.23
C PHE B 230 -7.91 -8.43 -15.79
N GLY B 231 -8.80 -9.41 -15.66
CA GLY B 231 -9.01 -10.16 -14.43
C GLY B 231 -9.39 -9.42 -13.16
N GLU B 232 -8.48 -9.44 -12.18
CA GLU B 232 -8.66 -8.76 -10.89
C GLU B 232 -9.82 -9.29 -10.04
N GLY B 233 -10.00 -10.60 -10.01
CA GLY B 233 -11.01 -11.21 -9.16
C GLY B 233 -10.93 -10.67 -7.74
N GLN B 234 -12.09 -10.38 -7.15
CA GLN B 234 -12.12 -9.69 -5.87
C GLN B 234 -13.20 -10.22 -4.94
N ILE B 235 -12.82 -10.46 -3.69
CA ILE B 235 -13.76 -10.84 -2.64
C ILE B 235 -13.68 -9.81 -1.51
N CYS B 236 -14.80 -9.16 -1.23
CA CYS B 236 -14.86 -8.15 -0.17
C CYS B 236 -15.78 -8.58 0.97
N ASN B 237 -15.35 -8.29 2.19
CA ASN B 237 -16.18 -8.49 3.37
C ASN B 237 -17.31 -7.46 3.39
N PHE B 238 -18.35 -7.71 4.19
CA PHE B 238 -19.50 -6.81 4.25
C PHE B 238 -19.17 -5.41 4.78
N ASP B 239 -18.02 -5.26 5.40
CA ASP B 239 -17.57 -3.95 5.89
C ASP B 239 -16.63 -3.26 4.91
N GLY B 240 -16.52 -3.80 3.70
CA GLY B 240 -15.72 -3.19 2.64
C GLY B 240 -14.28 -3.66 2.57
N THR B 241 -13.88 -4.50 3.52
CA THR B 241 -12.51 -5.02 3.57
C THR B 241 -12.28 -6.05 2.47
N THR B 242 -11.25 -5.84 1.66
CA THR B 242 -10.88 -6.79 0.60
C THR B 242 -10.20 -8.01 1.20
N LEU B 243 -10.77 -9.18 0.96
CA LEU B 243 -10.26 -10.43 1.50
C LEU B 243 -9.32 -11.14 0.53
N VAL B 244 -9.71 -11.17 -0.74
CA VAL B 244 -8.95 -11.88 -1.77
C VAL B 244 -8.85 -11.01 -3.03
N GLN B 245 -7.64 -10.91 -3.58
CA GLN B 245 -7.42 -10.10 -4.76
C GLN B 245 -6.58 -10.80 -5.82
N GLY B 246 -7.09 -10.85 -7.04
CA GLY B 246 -6.36 -11.38 -8.18
C GLY B 246 -5.61 -10.30 -8.92
N HIS B 247 -4.56 -10.71 -9.64
CA HIS B 247 -3.84 -9.87 -10.58
C HIS B 247 -4.27 -10.36 -11.95
N ARG B 248 -3.31 -10.99 -12.64
CA ARG B 248 -3.59 -12.00 -13.68
C ARG B 248 -2.41 -12.96 -13.89
N PRO B 250 -5.26 -14.03 -16.62
CA PRO B 250 -5.94 -15.08 -17.38
C PRO B 250 -5.87 -16.41 -16.66
N TRP B 251 -7.02 -17.07 -16.53
CA TRP B 251 -7.12 -18.35 -15.82
C TRP B 251 -6.80 -18.25 -14.33
N GLU B 252 -6.51 -17.03 -13.85
CA GLU B 252 -6.34 -16.81 -12.43
C GLU B 252 -7.65 -17.10 -11.71
N ILE B 253 -7.58 -17.94 -10.68
CA ILE B 253 -8.77 -18.30 -9.91
C ILE B 253 -8.73 -17.61 -8.56
N VAL B 254 -9.83 -17.00 -8.17
CA VAL B 254 -9.92 -16.31 -6.88
C VAL B 254 -10.88 -17.08 -5.97
N THR B 255 -10.34 -17.67 -4.92
CA THR B 255 -11.13 -18.47 -3.99
C THR B 255 -11.11 -17.91 -2.57
N GLY B 256 -12.23 -18.03 -1.88
CA GLY B 256 -12.33 -17.60 -0.49
C GLY B 256 -13.60 -18.13 0.15
N GLU B 257 -13.59 -18.27 1.47
CA GLU B 257 -14.77 -18.71 2.20
C GLU B 257 -15.65 -17.52 2.57
N ILE B 258 -16.93 -17.61 2.22
CA ILE B 258 -17.90 -16.56 2.47
C ILE B 258 -18.82 -17.00 3.60
N TYR B 259 -19.05 -16.11 4.56
CA TYR B 259 -19.94 -16.41 5.69
C TYR B 259 -21.10 -15.42 5.74
N PRO B 260 -22.15 -15.66 4.94
CA PRO B 260 -23.27 -14.74 4.73
C PRO B 260 -24.10 -14.48 5.99
N LYS B 261 -24.05 -15.39 6.94
CA LYS B 261 -24.77 -15.25 8.21
C LYS B 261 -24.28 -14.05 9.00
N MET B 262 -22.98 -13.78 8.93
CA MET B 262 -22.38 -12.64 9.63
C MET B 262 -22.82 -11.32 9.02
N ALA B 263 -23.07 -11.31 7.71
CA ALA B 263 -23.58 -10.12 7.05
C ALA B 263 -25.03 -9.86 7.43
N ASP B 264 -25.81 -10.94 7.52
CA ASP B 264 -27.21 -10.86 7.93
C ASP B 264 -27.33 -10.40 9.39
N ASN B 265 -26.48 -10.95 10.25
CA ASN B 265 -26.46 -10.58 11.67
C ASN B 265 -26.12 -9.11 11.88
N ALA B 266 -25.16 -8.62 11.11
CA ALA B 266 -24.74 -7.21 11.19
C ALA B 266 -25.89 -6.28 10.83
N ARG B 267 -26.66 -6.65 9.80
CA ARG B 267 -27.83 -5.89 9.39
C ARG B 267 -28.88 -5.84 10.51
N LEU B 268 -28.96 -6.91 11.29
CA LEU B 268 -29.91 -6.98 12.39
C LEU B 268 -29.41 -6.25 13.65
N SER B 269 -28.12 -6.35 13.94
CA SER B 269 -27.58 -5.92 15.23
C SER B 269 -26.90 -4.56 15.23
N TRP B 270 -26.36 -4.15 14.09
CA TRP B 270 -25.65 -2.86 14.00
C TRP B 270 -26.60 -1.70 14.19
N GLY B 271 -26.08 -0.61 14.77
CA GLY B 271 -26.85 0.61 14.93
C GLY B 271 -26.18 1.79 14.26
N LEU B 272 -25.02 2.17 14.78
CA LEU B 272 -24.30 3.34 14.28
C LEU B 272 -24.06 3.35 12.78
N GLU B 273 -23.57 2.25 12.23
CA GLU B 273 -23.23 2.20 10.80
C GLU B 273 -24.21 1.38 9.97
N ASN B 274 -25.43 1.21 10.48
CA ASN B 274 -26.46 0.49 9.73
C ASN B 274 -27.07 1.41 8.68
N ASN B 275 -26.27 1.76 7.69
CA ASN B 275 -26.60 2.80 6.72
C ASN B 275 -27.81 2.45 5.84
N ILE B 276 -27.95 1.19 5.48
CA ILE B 276 -29.05 0.73 4.65
C ILE B 276 -30.41 0.93 5.33
N TYR B 277 -30.41 0.93 6.65
CA TYR B 277 -31.61 1.22 7.42
C TYR B 277 -31.78 2.73 7.58
N ASN B 278 -30.69 3.41 7.91
CA ASN B 278 -30.70 4.86 8.12
C ASN B 278 -31.30 5.64 6.94
N LEU B 279 -31.10 5.13 5.73
CA LEU B 279 -31.57 5.77 4.51
C LEU B 279 -33.09 5.96 4.49
N GLY B 280 -33.81 4.98 5.03
CA GLY B 280 -35.27 5.03 5.05
C GLY B 280 -35.86 5.48 6.37
N HIS B 281 -35.01 5.61 7.39
CA HIS B 281 -35.46 6.01 8.72
C HIS B 281 -34.54 7.05 9.35
N ARG B 282 -34.35 8.15 8.64
CA ARG B 282 -33.49 9.26 9.06
C ARG B 282 -33.53 9.52 10.56
N GLY B 289 -39.56 6.77 14.40
CA GLY B 289 -39.18 5.90 13.28
C GLY B 289 -38.48 6.64 12.15
N GLY B 290 -38.03 7.86 12.43
CA GLY B 290 -37.31 8.66 11.44
C GLY B 290 -38.19 9.31 10.38
N GLU B 291 -37.61 10.24 9.64
CA GLU B 291 -38.30 10.87 8.53
C GLU B 291 -38.18 9.95 7.31
N HIS B 292 -39.32 9.46 6.82
CA HIS B 292 -39.33 8.51 5.71
C HIS B 292 -38.98 9.18 4.39
N ASP B 293 -39.34 10.46 4.26
CA ASP B 293 -38.96 11.25 3.11
C ASP B 293 -37.51 11.71 3.25
N ALA B 294 -36.66 11.27 2.33
CA ALA B 294 -35.23 11.57 2.40
C ALA B 294 -34.89 12.92 1.78
N GLY B 295 -35.88 13.54 1.14
CA GLY B 295 -35.68 14.81 0.43
C GLY B 295 -34.64 14.75 -0.67
N LEU B 296 -34.98 14.29 -1.88
CA LEU B 296 -36.36 13.90 -2.30
C LEU B 296 -37.41 15.02 -2.18
N THR B 297 -36.99 16.26 -2.40
CA THR B 297 -37.89 17.41 -2.30
C THR B 297 -38.27 17.92 -3.68
N ILE B 299 -40.54 15.45 -4.21
CA ILE B 299 -41.07 14.44 -5.13
C ILE B 299 -40.05 13.34 -5.46
N LYS B 300 -40.02 12.93 -6.73
CA LYS B 300 -39.34 11.70 -7.13
C LYS B 300 -38.94 11.71 -8.60
N ASP B 301 -37.80 12.32 -8.91
CA ASP B 301 -37.39 12.46 -10.30
C ASP B 301 -37.16 11.11 -11.00
N LEU B 302 -36.22 10.32 -10.50
CA LEU B 302 -35.91 9.02 -11.09
C LEU B 302 -37.13 8.10 -11.10
N ALA B 303 -37.87 8.08 -9.99
CA ALA B 303 -39.06 7.23 -9.86
C ALA B 303 -40.17 7.58 -10.85
N ALA B 304 -40.28 8.86 -11.19
CA ALA B 304 -41.28 9.31 -12.16
C ALA B 304 -40.75 9.31 -13.59
N GLY B 305 -39.49 8.90 -13.76
CA GLY B 305 -38.88 8.78 -15.08
C GLY B 305 -38.47 10.09 -15.73
N LYS B 306 -38.24 11.11 -14.91
CA LYS B 306 -37.82 12.42 -15.44
C LYS B 306 -36.48 12.89 -14.88
N TYR B 307 -35.59 11.93 -14.62
CA TYR B 307 -34.23 12.19 -14.18
C TYR B 307 -33.52 13.04 -15.24
N LYS B 308 -33.11 14.24 -14.85
CA LYS B 308 -32.50 15.18 -15.79
C LYS B 308 -31.37 15.98 -15.14
N LEU B 309 -30.18 15.92 -15.75
CA LEU B 309 -29.03 16.67 -15.28
C LEU B 309 -28.98 18.05 -15.94
N PRO B 310 -28.65 19.08 -15.16
CA PRO B 310 -28.58 20.47 -15.65
C PRO B 310 -27.63 20.70 -16.82
N TRP B 311 -26.70 19.78 -17.06
CA TRP B 311 -25.71 19.96 -18.13
C TRP B 311 -25.94 19.05 -19.34
N GLU B 312 -27.15 18.50 -19.47
CA GLU B 312 -27.43 17.51 -20.51
C GLU B 312 -27.45 18.05 -21.95
N ASP B 313 -27.73 19.34 -22.10
CA ASP B 313 -27.85 19.94 -23.43
C ASP B 313 -26.51 20.08 -24.15
N HIS B 314 -25.42 20.09 -23.38
CA HIS B 314 -24.10 20.31 -23.96
C HIS B 314 -23.17 19.10 -23.86
N MET B 315 -23.75 17.95 -23.54
CA MET B 315 -22.99 16.70 -23.50
C MET B 315 -22.69 16.22 -24.92
N LYS B 316 -21.49 15.70 -25.12
CA LYS B 316 -21.04 15.27 -26.45
C LYS B 316 -21.56 13.88 -26.82
N ILE B 317 -21.56 12.97 -25.86
CA ILE B 317 -21.94 11.58 -26.15
C ILE B 317 -23.26 11.21 -25.48
N LYS B 318 -24.31 11.12 -26.29
CA LYS B 318 -25.63 10.73 -25.83
C LYS B 318 -26.26 9.71 -26.78
N ASP B 319 -25.45 9.22 -27.71
CA ASP B 319 -25.84 8.12 -28.59
C ASP B 319 -24.63 7.21 -28.87
N GLY B 320 -24.77 6.32 -29.85
CA GLY B 320 -23.71 5.36 -30.16
C GLY B 320 -22.93 5.66 -31.43
N SER B 321 -23.10 6.86 -31.97
CA SER B 321 -22.49 7.23 -33.25
C SER B 321 -20.96 7.28 -33.22
N ILE B 322 -20.39 7.53 -32.05
CA ILE B 322 -18.94 7.56 -31.87
C ILE B 322 -18.32 6.18 -32.17
N TYR B 323 -19.12 5.13 -32.02
CA TYR B 323 -18.70 3.77 -32.34
C TYR B 323 -19.42 3.24 -33.59
N GLY B 324 -20.03 4.14 -34.35
CA GLY B 324 -20.62 3.79 -35.64
C GLY B 324 -22.01 3.21 -35.58
N TYR B 325 -22.68 3.36 -34.43
CA TYR B 325 -24.02 2.82 -34.25
C TYR B 325 -25.10 3.82 -34.67
N PRO B 326 -26.13 3.33 -35.38
CA PRO B 326 -27.28 4.15 -35.78
C PRO B 326 -28.02 4.71 -34.57
N THR B 327 -28.68 5.84 -34.75
CA THR B 327 -29.21 6.62 -33.64
C THR B 327 -30.74 6.63 -33.56
N THR B 328 -31.40 5.83 -34.39
CA THR B 328 -32.87 5.82 -34.42
C THR B 328 -33.48 4.62 -33.70
N GLY B 329 -32.64 3.74 -33.17
CA GLY B 329 -33.11 2.62 -32.37
C GLY B 329 -33.60 1.45 -33.20
N GLY B 330 -34.50 0.66 -32.62
CA GLY B 330 -34.99 -0.55 -33.25
C GLY B 330 -33.90 -1.61 -33.30
N ARG B 331 -34.10 -2.62 -34.14
CA ARG B 331 -33.12 -3.69 -34.30
C ARG B 331 -32.10 -3.32 -35.36
N PHE B 332 -30.81 -3.48 -35.03
CA PHE B 332 -29.75 -3.25 -36.01
C PHE B 332 -28.52 -4.15 -35.81
N GLY B 333 -27.74 -4.31 -36.88
CA GLY B 333 -26.54 -5.11 -36.86
C GLY B 333 -26.77 -6.60 -37.05
N LYS B 334 -27.86 -6.95 -37.72
CA LYS B 334 -28.20 -8.36 -37.97
C LYS B 334 -27.04 -9.11 -38.63
N GLY C 13 -7.40 19.02 -22.83
CA GLY C 13 -6.21 18.14 -22.93
C GLY C 13 -6.33 17.08 -24.00
N PHE C 14 -5.85 15.87 -23.72
CA PHE C 14 -5.88 14.79 -24.70
C PHE C 14 -5.86 13.42 -24.05
N LEU C 15 -6.26 12.40 -24.82
CA LEU C 15 -6.24 11.02 -24.36
C LEU C 15 -4.97 10.34 -24.87
N VAL C 16 -4.27 9.67 -23.96
CA VAL C 16 -3.04 8.96 -24.31
C VAL C 16 -3.18 7.44 -24.10
N ALA C 17 -2.50 6.66 -24.93
CA ALA C 17 -2.46 5.21 -24.76
C ALA C 17 -1.03 4.70 -24.81
N ALA C 18 -0.70 3.78 -23.89
CA ALA C 18 0.61 3.15 -23.87
C ALA C 18 0.46 1.64 -23.85
N ILE C 19 1.00 0.98 -24.86
CA ILE C 19 0.87 -0.46 -25.01
C ILE C 19 2.09 -1.18 -24.46
N GLN C 20 1.87 -2.07 -23.49
CA GLN C 20 2.92 -2.95 -22.99
C GLN C 20 3.15 -4.06 -24.01
N PHE C 21 3.69 -3.65 -25.17
CA PHE C 21 3.91 -4.53 -26.31
C PHE C 21 4.86 -5.67 -25.95
N PRO C 22 4.54 -6.89 -26.38
CA PRO C 22 5.48 -7.98 -26.28
C PRO C 22 6.33 -8.08 -27.52
N VAL C 23 7.63 -8.31 -27.37
CA VAL C 23 8.41 -8.69 -28.54
C VAL C 23 9.02 -10.06 -28.36
N PRO C 24 8.65 -11.01 -29.25
CA PRO C 24 9.27 -12.33 -29.31
C PRO C 24 10.74 -12.23 -29.68
N ILE C 25 11.38 -13.39 -29.82
CA ILE C 25 12.74 -13.46 -30.33
C ILE C 25 12.80 -12.93 -31.76
N VAL C 26 13.94 -12.36 -32.13
CA VAL C 26 14.17 -11.93 -33.49
C VAL C 26 15.41 -12.62 -34.03
N ASN C 27 15.25 -13.33 -35.14
CA ASN C 27 16.34 -14.12 -35.71
C ASN C 27 16.74 -13.66 -37.10
N SER C 28 15.85 -12.90 -37.75
CA SER C 28 16.10 -12.40 -39.10
C SER C 28 15.34 -11.10 -39.34
N ARG C 29 15.58 -10.51 -40.51
CA ARG C 29 14.88 -9.28 -40.91
C ARG C 29 13.39 -9.55 -41.08
N LYS C 30 13.06 -10.77 -41.48
CA LYS C 30 11.66 -11.18 -41.70
C LYS C 30 10.85 -11.14 -40.40
N ASP C 31 11.54 -11.27 -39.27
CA ASP C 31 10.92 -11.12 -37.96
C ASP C 31 10.72 -9.65 -37.63
N ILE C 32 11.69 -8.82 -38.00
CA ILE C 32 11.62 -7.37 -37.79
C ILE C 32 10.45 -6.77 -38.57
N ASP C 33 10.29 -7.21 -39.81
CA ASP C 33 9.20 -6.74 -40.65
C ASP C 33 7.84 -7.25 -40.15
N HIS C 34 7.86 -8.42 -39.51
CA HIS C 34 6.66 -8.96 -38.87
C HIS C 34 6.28 -8.11 -37.65
N ASN C 35 7.29 -7.65 -36.91
CA ASN C 35 7.07 -6.78 -35.75
C ASN C 35 6.43 -5.46 -36.17
N ILE C 36 6.93 -4.89 -37.26
CA ILE C 36 6.43 -3.62 -37.79
C ILE C 36 4.94 -3.71 -38.14
N GLU C 37 4.54 -4.77 -38.82
CA GLU C 37 3.13 -4.96 -39.15
C GLU C 37 2.29 -5.13 -37.89
N SER C 38 2.83 -5.88 -36.93
CA SER C 38 2.17 -6.09 -35.64
C SER C 38 1.95 -4.78 -34.89
N ILE C 39 2.98 -3.94 -34.86
CA ILE C 39 2.89 -2.60 -34.26
C ILE C 39 1.86 -1.76 -34.99
N ILE C 40 1.84 -1.86 -36.32
CA ILE C 40 0.86 -1.15 -37.13
C ILE C 40 -0.55 -1.69 -36.94
N ARG C 41 -0.69 -3.00 -36.84
CA ARG C 41 -2.00 -3.60 -36.56
C ARG C 41 -2.52 -3.13 -35.21
N THR C 42 -1.63 -3.06 -34.23
CA THR C 42 -1.98 -2.61 -32.89
C THR C 42 -2.43 -1.15 -32.88
N LEU C 43 -1.74 -0.31 -33.66
CA LEU C 43 -2.03 1.12 -33.71
C LEU C 43 -3.45 1.40 -34.20
N HIS C 44 -3.86 0.73 -35.27
CA HIS C 44 -5.21 0.90 -35.81
C HIS C 44 -6.27 0.30 -34.88
N ALA C 45 -5.91 -0.78 -34.20
CA ALA C 45 -6.82 -1.47 -33.30
C ALA C 45 -7.04 -0.67 -32.01
N THR C 46 -6.00 0.04 -31.57
CA THR C 46 -6.09 0.88 -30.39
C THR C 46 -6.95 2.11 -30.66
N LYS C 47 -6.82 2.68 -31.85
CA LYS C 47 -7.64 3.82 -32.27
C LYS C 47 -9.10 3.42 -32.41
N ALA C 48 -9.34 2.20 -32.88
CA ALA C 48 -10.71 1.68 -33.01
C ALA C 48 -11.33 1.41 -31.64
N GLY C 49 -10.50 0.99 -30.69
CA GLY C 49 -10.95 0.73 -29.33
C GLY C 49 -11.12 2.02 -28.54
N TYR C 50 -10.30 3.01 -28.88
CA TYR C 50 -10.31 4.30 -28.18
C TYR C 50 -10.36 5.44 -29.19
N PRO C 51 -11.56 5.77 -29.70
CA PRO C 51 -11.74 6.78 -30.75
C PRO C 51 -11.18 8.17 -30.43
N GLY C 52 -11.01 8.48 -29.14
CA GLY C 52 -10.52 9.78 -28.73
C GLY C 52 -9.01 9.86 -28.50
N VAL C 53 -8.31 8.73 -28.66
CA VAL C 53 -6.87 8.69 -28.43
C VAL C 53 -6.11 9.51 -29.48
N GLU C 54 -5.20 10.35 -29.00
CA GLU C 54 -4.41 11.20 -29.90
C GLU C 54 -2.92 10.84 -29.84
N LEU C 55 -2.52 10.09 -28.82
CA LEU C 55 -1.14 9.68 -28.66
C LEU C 55 -1.04 8.19 -28.32
N ILE C 56 -0.44 7.43 -29.23
CA ILE C 56 -0.23 6.00 -29.02
C ILE C 56 1.26 5.71 -28.91
N ILE C 57 1.65 5.10 -27.79
CA ILE C 57 3.06 4.97 -27.43
C ILE C 57 3.50 3.51 -27.37
N PHE C 58 4.54 3.19 -28.13
CA PHE C 58 5.14 1.86 -28.14
C PHE C 58 6.51 1.85 -27.47
N PRO C 59 6.88 0.75 -26.81
CA PRO C 59 8.11 0.69 -26.02
C PRO C 59 9.39 0.54 -26.84
N GLU C 60 10.53 0.69 -26.17
CA GLU C 60 11.84 0.48 -26.78
C GLU C 60 11.95 -0.98 -27.23
N TYR C 61 12.62 -1.19 -28.34
CA TYR C 61 12.89 -2.52 -28.89
C TYR C 61 11.66 -3.24 -29.45
N SER C 62 10.54 -2.53 -29.55
CA SER C 62 9.30 -3.13 -30.06
C SER C 62 9.40 -3.46 -31.53
N THR C 63 10.37 -2.86 -32.21
CA THR C 63 10.56 -3.10 -33.63
C THR C 63 11.57 -4.22 -33.90
N GLN C 64 12.64 -4.28 -33.11
CA GLN C 64 13.78 -5.14 -33.42
C GLN C 64 14.13 -6.17 -32.34
N GLY C 65 13.52 -6.05 -31.17
CA GLY C 65 13.78 -6.98 -30.07
C GLY C 65 15.15 -6.76 -29.45
N LEU C 66 15.63 -7.76 -28.70
CA LEU C 66 16.93 -7.68 -28.05
C LEU C 66 17.77 -8.95 -28.28
N ASN C 67 17.94 -9.33 -29.53
CA ASN C 67 18.89 -10.38 -29.85
C ASN C 67 20.29 -9.79 -29.74
N THR C 68 20.93 -9.99 -28.60
CA THR C 68 22.22 -9.37 -28.31
C THR C 68 23.37 -9.92 -29.17
N ALA C 69 23.11 -11.04 -29.83
CA ALA C 69 24.11 -11.65 -30.69
C ALA C 69 24.05 -11.11 -32.12
N LYS C 70 22.93 -10.48 -32.48
CA LYS C 70 22.72 -10.01 -33.85
C LYS C 70 22.26 -8.55 -33.97
N TRP C 71 22.01 -7.89 -32.86
CA TRP C 71 21.44 -6.53 -32.89
C TRP C 71 22.42 -5.45 -33.36
N LEU C 72 23.67 -5.84 -33.57
CA LEU C 72 24.69 -4.94 -34.10
C LEU C 72 24.95 -5.17 -35.58
N SER C 73 24.39 -6.24 -36.12
CA SER C 73 24.58 -6.58 -37.53
C SER C 73 23.73 -5.70 -38.44
N GLU C 74 24.21 -5.50 -39.67
CA GLU C 74 23.52 -4.68 -40.66
C GLU C 74 22.09 -5.15 -40.91
N GLU C 75 21.91 -6.47 -40.90
CA GLU C 75 20.59 -7.08 -41.10
C GLU C 75 19.56 -6.57 -40.09
N PHE C 76 20.03 -6.20 -38.90
CA PHE C 76 19.16 -5.80 -37.80
C PHE C 76 19.02 -4.28 -37.64
N LEU C 77 19.61 -3.54 -38.56
CA LEU C 77 19.65 -2.07 -38.45
C LEU C 77 18.85 -1.36 -39.53
N LEU C 78 18.24 -0.23 -39.17
CA LEU C 78 17.40 0.53 -40.08
C LEU C 78 17.80 1.99 -40.12
N ASP C 79 17.40 2.70 -41.18
CA ASP C 79 17.68 4.12 -41.28
C ASP C 79 16.52 4.95 -40.71
N VAL C 80 16.86 6.07 -40.09
CA VAL C 80 15.85 7.00 -39.59
C VAL C 80 16.10 8.39 -40.18
N PRO C 81 15.21 8.83 -41.10
CA PRO C 81 14.04 8.09 -41.57
C PRO C 81 14.40 7.03 -42.61
N GLY C 82 13.41 6.24 -43.01
CA GLY C 82 13.60 5.17 -43.99
C GLY C 82 12.28 4.48 -44.30
N LYS C 83 12.33 3.46 -45.15
CA LYS C 83 11.12 2.76 -45.61
C LYS C 83 10.24 2.26 -44.47
N GLU C 84 10.87 1.82 -43.38
CA GLU C 84 10.14 1.29 -42.23
C GLU C 84 9.43 2.40 -41.43
N THR C 85 10.09 3.53 -41.28
CA THR C 85 9.46 4.67 -40.60
C THR C 85 8.33 5.26 -41.42
N GLU C 86 8.37 5.02 -42.73
CA GLU C 86 7.30 5.46 -43.63
C GLU C 86 6.04 4.63 -43.42
N LEU C 87 6.23 3.35 -43.09
CA LEU C 87 5.11 2.46 -42.78
C LEU C 87 4.42 2.94 -41.49
N TYR C 88 5.22 3.36 -40.51
CA TYR C 88 4.69 3.92 -39.28
C TYR C 88 3.96 5.25 -39.51
N ALA C 89 4.53 6.08 -40.39
CA ALA C 89 3.97 7.39 -40.70
C ALA C 89 2.62 7.27 -41.40
N LYS C 90 2.54 6.37 -42.37
CA LYS C 90 1.31 6.10 -43.10
C LYS C 90 0.20 5.65 -42.16
N ALA C 91 0.54 4.78 -41.21
CA ALA C 91 -0.41 4.26 -40.23
C ALA C 91 -0.93 5.37 -39.31
N CYS C 92 -0.03 6.26 -38.89
CA CYS C 92 -0.40 7.41 -38.06
C CYS C 92 -1.33 8.35 -38.81
N LYS C 93 -1.06 8.56 -40.09
CA LYS C 93 -1.88 9.44 -40.92
C LYS C 93 -3.28 8.87 -41.12
N GLU C 94 -3.36 7.57 -41.41
CA GLU C 94 -4.64 6.91 -41.61
C GLU C 94 -5.48 6.88 -40.33
N ALA C 95 -4.83 6.65 -39.19
CA ALA C 95 -5.53 6.60 -37.91
C ALA C 95 -5.71 7.99 -37.30
N LYS C 96 -4.99 8.96 -37.87
CA LYS C 96 -5.06 10.36 -37.42
C LYS C 96 -4.61 10.51 -35.97
N VAL C 97 -3.45 9.93 -35.66
CA VAL C 97 -2.90 9.97 -34.31
C VAL C 97 -1.43 10.33 -34.33
N TYR C 98 -0.93 10.80 -33.18
CA TYR C 98 0.49 10.91 -32.97
C TYR C 98 0.98 9.53 -32.59
N GLY C 99 2.18 9.18 -33.03
CA GLY C 99 2.74 7.87 -32.73
C GLY C 99 4.17 7.98 -32.25
N VAL C 100 4.55 7.12 -31.30
CA VAL C 100 5.91 7.09 -30.78
C VAL C 100 6.50 5.70 -30.98
N PHE C 101 7.59 5.64 -31.74
CA PHE C 101 8.17 4.37 -32.16
C PHE C 101 9.63 4.24 -31.77
N SER C 102 10.14 3.01 -31.83
CA SER C 102 11.53 2.72 -31.48
C SER C 102 12.26 2.07 -32.65
N ILE C 103 13.43 2.59 -32.98
CA ILE C 103 14.25 2.07 -34.07
C ILE C 103 15.72 2.07 -33.68
N MET C 104 16.36 0.90 -33.73
CA MET C 104 17.82 0.86 -33.63
C MET C 104 18.36 1.37 -34.97
N GLU C 105 19.13 2.46 -34.92
CA GLU C 105 19.46 3.23 -36.11
C GLU C 105 20.89 3.04 -36.61
N ARG C 106 21.02 2.60 -37.86
CA ARG C 106 22.30 2.55 -38.54
C ARG C 106 22.97 3.92 -38.49
N ASN C 107 24.22 3.96 -38.01
CA ASN C 107 24.96 5.20 -37.89
C ASN C 107 25.47 5.68 -39.24
N PRO C 108 25.09 6.91 -39.64
CA PRO C 108 25.56 7.53 -40.88
C PRO C 108 27.08 7.50 -41.02
N ASP C 109 27.77 7.37 -39.88
CA ASP C 109 29.19 7.11 -39.85
C ASP C 109 29.38 5.61 -39.68
N SER C 110 29.73 4.93 -40.77
CA SER C 110 29.84 3.48 -40.76
C SER C 110 30.96 2.96 -39.85
N ASN C 111 31.85 3.87 -39.43
CA ASN C 111 32.94 3.53 -38.53
C ASN C 111 32.60 3.79 -37.07
N LYS C 112 31.31 3.98 -36.80
CA LYS C 112 30.79 4.11 -35.43
C LYS C 112 29.56 3.22 -35.27
N ASN C 113 29.33 2.76 -34.04
CA ASN C 113 28.18 1.91 -33.74
C ASN C 113 26.83 2.60 -33.94
N PRO C 114 25.78 1.80 -34.21
CA PRO C 114 24.42 2.30 -34.37
C PRO C 114 23.88 3.04 -33.15
N TYR C 115 22.93 3.95 -33.38
CA TYR C 115 22.25 4.66 -32.31
C TYR C 115 21.00 3.91 -31.87
N ASN C 116 20.54 4.20 -30.65
CA ASN C 116 19.26 3.74 -30.16
C ASN C 116 18.28 4.91 -30.24
N THR C 117 17.33 4.82 -31.16
CA THR C 117 16.54 5.99 -31.56
C THR C 117 15.04 5.86 -31.29
N ALA C 118 14.42 7.00 -30.97
CA ALA C 118 12.98 7.10 -30.80
C ALA C 118 12.44 8.23 -31.67
N ILE C 119 11.25 8.05 -32.22
CA ILE C 119 10.62 9.08 -33.04
C ILE C 119 9.16 9.35 -32.68
N ILE C 120 8.73 10.59 -32.89
CA ILE C 120 7.32 10.95 -32.79
C ILE C 120 6.81 11.38 -34.16
N ILE C 121 5.66 10.83 -34.54
CA ILE C 121 5.05 11.14 -35.82
C ILE C 121 3.69 11.78 -35.55
N ASP C 122 3.35 12.83 -36.32
CA ASP C 122 2.07 13.52 -36.12
C ASP C 122 0.95 12.86 -36.92
N PRO C 123 -0.31 13.29 -36.69
CA PRO C 123 -1.46 12.75 -37.43
C PRO C 123 -1.40 12.99 -38.93
N GLN C 124 -0.54 13.92 -39.35
CA GLN C 124 -0.34 14.21 -40.76
C GLN C 124 0.70 13.27 -41.37
N GLY C 125 1.33 12.45 -40.51
CA GLY C 125 2.27 11.43 -40.97
C GLY C 125 3.68 11.96 -41.16
N GLU C 126 4.03 13.00 -40.43
CA GLU C 126 5.34 13.60 -40.52
C GLU C 126 6.12 13.43 -39.21
N ILE C 127 7.40 13.10 -39.34
CA ILE C 127 8.30 13.02 -38.19
C ILE C 127 8.55 14.43 -37.66
N ILE C 128 8.14 14.67 -36.42
CA ILE C 128 8.29 15.98 -35.79
C ILE C 128 9.30 15.94 -34.64
N LEU C 129 9.75 14.74 -34.31
CA LEU C 129 10.77 14.57 -33.27
C LEU C 129 11.61 13.33 -33.52
N LYS C 130 12.94 13.51 -33.43
CA LYS C 130 13.86 12.40 -33.50
C LYS C 130 14.85 12.50 -32.34
N TYR C 131 14.97 11.44 -31.56
CA TYR C 131 15.86 11.44 -30.41
C TYR C 131 16.73 10.18 -30.35
N ARG C 132 18.02 10.38 -30.08
CA ARG C 132 18.96 9.27 -29.93
C ARG C 132 19.37 9.13 -28.47
N LYS C 133 19.22 7.91 -27.94
CA LYS C 133 19.48 7.60 -26.53
C LYS C 133 20.81 8.18 -26.03
N LEU C 134 20.71 9.16 -25.15
CA LEU C 134 21.89 9.83 -24.60
C LEU C 134 22.66 8.95 -23.60
N PHE C 135 21.94 8.11 -22.87
CA PHE C 135 22.56 7.24 -21.88
C PHE C 135 22.21 5.77 -22.12
N PRO C 136 22.97 5.10 -23.00
CA PRO C 136 22.77 3.66 -23.23
C PRO C 136 22.97 2.86 -21.95
N TRP C 137 22.25 1.74 -21.84
CA TRP C 137 22.26 0.95 -20.61
C TRP C 137 23.51 0.09 -20.49
N ASN C 138 24.63 0.75 -20.19
CA ASN C 138 25.93 0.09 -20.06
C ASN C 138 25.99 -0.81 -18.83
N PRO C 139 26.72 -1.94 -18.93
CA PRO C 139 27.54 -2.36 -20.06
C PRO C 139 26.83 -3.24 -21.11
N ILE C 140 25.55 -3.53 -20.91
CA ILE C 140 24.87 -4.48 -21.80
C ILE C 140 24.51 -3.91 -23.19
N GLU C 141 24.37 -2.59 -23.28
CA GLU C 141 24.01 -1.96 -24.55
C GLU C 141 25.24 -1.37 -25.25
N PRO C 142 25.43 -1.73 -26.54
CA PRO C 142 26.57 -1.30 -27.32
C PRO C 142 26.28 -0.06 -28.18
N TRP C 143 25.13 0.55 -27.97
CA TRP C 143 24.70 1.69 -28.78
C TRP C 143 25.61 2.91 -28.58
N TYR C 144 25.72 3.74 -29.61
CA TYR C 144 26.52 4.94 -29.53
C TYR C 144 25.74 6.03 -28.81
N PRO C 145 26.42 6.77 -27.92
CA PRO C 145 25.80 7.90 -27.22
C PRO C 145 25.16 8.87 -28.20
N GLY C 146 23.93 9.27 -27.91
CA GLY C 146 23.18 10.17 -28.78
C GLY C 146 23.86 11.51 -28.99
N ASP C 147 23.66 12.10 -30.17
CA ASP C 147 24.31 13.37 -30.49
C ASP C 147 23.30 14.50 -30.76
N LEU C 148 22.01 14.18 -30.70
CA LEU C 148 20.98 15.14 -31.08
C LEU C 148 20.43 15.93 -29.91
N GLY C 149 21.00 15.73 -28.73
CA GLY C 149 20.51 16.38 -27.52
C GLY C 149 19.16 15.83 -27.12
N MET C 150 18.41 16.62 -26.34
CA MET C 150 17.07 16.25 -25.92
C MET C 150 16.06 17.22 -26.54
N PRO C 151 15.40 16.79 -27.63
CA PRO C 151 14.49 17.65 -28.38
C PRO C 151 13.10 17.74 -27.76
N VAL C 152 12.39 18.82 -28.10
CA VAL C 152 11.00 19.00 -27.70
C VAL C 152 10.18 19.33 -28.94
N CYS C 153 8.93 18.84 -28.98
CA CYS C 153 8.04 19.12 -30.10
C CYS C 153 6.60 19.37 -29.63
N GLU C 154 5.78 19.93 -30.50
CA GLU C 154 4.39 20.19 -30.17
C GLU C 154 3.55 18.92 -30.36
N GLY C 155 2.68 18.65 -29.40
CA GLY C 155 1.80 17.50 -29.46
C GLY C 155 0.34 17.91 -29.38
N PRO C 156 -0.54 16.95 -29.06
CA PRO C 156 -1.97 17.21 -28.97
C PRO C 156 -2.36 17.84 -27.63
N GLY C 157 -3.46 18.60 -27.62
CA GLY C 157 -4.01 19.17 -26.39
C GLY C 157 -3.12 20.14 -25.66
N GLY C 158 -2.35 20.92 -26.42
CA GLY C 158 -1.44 21.91 -25.84
C GLY C 158 -0.21 21.32 -25.18
N SER C 159 0.17 20.11 -25.58
CA SER C 159 1.32 19.44 -24.98
C SER C 159 2.63 19.74 -25.70
N LYS C 160 3.69 19.90 -24.90
CA LYS C 160 5.04 19.95 -25.43
C LYS C 160 5.67 18.59 -25.12
N LEU C 161 5.82 17.76 -26.15
CA LEU C 161 6.30 16.40 -25.95
C LEU C 161 7.83 16.29 -26.00
N ALA C 162 8.36 15.40 -25.17
CA ALA C 162 9.75 14.96 -25.26
C ALA C 162 9.80 13.47 -24.92
N VAL C 163 10.78 12.75 -25.47
CA VAL C 163 10.89 11.31 -25.22
C VAL C 163 12.29 10.90 -24.75
N CYS C 164 12.34 10.06 -23.73
CA CYS C 164 13.59 9.45 -23.31
C CYS C 164 13.46 7.92 -23.38
N ILE C 165 14.60 7.25 -23.34
CA ILE C 165 14.64 5.81 -23.55
C ILE C 165 15.13 5.05 -22.32
N SER C 166 14.28 4.16 -21.80
CA SER C 166 14.55 3.32 -20.64
C SER C 166 15.51 3.92 -19.61
N HIS C 167 16.79 3.57 -19.73
CA HIS C 167 17.85 3.99 -18.82
C HIS C 167 18.04 5.50 -18.71
N ASP C 168 17.64 6.24 -19.75
CA ASP C 168 17.67 7.70 -19.73
C ASP C 168 16.85 8.26 -18.56
N GLY C 169 15.81 7.52 -18.18
CA GLY C 169 14.90 7.97 -17.12
C GLY C 169 15.46 7.89 -15.70
N MET C 170 16.55 7.16 -15.51
CA MET C 170 17.18 7.06 -14.20
C MET C 170 18.06 8.28 -13.93
N ILE C 171 18.23 9.12 -14.94
CA ILE C 171 19.11 10.29 -14.87
C ILE C 171 18.26 11.57 -14.77
N PRO C 172 18.09 12.10 -13.54
CA PRO C 172 17.22 13.25 -13.29
C PRO C 172 17.60 14.50 -14.06
N GLU C 173 18.89 14.63 -14.40
CA GLU C 173 19.39 15.76 -15.16
C GLU C 173 18.77 15.84 -16.56
N LEU C 174 18.42 14.68 -17.12
CA LEU C 174 17.80 14.63 -18.44
C LEU C 174 16.34 15.05 -18.40
N ALA C 175 15.63 14.63 -17.35
CA ALA C 175 14.24 15.06 -17.15
C ALA C 175 14.19 16.58 -16.96
N ARG C 176 15.17 17.11 -16.24
CA ARG C 176 15.30 18.55 -16.05
C ARG C 176 15.50 19.24 -17.40
N GLU C 177 16.36 18.65 -18.23
CA GLU C 177 16.71 19.22 -19.53
C GLU C 177 15.50 19.31 -20.46
N ALA C 178 14.69 18.25 -20.51
CA ALA C 178 13.49 18.24 -21.35
C ALA C 178 12.54 19.36 -20.96
N ALA C 179 12.30 19.50 -19.66
CA ALA C 179 11.43 20.55 -19.13
C ALA C 179 12.03 21.92 -19.38
N TYR C 180 13.35 22.02 -19.25
CA TYR C 180 14.09 23.25 -19.51
C TYR C 180 13.88 23.76 -20.93
N LYS C 181 13.49 22.85 -21.83
CA LYS C 181 13.20 23.20 -23.22
C LYS C 181 11.71 23.34 -23.50
N GLY C 182 10.89 23.18 -22.46
CA GLY C 182 9.45 23.42 -22.60
C GLY C 182 8.55 22.22 -22.34
N CYS C 183 9.13 21.02 -22.28
CA CYS C 183 8.37 19.78 -22.13
C CYS C 183 7.43 19.76 -20.93
N ASN C 184 6.15 19.51 -21.19
CA ASN C 184 5.17 19.31 -20.12
C ASN C 184 4.62 17.88 -20.08
N VAL C 185 4.97 17.09 -21.10
CA VAL C 185 4.65 15.67 -21.11
C VAL C 185 5.88 14.84 -21.49
N TYR C 186 6.51 14.23 -20.49
CA TYR C 186 7.76 13.51 -20.64
C TYR C 186 7.50 12.02 -20.89
N ILE C 187 7.76 11.58 -22.12
CA ILE C 187 7.51 10.20 -22.50
C ILE C 187 8.75 9.33 -22.27
N ARG C 188 8.55 8.15 -21.70
CA ARG C 188 9.64 7.21 -21.47
C ARG C 188 9.31 5.85 -22.07
N ILE C 189 9.88 5.56 -23.24
CA ILE C 189 9.71 4.23 -23.86
C ILE C 189 10.85 3.34 -23.40
N SER C 190 10.54 2.11 -23.01
CA SER C 190 11.48 1.32 -22.22
C SER C 190 11.54 -0.18 -22.56
N GLY C 191 12.74 -0.74 -22.43
CA GLY C 191 12.95 -2.16 -22.68
C GLY C 191 13.79 -2.84 -21.61
N TYR C 192 13.47 -2.56 -20.35
CA TYR C 192 14.13 -3.18 -19.19
C TYR C 192 13.70 -4.67 -19.05
N SER C 193 13.48 -5.23 -17.85
CA SER C 193 13.66 -4.61 -16.53
C SER C 193 13.95 -5.68 -15.47
N THR C 194 12.86 -6.15 -14.84
CA THR C 194 12.89 -6.98 -13.61
C THR C 194 14.18 -7.05 -12.78
N GLN C 195 14.87 -5.93 -12.70
CA GLN C 195 15.97 -5.75 -11.74
C GLN C 195 16.01 -4.29 -11.37
N VAL C 196 15.19 -3.50 -12.06
CA VAL C 196 15.09 -2.06 -11.82
C VAL C 196 13.61 -1.71 -11.62
N ASN C 197 12.80 -2.74 -11.43
CA ASN C 197 11.34 -2.63 -11.43
C ASN C 197 10.75 -1.60 -10.47
N ASP C 198 11.18 -1.62 -9.21
CA ASP C 198 10.65 -0.70 -8.21
C ASP C 198 11.14 0.72 -8.47
N GLN C 199 12.38 0.83 -8.94
CA GLN C 199 13.01 2.12 -9.20
C GLN C 199 12.49 2.77 -10.49
N TRP C 200 11.84 1.96 -11.33
CA TRP C 200 11.24 2.46 -12.56
C TRP C 200 9.99 3.28 -12.22
N ILE C 201 9.19 2.76 -11.30
CA ILE C 201 8.02 3.47 -10.79
C ILE C 201 8.44 4.73 -10.03
N LEU C 202 9.56 4.63 -9.31
CA LEU C 202 10.07 5.74 -8.51
C LEU C 202 10.52 6.91 -9.37
N THR C 203 11.34 6.62 -10.39
CA THR C 203 11.91 7.66 -11.23
C THR C 203 10.85 8.35 -12.10
N ASN C 204 9.83 7.60 -12.52
CA ASN C 204 8.73 8.18 -13.27
C ASN C 204 7.94 9.19 -12.43
N ARG C 205 7.83 8.90 -11.14
CA ARG C 205 7.19 9.81 -10.19
C ARG C 205 8.05 11.03 -9.90
N SER C 206 9.34 10.80 -9.68
CA SER C 206 10.26 11.89 -9.35
C SER C 206 10.55 12.79 -10.55
N ASN C 207 10.68 12.18 -11.72
CA ASN C 207 10.86 12.94 -12.96
C ASN C 207 9.75 13.93 -13.22
N ALA C 208 8.53 13.58 -12.80
CA ALA C 208 7.37 14.45 -12.93
C ALA C 208 7.44 15.58 -11.91
N TRP C 209 7.56 15.21 -10.63
CA TRP C 209 7.54 16.17 -9.55
C TRP C 209 8.68 17.19 -9.57
N HIS C 210 9.87 16.75 -9.99
CA HIS C 210 11.05 17.63 -10.02
C HIS C 210 10.87 18.80 -10.98
N ASN C 211 10.08 18.59 -12.02
CA ASN C 211 10.01 19.53 -13.14
C ASN C 211 8.60 20.01 -13.45
N LEU C 212 7.65 19.65 -12.58
CA LEU C 212 6.24 20.01 -12.76
C LEU C 212 5.70 19.67 -14.14
N MET C 213 5.91 18.42 -14.56
CA MET C 213 5.39 17.95 -15.85
C MET C 213 4.79 16.55 -15.71
N TYR C 214 3.95 16.18 -16.67
CA TYR C 214 3.43 14.81 -16.74
C TYR C 214 4.54 13.86 -17.18
N THR C 215 4.48 12.63 -16.69
CA THR C 215 5.29 11.56 -17.26
C THR C 215 4.40 10.42 -17.72
N VAL C 216 4.57 10.02 -18.98
CA VAL C 216 3.88 8.85 -19.52
C VAL C 216 4.93 7.83 -19.92
N SER C 217 4.97 6.71 -19.22
CA SER C 217 6.02 5.74 -19.39
C SER C 217 5.45 4.36 -19.65
N VAL C 218 6.19 3.55 -20.42
CA VAL C 218 5.77 2.19 -20.72
C VAL C 218 6.97 1.32 -21.05
N ASN C 219 7.00 0.13 -20.50
CA ASN C 219 8.08 -0.80 -20.77
C ASN C 219 7.60 -1.97 -21.61
N LEU C 220 8.52 -2.50 -22.41
CA LEU C 220 8.28 -3.69 -23.20
C LEU C 220 7.92 -4.83 -22.27
N ALA C 221 7.01 -5.70 -22.71
CA ALA C 221 6.70 -6.90 -21.94
C ALA C 221 7.02 -8.12 -22.79
N GLY C 222 8.31 -8.41 -22.96
CA GLY C 222 8.76 -9.55 -23.75
C GLY C 222 9.97 -9.27 -24.62
N TYR C 223 10.96 -10.15 -24.55
CA TYR C 223 12.21 -10.01 -25.31
C TYR C 223 13.09 -11.26 -25.15
N ASP C 224 12.46 -12.43 -25.19
CA ASP C 224 13.11 -13.64 -24.73
C ASP C 224 12.54 -14.93 -25.31
N ASN C 225 11.25 -14.92 -25.62
CA ASN C 225 10.49 -16.12 -26.01
C ASN C 225 10.22 -17.09 -24.85
N PHE C 227 9.67 -14.79 -21.33
CA PHE C 227 8.96 -13.90 -20.43
C PHE C 227 8.40 -12.66 -21.12
N TYR C 228 7.20 -12.79 -21.68
CA TYR C 228 6.51 -11.65 -22.26
C TYR C 228 5.77 -10.86 -21.19
N TYR C 229 6.44 -10.48 -20.10
CA TYR C 229 5.76 -9.77 -19.02
C TYR C 229 6.66 -8.77 -18.28
N PHE C 230 7.42 -7.97 -19.01
CA PHE C 230 8.37 -7.03 -18.40
C PHE C 230 7.84 -5.60 -18.21
N GLY C 231 6.73 -5.27 -18.86
CA GLY C 231 6.19 -3.90 -18.88
C GLY C 231 5.49 -3.44 -17.63
N GLU C 232 5.15 -2.16 -17.57
CA GLU C 232 4.47 -1.53 -16.42
C GLU C 232 4.04 -0.09 -16.74
N GLY C 233 3.20 0.07 -17.77
CA GLY C 233 2.74 1.40 -18.20
C GLY C 233 2.35 2.31 -17.04
N GLN C 234 2.77 3.57 -17.12
CA GLN C 234 2.58 4.50 -15.99
C GLN C 234 2.30 5.94 -16.44
N ILE C 235 1.22 6.50 -15.92
CA ILE C 235 0.92 7.91 -16.11
C ILE C 235 1.01 8.64 -14.77
N CYS C 236 1.86 9.66 -14.71
CA CYS C 236 2.03 10.45 -13.49
C CYS C 236 1.58 11.89 -13.64
N ASN C 237 0.97 12.43 -12.60
CA ASN C 237 0.56 13.83 -12.55
C ASN C 237 1.79 14.71 -12.35
N PHE C 238 1.67 16.00 -12.65
CA PHE C 238 2.80 16.93 -12.55
C PHE C 238 3.33 17.14 -11.12
N ASP C 239 2.63 16.59 -10.13
CA ASP C 239 3.09 16.68 -8.74
C ASP C 239 3.58 15.33 -8.19
N GLY C 240 3.78 14.38 -9.10
CA GLY C 240 4.35 13.08 -8.73
C GLY C 240 3.33 11.97 -8.54
N THR C 241 2.05 12.33 -8.45
CA THR C 241 1.00 11.36 -8.18
C THR C 241 0.76 10.43 -9.35
N THR C 242 0.81 9.12 -9.09
CA THR C 242 0.52 8.11 -10.10
C THR C 242 -0.98 8.09 -10.38
N LEU C 243 -1.36 8.26 -11.64
CA LEU C 243 -2.76 8.30 -12.03
C LEU C 243 -3.25 6.95 -12.54
N VAL C 244 -2.45 6.32 -13.39
CA VAL C 244 -2.77 5.03 -13.96
C VAL C 244 -1.52 4.15 -13.95
N GLN C 245 -1.68 2.88 -13.61
CA GLN C 245 -0.54 1.97 -13.48
C GLN C 245 -0.78 0.64 -14.19
N GLY C 246 0.11 0.28 -15.10
CA GLY C 246 0.13 -1.05 -15.72
C GLY C 246 0.54 -2.06 -14.67
N HIS C 247 -0.13 -3.21 -14.66
CA HIS C 247 -0.17 -3.96 -13.42
C HIS C 247 -0.39 -5.49 -13.46
N ARG C 248 0.19 -6.25 -14.40
CA ARG C 248 0.89 -5.82 -15.62
C ARG C 248 0.91 -7.06 -16.53
N ASN C 249 1.34 -6.92 -17.78
CA ASN C 249 1.33 -8.04 -18.74
C ASN C 249 1.52 -7.57 -20.20
N PRO C 250 1.76 -8.51 -21.13
CA PRO C 250 1.93 -8.07 -22.52
C PRO C 250 0.60 -7.71 -23.14
N TRP C 251 0.61 -6.75 -24.06
CA TRP C 251 -0.61 -6.26 -24.70
C TRP C 251 -1.45 -5.37 -23.77
N GLU C 252 -0.99 -5.16 -22.55
CA GLU C 252 -1.71 -4.31 -21.60
C GLU C 252 -1.63 -2.85 -22.01
N ILE C 253 -2.77 -2.18 -22.03
CA ILE C 253 -2.84 -0.81 -22.52
C ILE C 253 -3.20 0.16 -21.40
N VAL C 254 -2.27 1.07 -21.12
CA VAL C 254 -2.49 2.09 -20.11
C VAL C 254 -3.04 3.35 -20.77
N THR C 255 -4.25 3.76 -20.35
CA THR C 255 -4.88 4.95 -20.89
C THR C 255 -5.28 5.94 -19.81
N GLY C 256 -5.31 7.22 -20.17
CA GLY C 256 -5.70 8.27 -19.27
C GLY C 256 -5.71 9.61 -19.97
N GLU C 257 -6.49 10.55 -19.45
CA GLU C 257 -6.54 11.89 -20.02
C GLU C 257 -5.44 12.76 -19.41
N ILE C 258 -4.72 13.47 -20.27
CA ILE C 258 -3.64 14.34 -19.83
C ILE C 258 -4.06 15.79 -20.07
N TYR C 259 -3.91 16.62 -19.05
CA TYR C 259 -4.24 18.04 -19.17
C TYR C 259 -2.98 18.89 -18.96
N PRO C 260 -2.21 19.10 -20.04
CA PRO C 260 -0.90 19.75 -19.99
C PRO C 260 -0.95 21.18 -19.48
N LYS C 261 -2.03 21.89 -19.77
CA LYS C 261 -2.18 23.29 -19.37
C LYS C 261 -2.12 23.45 -17.85
N MET C 262 -2.60 22.45 -17.13
CA MET C 262 -2.54 22.46 -15.66
C MET C 262 -1.10 22.43 -15.15
N ALA C 263 -0.22 21.73 -15.87
CA ALA C 263 1.19 21.69 -15.53
C ALA C 263 1.85 23.03 -15.86
N ASP C 264 1.53 23.57 -17.02
CA ASP C 264 2.00 24.88 -17.45
C ASP C 264 1.61 25.96 -16.44
N ASN C 265 0.36 25.93 -15.99
CA ASN C 265 -0.16 26.88 -15.02
C ASN C 265 0.59 26.84 -13.69
N ALA C 266 0.86 25.62 -13.20
CA ALA C 266 1.58 25.44 -11.94
C ALA C 266 2.98 26.05 -12.00
N ARG C 267 3.66 25.86 -13.12
CA ARG C 267 4.98 26.45 -13.35
C ARG C 267 4.92 27.97 -13.34
N LEU C 268 3.79 28.51 -13.79
CA LEU C 268 3.57 29.95 -13.79
C LEU C 268 3.09 30.47 -12.44
N SER C 269 2.20 29.70 -11.79
CA SER C 269 1.51 30.17 -10.58
C SER C 269 2.19 29.83 -9.26
N TRP C 270 2.75 28.63 -9.16
CA TRP C 270 3.30 28.14 -7.89
C TRP C 270 4.42 29.02 -7.35
N GLY C 271 4.53 29.05 -6.02
CA GLY C 271 5.63 29.75 -5.37
C GLY C 271 6.48 28.80 -4.55
N LEU C 272 5.86 28.21 -3.53
CA LEU C 272 6.58 27.43 -2.51
C LEU C 272 7.24 26.13 -2.99
N GLU C 273 6.79 25.58 -4.11
CA GLU C 273 7.41 24.34 -4.62
C GLU C 273 7.80 24.47 -6.08
N ASN C 274 8.02 25.70 -6.54
CA ASN C 274 8.44 25.91 -7.91
C ASN C 274 9.94 25.64 -8.01
N ASN C 275 10.28 24.36 -7.90
CA ASN C 275 11.66 23.93 -7.75
C ASN C 275 12.49 24.12 -9.02
N ILE C 276 11.88 23.88 -10.17
CA ILE C 276 12.53 24.08 -11.46
C ILE C 276 13.00 25.54 -11.64
N TYR C 277 12.27 26.47 -11.04
CA TYR C 277 12.67 27.87 -11.05
C TYR C 277 13.67 28.15 -9.94
N ASN C 278 13.45 27.55 -8.78
CA ASN C 278 14.33 27.72 -7.61
C ASN C 278 15.79 27.40 -7.93
N LEU C 279 16.00 26.33 -8.68
CA LEU C 279 17.34 25.86 -9.06
C LEU C 279 18.24 26.95 -9.61
N GLY C 280 17.66 27.88 -10.37
CA GLY C 280 18.44 28.94 -11.02
C GLY C 280 18.30 30.30 -10.38
N HIS C 281 17.44 30.40 -9.36
CA HIS C 281 17.19 31.66 -8.68
C HIS C 281 17.05 31.46 -7.17
N ARG C 282 18.00 30.75 -6.58
CA ARG C 282 17.99 30.43 -5.16
C ARG C 282 18.04 31.66 -4.26
N GLY C 289 17.63 38.65 -7.68
CA GLY C 289 16.78 37.58 -8.20
C GLY C 289 17.41 36.21 -8.04
N GLY C 290 17.87 35.92 -6.83
CA GLY C 290 18.51 34.64 -6.54
C GLY C 290 19.98 34.61 -6.90
N GLU C 291 20.70 33.64 -6.34
CA GLU C 291 22.10 33.44 -6.69
C GLU C 291 22.18 32.50 -7.89
N HIS C 292 22.54 33.05 -9.05
CA HIS C 292 22.54 32.31 -10.31
C HIS C 292 23.54 31.16 -10.34
N ASP C 293 24.68 31.34 -9.68
CA ASP C 293 25.63 30.27 -9.46
C ASP C 293 25.03 29.32 -8.43
N ALA C 294 24.79 28.08 -8.84
CA ALA C 294 24.20 27.06 -7.95
C ALA C 294 25.16 26.64 -6.85
N GLY C 295 26.45 26.85 -7.06
CA GLY C 295 27.48 26.51 -6.08
C GLY C 295 27.74 25.03 -5.98
N LEU C 296 27.53 24.31 -7.08
CA LEU C 296 27.72 22.86 -7.08
C LEU C 296 28.92 22.47 -7.92
N THR C 297 28.93 22.94 -9.17
CA THR C 297 30.03 22.73 -10.12
C THR C 297 30.49 21.29 -10.40
N TYR C 298 29.72 20.29 -9.95
CA TYR C 298 29.75 19.00 -10.63
C TYR C 298 29.08 19.34 -11.95
N ILE C 299 28.20 20.33 -11.89
CA ILE C 299 27.64 21.01 -13.05
C ILE C 299 28.75 21.62 -13.92
N ASP C 301 32.15 21.19 -13.99
CA ASP C 301 32.82 19.94 -14.29
C ASP C 301 32.17 19.19 -15.45
N LEU C 302 30.92 18.77 -15.27
CA LEU C 302 30.19 18.09 -16.33
C LEU C 302 30.03 18.99 -17.55
N ALA C 303 29.88 20.29 -17.31
CA ALA C 303 29.78 21.28 -18.38
C ALA C 303 31.09 21.39 -19.16
N ALA C 304 32.21 21.23 -18.46
CA ALA C 304 33.53 21.31 -19.07
C ALA C 304 34.07 19.94 -19.47
N GLY C 305 33.25 18.90 -19.28
CA GLY C 305 33.64 17.53 -19.65
C GLY C 305 34.64 16.90 -18.70
N LYS C 306 34.64 17.36 -17.45
CA LYS C 306 35.59 16.87 -16.45
C LYS C 306 34.93 16.07 -15.32
N TYR C 307 33.67 15.70 -15.50
CA TYR C 307 32.94 14.93 -14.50
C TYR C 307 33.77 13.72 -14.06
N LYS C 308 34.08 13.67 -12.78
CA LYS C 308 35.01 12.69 -12.25
C LYS C 308 34.66 12.30 -10.81
N LEU C 309 34.21 11.06 -10.64
CA LEU C 309 33.90 10.52 -9.33
C LEU C 309 35.20 10.13 -8.62
N PRO C 310 35.24 10.30 -7.29
CA PRO C 310 36.46 10.05 -6.51
C PRO C 310 36.83 8.56 -6.38
N TRP C 311 35.97 7.68 -6.88
CA TRP C 311 36.19 6.24 -6.73
C TRP C 311 36.27 5.51 -8.07
N GLU C 312 36.53 6.24 -9.14
CA GLU C 312 36.56 5.65 -10.48
C GLU C 312 37.71 4.67 -10.68
N ASP C 313 38.84 4.94 -10.01
CA ASP C 313 40.02 4.07 -10.10
C ASP C 313 39.74 2.63 -9.71
N HIS C 314 38.86 2.43 -8.73
CA HIS C 314 38.65 1.10 -8.15
C HIS C 314 37.36 0.40 -8.61
N MET C 315 36.72 0.95 -9.64
CA MET C 315 35.48 0.36 -10.17
C MET C 315 35.73 -0.86 -11.03
N LYS C 316 34.85 -1.86 -10.90
CA LYS C 316 35.00 -3.13 -11.62
C LYS C 316 34.55 -3.06 -13.08
N ILE C 317 33.50 -2.32 -13.35
CA ILE C 317 32.92 -2.29 -14.70
C ILE C 317 32.94 -0.88 -15.31
N LYS C 318 33.82 -0.68 -16.28
CA LYS C 318 33.88 0.59 -17.00
C LYS C 318 33.91 0.37 -18.51
N ASP C 319 33.73 -0.89 -18.91
CA ASP C 319 33.60 -1.27 -20.31
C ASP C 319 32.59 -2.41 -20.46
N GLY C 320 32.42 -2.90 -21.69
CA GLY C 320 31.46 -3.96 -21.96
C GLY C 320 32.07 -5.34 -22.14
N SER C 321 33.23 -5.57 -21.51
CA SER C 321 33.94 -6.84 -21.65
C SER C 321 33.21 -7.99 -20.96
N ILE C 322 32.47 -7.67 -19.90
CA ILE C 322 31.70 -8.66 -19.15
C ILE C 322 30.58 -9.27 -19.99
N TYR C 323 30.10 -8.53 -20.99
CA TYR C 323 29.13 -9.06 -21.94
C TYR C 323 29.77 -9.42 -23.27
N GLY C 324 31.11 -9.46 -23.28
CA GLY C 324 31.86 -9.93 -24.45
C GLY C 324 32.23 -8.88 -25.48
N TYR C 325 31.87 -7.63 -25.22
CA TYR C 325 32.16 -6.54 -26.17
C TYR C 325 33.62 -6.08 -26.09
N PRO C 326 34.23 -5.76 -27.26
CA PRO C 326 35.57 -5.21 -27.31
C PRO C 326 35.65 -3.81 -26.71
N THR C 327 36.85 -3.35 -26.39
CA THR C 327 37.03 -2.12 -25.61
C THR C 327 37.79 -1.03 -26.35
N THR C 328 37.80 -1.10 -27.68
CA THR C 328 38.55 -0.15 -28.50
C THR C 328 37.66 0.86 -29.22
N GLY C 329 36.35 0.68 -29.09
CA GLY C 329 35.40 1.54 -29.79
C GLY C 329 35.32 1.20 -31.27
N GLY C 330 34.89 2.18 -32.07
CA GLY C 330 34.71 1.96 -33.50
C GLY C 330 33.48 1.12 -33.78
N ARG C 331 33.42 0.54 -34.97
CA ARG C 331 32.30 -0.29 -35.38
C ARG C 331 32.60 -1.76 -35.14
N PHE C 332 31.72 -2.43 -34.41
CA PHE C 332 31.84 -3.87 -34.17
C PHE C 332 30.49 -4.56 -34.08
N GLY C 333 30.49 -5.88 -34.26
CA GLY C 333 29.27 -6.67 -34.20
C GLY C 333 28.57 -6.75 -35.54
N LYS C 334 29.25 -6.26 -36.57
CA LYS C 334 28.75 -6.28 -37.94
C LYS C 334 28.86 -7.67 -38.55
N GLY D 13 28.59 -1.42 10.61
CA GLY D 13 28.26 0.02 10.34
C GLY D 13 27.97 0.80 11.61
N PHE D 14 26.90 1.58 11.59
CA PHE D 14 26.53 2.40 12.74
C PHE D 14 25.01 2.53 12.91
N LEU D 15 24.59 3.02 14.06
CA LEU D 15 23.19 3.23 14.38
C LEU D 15 22.85 4.72 14.36
N VAL D 16 21.71 5.06 13.74
CA VAL D 16 21.30 6.45 13.62
C VAL D 16 19.99 6.68 14.37
N ALA D 17 19.77 7.93 14.78
CA ALA D 17 18.52 8.31 15.43
C ALA D 17 18.05 9.66 14.91
N ALA D 18 16.79 9.73 14.50
CA ALA D 18 16.21 10.98 14.03
C ALA D 18 15.01 11.34 14.88
N ILE D 19 15.04 12.55 15.45
CA ILE D 19 14.01 13.00 16.38
C ILE D 19 13.03 13.91 15.67
N GLN D 20 11.79 13.45 15.52
CA GLN D 20 10.72 14.30 14.98
C GLN D 20 10.36 15.34 16.04
N PHE D 21 11.33 16.20 16.32
CA PHE D 21 11.25 17.19 17.39
C PHE D 21 10.04 18.11 17.21
N PRO D 22 9.35 18.40 18.31
CA PRO D 22 8.31 19.42 18.24
C PRO D 22 8.92 20.78 18.49
N VAL D 23 8.55 21.78 17.71
CA VAL D 23 8.93 23.12 18.11
C VAL D 23 7.70 23.86 18.60
N PRO D 24 7.65 24.14 19.91
CA PRO D 24 6.71 25.12 20.44
C PRO D 24 6.96 26.50 19.85
N ILE D 25 6.28 27.49 20.39
CA ILE D 25 6.32 28.83 19.83
C ILE D 25 7.45 29.61 20.48
N VAL D 26 8.12 30.42 19.67
CA VAL D 26 9.25 31.21 20.14
C VAL D 26 8.92 32.69 20.07
N ASN D 27 8.93 33.34 21.23
CA ASN D 27 8.58 34.75 21.35
C ASN D 27 9.74 35.61 21.87
N SER D 28 10.82 34.97 22.28
CA SER D 28 11.96 35.67 22.85
C SER D 28 13.23 34.82 22.83
N ARG D 29 14.35 35.44 23.22
CA ARG D 29 15.62 34.74 23.34
C ARG D 29 15.54 33.64 24.41
N LYS D 30 14.78 33.91 25.46
CA LYS D 30 14.53 32.96 26.54
C LYS D 30 13.95 31.64 26.01
N ASP D 31 12.97 31.74 25.12
CA ASP D 31 12.35 30.57 24.50
C ASP D 31 13.35 29.77 23.68
N ILE D 32 14.24 30.48 22.98
CA ILE D 32 15.31 29.85 22.21
C ILE D 32 16.25 29.10 23.14
N ASP D 33 16.59 29.71 24.27
CA ASP D 33 17.40 29.06 25.29
C ASP D 33 16.72 27.79 25.80
N HIS D 34 15.41 27.87 25.97
CA HIS D 34 14.62 26.72 26.40
C HIS D 34 14.67 25.60 25.36
N ASN D 35 14.60 25.99 24.08
CA ASN D 35 14.71 25.04 22.97
C ASN D 35 16.06 24.33 22.97
N ILE D 36 17.13 25.09 23.20
CA ILE D 36 18.49 24.56 23.22
C ILE D 36 18.65 23.50 24.29
N GLU D 37 18.20 23.83 25.50
CA GLU D 37 18.28 22.89 26.62
C GLU D 37 17.41 21.66 26.40
N SER D 38 16.26 21.84 25.78
CA SER D 38 15.37 20.73 25.46
C SER D 38 16.06 19.75 24.51
N ILE D 39 16.65 20.28 23.45
CA ILE D 39 17.42 19.48 22.49
C ILE D 39 18.56 18.72 23.18
N ILE D 40 19.26 19.40 24.08
CA ILE D 40 20.37 18.81 24.82
C ILE D 40 19.91 17.67 25.73
N ARG D 41 18.83 17.91 26.48
CA ARG D 41 18.21 16.88 27.30
C ARG D 41 17.73 15.70 26.45
N THR D 42 17.18 15.99 25.28
CA THR D 42 16.71 14.96 24.35
C THR D 42 17.88 14.16 23.81
N LEU D 43 19.00 14.84 23.55
CA LEU D 43 20.21 14.19 23.06
C LEU D 43 20.77 13.19 24.08
N HIS D 44 20.84 13.59 25.34
CA HIS D 44 21.34 12.72 26.40
C HIS D 44 20.39 11.55 26.66
N ALA D 45 19.10 11.80 26.53
CA ALA D 45 18.07 10.79 26.80
C ALA D 45 17.97 9.75 25.67
N THR D 46 18.23 10.19 24.45
CA THR D 46 18.24 9.29 23.31
C THR D 46 19.48 8.39 23.37
N LYS D 47 20.59 8.97 23.82
CA LYS D 47 21.81 8.21 24.06
C LYS D 47 21.58 7.16 25.16
N ALA D 48 20.85 7.55 26.20
CA ALA D 48 20.55 6.65 27.31
C ALA D 48 19.66 5.48 26.88
N GLY D 49 18.63 5.77 26.10
CA GLY D 49 17.71 4.74 25.62
C GLY D 49 18.28 3.87 24.50
N TYR D 50 19.16 4.46 23.70
CA TYR D 50 19.84 3.75 22.62
C TYR D 50 21.35 3.90 22.77
N PRO D 51 21.95 3.13 23.69
CA PRO D 51 23.37 3.28 24.04
C PRO D 51 24.33 3.01 22.88
N GLY D 52 23.84 2.39 21.82
CA GLY D 52 24.66 2.09 20.66
C GLY D 52 24.60 3.13 19.55
N VAL D 53 23.85 4.21 19.76
CA VAL D 53 23.66 5.23 18.73
C VAL D 53 24.89 6.14 18.59
N GLU D 54 25.22 6.47 17.35
CA GLU D 54 26.39 7.32 17.08
C GLU D 54 26.06 8.58 16.29
N LEU D 55 24.83 8.69 15.82
CA LEU D 55 24.38 9.87 15.11
C LEU D 55 22.95 10.22 15.50
N ILE D 56 22.78 11.33 16.21
CA ILE D 56 21.46 11.80 16.60
C ILE D 56 21.13 13.11 15.86
N ILE D 57 20.01 13.09 15.15
CA ILE D 57 19.68 14.16 14.21
C ILE D 57 18.45 14.96 14.67
N PHE D 58 18.57 16.28 14.69
CA PHE D 58 17.46 17.17 15.02
C PHE D 58 17.06 17.98 13.78
N PRO D 59 15.77 18.29 13.65
CA PRO D 59 15.28 18.92 12.42
C PRO D 59 15.58 20.42 12.33
N GLU D 60 15.34 20.99 11.14
CA GLU D 60 15.44 22.42 10.91
C GLU D 60 14.49 23.17 11.84
N TYR D 61 14.96 24.32 12.33
CA TYR D 61 14.19 25.23 13.19
C TYR D 61 13.94 24.72 14.62
N SER D 62 14.59 23.62 14.99
CA SER D 62 14.41 23.08 16.33
C SER D 62 14.98 24.01 17.42
N THR D 63 15.94 24.84 17.02
CA THR D 63 16.60 25.75 17.96
C THR D 63 15.87 27.09 18.09
N GLN D 64 15.31 27.59 16.99
CA GLN D 64 14.77 28.95 16.96
C GLN D 64 13.29 29.06 16.57
N GLY D 65 12.75 28.00 15.97
CA GLY D 65 11.33 27.99 15.57
C GLY D 65 11.06 28.76 14.29
N LEU D 66 9.78 29.01 14.02
CA LEU D 66 9.37 29.72 12.82
C LEU D 66 8.46 30.91 13.10
N ASN D 67 8.90 31.79 13.99
CA ASN D 67 8.18 33.05 14.21
C ASN D 67 8.55 33.99 13.07
N THR D 68 7.71 34.00 12.03
CA THR D 68 7.98 34.77 10.82
C THR D 68 7.95 36.28 11.05
N ALA D 69 7.41 36.70 12.20
CA ALA D 69 7.39 38.11 12.56
C ALA D 69 8.73 38.57 13.12
N LYS D 70 9.49 37.64 13.70
CA LYS D 70 10.69 37.98 14.44
C LYS D 70 11.94 37.18 14.05
N TRP D 71 11.81 36.24 13.13
CA TRP D 71 12.91 35.32 12.84
C TRP D 71 14.07 35.93 12.05
N LEU D 72 13.93 37.19 11.66
CA LEU D 72 15.01 37.95 11.04
C LEU D 72 15.60 38.95 12.03
N SER D 73 15.04 39.00 13.23
CA SER D 73 15.47 39.95 14.25
C SER D 73 16.77 39.52 14.91
N GLU D 74 17.54 40.48 15.39
CA GLU D 74 18.84 40.22 16.01
C GLU D 74 18.73 39.35 17.25
N GLU D 75 17.60 39.44 17.94
CA GLU D 75 17.33 38.63 19.12
C GLU D 75 17.27 37.15 18.76
N PHE D 76 16.75 36.87 17.56
CA PHE D 76 16.47 35.49 17.15
C PHE D 76 17.64 34.82 16.42
N LEU D 77 18.74 35.54 16.23
CA LEU D 77 19.88 35.02 15.48
C LEU D 77 21.10 34.76 16.36
N LEU D 78 21.83 33.70 16.02
CA LEU D 78 23.03 33.32 16.76
C LEU D 78 24.23 33.27 15.81
N ASP D 79 25.44 33.28 16.37
CA ASP D 79 26.65 33.12 15.59
C ASP D 79 27.08 31.66 15.56
N VAL D 80 27.68 31.26 14.44
CA VAL D 80 28.23 29.90 14.29
C VAL D 80 29.70 29.99 13.92
N PRO D 81 30.60 29.62 14.85
CA PRO D 81 30.27 29.11 16.17
C PRO D 81 29.94 30.20 17.20
N GLY D 82 29.26 29.79 18.26
CA GLY D 82 28.95 30.67 19.39
C GLY D 82 28.86 29.83 20.66
N LYS D 83 28.40 30.43 21.75
CA LYS D 83 28.27 29.67 23.00
C LYS D 83 27.04 28.75 23.00
N GLU D 84 26.12 28.99 22.07
CA GLU D 84 24.98 28.11 21.88
C GLU D 84 25.42 26.84 21.15
N THR D 85 26.30 26.99 20.17
CA THR D 85 26.86 25.84 19.46
C THR D 85 27.85 25.08 20.35
N GLU D 86 28.47 25.79 21.30
CA GLU D 86 29.37 25.17 22.25
C GLU D 86 28.62 24.42 23.34
N LEU D 87 27.35 24.76 23.54
CA LEU D 87 26.49 23.98 24.43
C LEU D 87 26.18 22.63 23.79
N TYR D 88 25.83 22.66 22.50
CA TYR D 88 25.63 21.43 21.74
C TYR D 88 26.92 20.60 21.69
N ALA D 89 28.04 21.27 21.43
CA ALA D 89 29.34 20.61 21.36
C ALA D 89 29.69 19.91 22.67
N LYS D 90 29.44 20.59 23.78
CA LYS D 90 29.65 20.03 25.11
C LYS D 90 28.81 18.76 25.29
N ALA D 91 27.56 18.80 24.84
CA ALA D 91 26.64 17.67 24.97
C ALA D 91 27.08 16.47 24.13
N CYS D 92 27.59 16.73 22.93
CA CYS D 92 28.09 15.66 22.06
C CYS D 92 29.33 14.99 22.67
N LYS D 93 30.21 15.78 23.26
CA LYS D 93 31.42 15.25 23.88
C LYS D 93 31.09 14.38 25.10
N GLU D 94 30.13 14.83 25.91
CA GLU D 94 29.75 14.11 27.13
C GLU D 94 29.00 12.82 26.82
N ALA D 95 28.28 12.80 25.70
CA ALA D 95 27.51 11.63 25.29
C ALA D 95 28.26 10.74 24.31
N LYS D 96 29.33 11.27 23.72
CA LYS D 96 30.14 10.56 22.73
C LYS D 96 29.35 10.18 21.48
N VAL D 97 28.58 11.12 20.95
CA VAL D 97 27.83 10.92 19.72
C VAL D 97 28.09 12.06 18.74
N TYR D 98 27.83 11.79 17.46
CA TYR D 98 27.76 12.84 16.46
C TYR D 98 26.37 13.45 16.57
N GLY D 99 26.29 14.77 16.43
CA GLY D 99 25.00 15.46 16.48
C GLY D 99 24.80 16.38 15.30
N VAL D 100 23.56 16.50 14.86
CA VAL D 100 23.21 17.41 13.77
C VAL D 100 22.22 18.45 14.28
N PHE D 101 22.59 19.72 14.16
CA PHE D 101 21.78 20.79 14.74
C PHE D 101 21.43 21.87 13.73
N SER D 102 20.41 22.65 14.06
CA SER D 102 19.93 23.73 13.22
C SER D 102 20.21 25.08 13.88
N ILE D 103 20.79 26.01 13.13
CA ILE D 103 20.99 27.37 13.63
C ILE D 103 20.68 28.39 12.53
N MET D 104 19.77 29.33 12.82
CA MET D 104 19.59 30.48 11.95
C MET D 104 20.73 31.45 12.26
N GLU D 105 21.63 31.62 11.30
CA GLU D 105 22.93 32.25 11.56
C GLU D 105 23.04 33.70 11.10
N ARG D 106 23.36 34.58 12.04
CA ARG D 106 23.63 35.98 11.76
C ARG D 106 24.72 36.12 10.69
N ASN D 107 24.41 36.87 9.64
CA ASN D 107 25.33 37.10 8.54
C ASN D 107 26.41 38.11 8.93
N PRO D 108 27.68 37.68 8.93
CA PRO D 108 28.81 38.54 9.27
C PRO D 108 28.79 39.87 8.49
N ASP D 109 28.21 39.84 7.29
CA ASP D 109 27.92 41.07 6.56
C ASP D 109 26.57 41.58 7.04
N SER D 110 26.60 42.70 7.76
CA SER D 110 25.39 43.26 8.37
C SER D 110 24.43 43.90 7.37
N ASN D 111 24.84 43.96 6.10
CA ASN D 111 23.99 44.49 5.04
C ASN D 111 23.23 43.40 4.28
N LYS D 112 23.41 42.16 4.71
CA LYS D 112 22.72 41.03 4.10
C LYS D 112 21.96 40.22 5.14
N ASN D 113 20.98 39.46 4.69
CA ASN D 113 20.12 38.66 5.57
C ASN D 113 20.82 37.42 6.13
N PRO D 114 20.37 36.95 7.31
CA PRO D 114 20.94 35.76 7.95
C PRO D 114 20.81 34.49 7.12
N TYR D 115 21.71 33.55 7.36
CA TYR D 115 21.68 32.26 6.68
C TYR D 115 20.79 31.27 7.44
N ASN D 116 20.45 30.17 6.76
CA ASN D 116 19.86 29.03 7.41
C ASN D 116 20.91 27.93 7.43
N THR D 117 21.51 27.71 8.60
CA THR D 117 22.71 26.91 8.71
C THR D 117 22.48 25.57 9.41
N ALA D 118 23.18 24.54 8.92
CA ALA D 118 23.22 23.24 9.58
C ALA D 118 24.66 22.91 9.95
N ILE D 119 24.85 22.30 11.12
CA ILE D 119 26.17 21.86 11.54
C ILE D 119 26.18 20.41 12.01
N ILE D 120 27.28 19.71 11.73
CA ILE D 120 27.52 18.40 12.30
C ILE D 120 28.66 18.50 13.31
N ILE D 121 28.41 18.00 14.53
CA ILE D 121 29.40 18.02 15.58
C ILE D 121 29.75 16.58 15.94
N ASP D 122 31.06 16.27 15.98
CA ASP D 122 31.53 14.93 16.32
C ASP D 122 31.60 14.73 17.84
N PRO D 123 31.97 13.51 18.28
CA PRO D 123 32.08 13.21 19.71
C PRO D 123 33.20 13.97 20.45
N GLN D 124 34.02 14.71 19.71
CA GLN D 124 35.08 15.52 20.32
C GLN D 124 34.64 16.96 20.55
N GLY D 125 33.42 17.29 20.13
CA GLY D 125 32.88 18.64 20.27
C GLY D 125 33.27 19.51 19.09
N GLU D 126 33.90 18.90 18.09
CA GLU D 126 34.34 19.61 16.91
C GLU D 126 33.25 19.69 15.85
N ILE D 127 32.96 20.91 15.40
CA ILE D 127 32.11 21.10 14.24
C ILE D 127 32.92 20.71 13.02
N ILE D 128 32.55 19.61 12.38
CA ILE D 128 33.29 19.08 11.24
C ILE D 128 32.58 19.37 9.92
N LEU D 129 31.39 19.95 10.02
CA LEU D 129 30.62 20.32 8.85
C LEU D 129 29.77 21.54 9.15
N LYS D 130 29.87 22.55 8.28
CA LYS D 130 29.03 23.74 8.37
C LYS D 130 28.39 23.99 7.01
N TYR D 131 27.06 23.92 6.95
CA TYR D 131 26.33 24.09 5.72
C TYR D 131 25.27 25.19 5.81
N ARG D 132 25.36 26.18 4.94
CA ARG D 132 24.35 27.22 4.83
C ARG D 132 23.42 26.91 3.66
N LYS D 133 22.13 26.80 3.94
CA LYS D 133 21.14 26.35 2.95
C LYS D 133 21.24 27.06 1.60
N LEU D 134 21.60 26.29 0.58
CA LEU D 134 21.77 26.81 -0.77
C LEU D 134 20.45 27.19 -1.42
N PHE D 135 19.37 26.53 -1.01
CA PHE D 135 18.06 26.77 -1.60
C PHE D 135 16.98 27.09 -0.57
N PRO D 136 16.93 28.35 -0.11
CA PRO D 136 15.87 28.78 0.80
C PRO D 136 14.48 28.54 0.20
N TRP D 137 13.53 28.18 1.04
CA TRP D 137 12.17 27.83 0.60
C TRP D 137 11.37 29.08 0.22
N ASN D 138 11.74 29.69 -0.90
CA ASN D 138 11.08 30.91 -1.39
C ASN D 138 9.65 30.61 -1.87
N PRO D 139 8.73 31.58 -1.74
CA PRO D 139 8.93 32.94 -1.24
C PRO D 139 8.74 33.15 0.26
N ILE D 140 8.46 32.09 1.01
CA ILE D 140 8.20 32.24 2.45
C ILE D 140 9.46 32.48 3.28
N GLU D 141 10.59 31.96 2.82
CA GLU D 141 11.85 32.06 3.55
C GLU D 141 12.76 33.16 3.02
N PRO D 142 13.23 34.05 3.92
CA PRO D 142 14.02 35.23 3.58
C PRO D 142 15.51 35.04 3.80
N TRP D 143 15.96 33.80 3.96
CA TRP D 143 17.36 33.51 4.27
C TRP D 143 18.25 33.72 3.04
N TYR D 144 19.50 34.11 3.30
CA TYR D 144 20.45 34.35 2.23
C TYR D 144 20.96 33.02 1.65
N PRO D 145 21.03 32.92 0.32
CA PRO D 145 21.60 31.75 -0.34
C PRO D 145 23.01 31.45 0.16
N GLY D 146 23.22 30.21 0.62
CA GLY D 146 24.50 29.80 1.18
C GLY D 146 25.69 29.97 0.25
N ASP D 147 26.87 30.13 0.83
CA ASP D 147 28.08 30.40 0.06
C ASP D 147 29.18 29.37 0.33
N LEU D 148 28.82 28.30 1.02
CA LEU D 148 29.79 27.27 1.42
C LEU D 148 29.65 25.99 0.62
N GLY D 149 28.79 26.02 -0.40
CA GLY D 149 28.57 24.87 -1.27
C GLY D 149 27.92 23.72 -0.54
N MET D 150 28.15 22.51 -1.03
CA MET D 150 27.67 21.30 -0.37
C MET D 150 28.85 20.52 0.21
N PRO D 151 29.10 20.71 1.52
CA PRO D 151 30.25 20.08 2.18
C PRO D 151 30.00 18.64 2.61
N VAL D 152 31.08 17.88 2.76
CA VAL D 152 31.02 16.49 3.20
C VAL D 152 32.05 16.28 4.30
N CYS D 153 31.70 15.47 5.30
CA CYS D 153 32.62 15.18 6.39
C CYS D 153 32.75 13.68 6.65
N GLU D 154 33.60 13.32 7.60
CA GLU D 154 33.77 11.94 8.01
C GLU D 154 32.86 11.65 9.20
N GLY D 155 32.01 10.64 9.05
CA GLY D 155 31.10 10.26 10.12
C GLY D 155 31.46 8.93 10.76
N PRO D 156 30.56 8.39 11.59
CA PRO D 156 30.78 7.11 12.26
C PRO D 156 30.57 5.92 11.33
N GLY D 157 31.15 4.78 11.68
CA GLY D 157 30.92 3.52 10.98
C GLY D 157 31.29 3.49 9.50
N GLY D 158 32.22 4.34 9.11
CA GLY D 158 32.69 4.39 7.72
C GLY D 158 31.87 5.29 6.81
N SER D 159 30.98 6.07 7.40
CA SER D 159 30.11 6.95 6.63
C SER D 159 30.79 8.24 6.18
N LYS D 160 30.30 8.80 5.07
CA LYS D 160 30.66 10.15 4.65
C LYS D 160 29.37 10.97 4.61
N LEU D 161 29.20 11.82 5.62
CA LEU D 161 27.93 12.52 5.82
C LEU D 161 27.88 13.85 5.09
N ALA D 162 26.71 14.16 4.54
CA ALA D 162 26.41 15.50 4.05
C ALA D 162 25.02 15.86 4.55
N VAL D 163 24.77 17.15 4.70
CA VAL D 163 23.46 17.61 5.18
C VAL D 163 22.84 18.64 4.25
N CYS D 164 21.59 18.42 3.89
CA CYS D 164 20.81 19.42 3.17
C CYS D 164 19.62 19.78 4.05
N ILE D 165 19.00 20.92 3.76
CA ILE D 165 17.97 21.44 4.63
C ILE D 165 16.62 21.54 3.92
N SER D 166 15.65 20.77 4.41
CA SER D 166 14.27 20.76 3.89
C SER D 166 14.12 20.87 2.37
N HIS D 167 13.93 22.10 1.90
CA HIS D 167 13.67 22.38 0.49
C HIS D 167 14.83 21.98 -0.44
N ASP D 168 16.05 22.01 0.08
CA ASP D 168 17.21 21.54 -0.66
C ASP D 168 16.97 20.15 -1.25
N GLY D 169 16.26 19.31 -0.51
CA GLY D 169 16.05 17.91 -0.88
C GLY D 169 15.18 17.65 -2.10
N MET D 170 14.46 18.67 -2.56
CA MET D 170 13.67 18.53 -3.78
C MET D 170 14.53 18.75 -5.02
N ILE D 171 15.80 19.12 -4.80
CA ILE D 171 16.74 19.41 -5.87
C ILE D 171 17.75 18.27 -6.03
N PRO D 172 17.52 17.39 -7.01
CA PRO D 172 18.35 16.20 -7.20
C PRO D 172 19.79 16.52 -7.56
N GLU D 173 20.00 17.68 -8.19
CA GLU D 173 21.34 18.17 -8.50
C GLU D 173 22.16 18.32 -7.22
N LEU D 174 21.51 18.79 -6.15
CA LEU D 174 22.19 18.94 -4.87
C LEU D 174 22.53 17.59 -4.24
N ALA D 175 21.61 16.64 -4.36
CA ALA D 175 21.85 15.27 -3.90
C ALA D 175 22.98 14.64 -4.72
N ARG D 176 23.00 14.94 -6.02
CA ARG D 176 24.08 14.51 -6.90
C ARG D 176 25.40 15.11 -6.45
N GLU D 177 25.36 16.41 -6.10
CA GLU D 177 26.55 17.14 -5.68
C GLU D 177 27.17 16.57 -4.40
N ALA D 178 26.32 16.23 -3.44
CA ALA D 178 26.79 15.63 -2.18
C ALA D 178 27.50 14.31 -2.45
N ALA D 179 26.89 13.48 -3.30
CA ALA D 179 27.45 12.19 -3.67
C ALA D 179 28.73 12.33 -4.48
N TYR D 180 28.74 13.29 -5.40
CA TYR D 180 29.91 13.59 -6.22
C TYR D 180 31.15 13.85 -5.37
N LYS D 181 30.95 14.42 -4.18
CA LYS D 181 32.05 14.72 -3.28
C LYS D 181 32.28 13.61 -2.25
N GLY D 182 31.60 12.48 -2.42
CA GLY D 182 31.88 11.28 -1.64
C GLY D 182 30.79 10.83 -0.67
N CYS D 183 29.76 11.65 -0.50
CA CYS D 183 28.72 11.35 0.47
C CYS D 183 28.01 10.02 0.21
N ASN D 184 27.96 9.17 1.24
CA ASN D 184 27.22 7.91 1.16
C ASN D 184 26.06 7.84 2.14
N VAL D 185 25.93 8.86 2.99
CA VAL D 185 24.79 9.00 3.89
C VAL D 185 24.27 10.45 3.83
N TYR D 186 23.15 10.65 3.13
CA TYR D 186 22.63 11.98 2.85
C TYR D 186 21.57 12.39 3.86
N ILE D 187 21.91 13.36 4.72
CA ILE D 187 21.02 13.77 5.80
C ILE D 187 20.17 14.99 5.40
N ARG D 188 18.88 14.92 5.73
CA ARG D 188 17.96 16.00 5.39
C ARG D 188 17.19 16.44 6.62
N ILE D 189 17.61 17.54 7.23
CA ILE D 189 16.87 18.11 8.35
C ILE D 189 15.84 19.09 7.80
N SER D 190 14.64 19.05 8.34
CA SER D 190 13.51 19.68 7.65
C SER D 190 12.49 20.35 8.56
N GLY D 191 11.91 21.44 8.06
CA GLY D 191 10.85 22.16 8.77
C GLY D 191 9.70 22.58 7.86
N TYR D 192 9.18 21.61 7.10
CA TYR D 192 7.99 21.82 6.25
C TYR D 192 6.71 21.91 7.12
N SER D 193 5.62 21.17 6.84
CA SER D 193 5.42 20.28 5.69
C SER D 193 3.96 20.26 5.26
N GLN D 195 2.03 20.08 3.20
CA GLN D 195 1.57 20.47 1.88
C GLN D 195 2.42 19.73 0.86
N VAL D 196 3.54 19.19 1.34
CA VAL D 196 4.50 18.50 0.49
C VAL D 196 4.90 17.16 1.15
N ASN D 197 4.01 16.64 1.98
CA ASN D 197 4.25 15.40 2.72
C ASN D 197 4.58 14.19 1.85
N ASP D 198 3.85 14.01 0.76
CA ASP D 198 4.05 12.86 -0.12
C ASP D 198 5.32 12.99 -0.95
N GLN D 199 5.58 14.21 -1.43
CA GLN D 199 6.74 14.48 -2.26
C GLN D 199 8.03 14.45 -1.45
N TRP D 200 7.90 14.60 -0.14
CA TRP D 200 9.03 14.47 0.79
C TRP D 200 9.49 13.01 0.84
N ILE D 201 8.55 12.10 1.02
CA ILE D 201 8.83 10.67 1.00
C ILE D 201 9.36 10.23 -0.37
N LEU D 202 8.80 10.83 -1.42
CA LEU D 202 9.20 10.54 -2.79
C LEU D 202 10.66 10.92 -3.07
N THR D 203 11.05 12.11 -2.64
CA THR D 203 12.39 12.62 -2.94
C THR D 203 13.48 12.01 -2.06
N ASN D 204 13.12 11.58 -0.86
CA ASN D 204 14.07 10.88 0.02
C ASN D 204 14.51 9.56 -0.60
N ARG D 205 13.60 8.92 -1.33
CA ARG D 205 13.89 7.65 -2.00
C ARG D 205 14.68 7.87 -3.27
N SER D 206 14.30 8.88 -4.05
CA SER D 206 14.97 9.16 -5.31
C SER D 206 16.38 9.72 -5.09
N ASN D 207 16.55 10.58 -4.10
CA ASN D 207 17.89 11.07 -3.75
C ASN D 207 18.82 9.92 -3.42
N ALA D 208 18.26 8.88 -2.81
CA ALA D 208 19.01 7.68 -2.46
C ALA D 208 19.37 6.84 -3.69
N TRP D 209 18.35 6.49 -4.48
CA TRP D 209 18.54 5.62 -5.62
C TRP D 209 19.39 6.25 -6.73
N HIS D 210 19.18 7.53 -7.00
CA HIS D 210 19.91 8.23 -8.04
C HIS D 210 21.42 8.16 -7.85
N ASN D 211 21.86 8.06 -6.61
CA ASN D 211 23.26 8.27 -6.27
C ASN D 211 23.92 7.11 -5.54
N LEU D 212 23.14 6.06 -5.30
CA LEU D 212 23.64 4.88 -4.58
C LEU D 212 24.20 5.24 -3.22
N MET D 213 23.36 5.91 -2.42
CA MET D 213 23.72 6.29 -1.07
C MET D 213 22.49 6.21 -0.17
N TYR D 214 22.72 6.09 1.14
CA TYR D 214 21.64 6.11 2.11
C TYR D 214 21.10 7.54 2.23
N THR D 215 19.84 7.65 2.65
CA THR D 215 19.27 8.93 3.03
C THR D 215 18.57 8.81 4.37
N VAL D 216 18.98 9.65 5.32
CA VAL D 216 18.32 9.72 6.62
C VAL D 216 17.70 11.10 6.75
N SER D 217 16.39 11.15 6.88
CA SER D 217 15.67 12.43 6.88
C SER D 217 14.70 12.53 8.04
N VAL D 218 14.51 13.74 8.54
CA VAL D 218 13.58 13.99 9.64
C VAL D 218 13.04 15.41 9.57
N ASN D 219 11.72 15.53 9.68
CA ASN D 219 11.07 16.82 9.64
C ASN D 219 10.66 17.28 11.03
N LEU D 220 10.55 18.60 11.18
CA LEU D 220 10.13 19.23 12.43
C LEU D 220 8.66 18.94 12.70
N ALA D 221 8.12 19.60 13.73
CA ALA D 221 6.73 19.39 14.12
C ALA D 221 6.14 20.53 14.97
N GLY D 222 5.47 21.49 14.31
CA GLY D 222 4.60 22.44 15.01
C GLY D 222 4.96 23.91 15.07
N TYR D 223 3.93 24.77 15.20
CA TYR D 223 4.13 26.23 15.38
C TYR D 223 2.87 27.08 15.64
N ASP D 224 1.67 26.51 15.50
CA ASP D 224 0.47 27.36 15.40
C ASP D 224 -0.06 27.90 16.74
N ASN D 225 0.82 27.92 17.74
CA ASN D 225 0.47 28.21 19.14
C ASN D 225 -0.08 26.99 19.88
N VAL D 226 -0.45 25.95 19.11
CA VAL D 226 -0.85 24.66 19.67
C VAL D 226 -0.42 23.47 18.79
N PHE D 227 -0.46 23.67 17.46
CA PHE D 227 -0.17 22.63 16.46
C PHE D 227 1.29 22.17 16.51
N TYR D 228 1.49 20.85 16.45
CA TYR D 228 2.83 20.26 16.47
C TYR D 228 3.00 19.11 15.46
N TYR D 229 1.92 18.64 14.86
CA TYR D 229 1.94 17.40 14.09
C TYR D 229 2.16 17.66 12.60
N PHE D 230 3.37 18.07 12.25
CA PHE D 230 3.71 18.47 10.88
C PHE D 230 4.51 17.44 10.10
N GLY D 231 3.81 16.49 9.49
CA GLY D 231 4.44 15.44 8.70
C GLY D 231 5.14 14.42 9.55
N GLY D 233 10.11 11.32 9.12
CA GLY D 233 11.21 10.51 9.65
C GLY D 233 11.42 9.30 8.77
N GLN D 234 12.49 9.32 7.99
CA GLN D 234 12.67 8.31 6.94
C GLN D 234 14.12 7.90 6.72
N ILE D 235 14.36 6.59 6.75
CA ILE D 235 15.66 6.03 6.39
C ILE D 235 15.49 5.19 5.13
N CYS D 236 16.22 5.56 4.07
CA CYS D 236 16.15 4.83 2.81
C CYS D 236 17.47 4.13 2.49
N ASN D 237 17.36 2.91 1.97
CA ASN D 237 18.51 2.16 1.49
C ASN D 237 19.10 2.82 0.24
N PHE D 238 20.30 2.42 -0.13
CA PHE D 238 21.01 3.04 -1.26
C PHE D 238 20.34 2.77 -2.62
N ASP D 239 19.49 1.76 -2.67
CA ASP D 239 18.72 1.47 -3.88
C ASP D 239 17.34 2.14 -3.87
N GLY D 240 17.09 2.95 -2.84
CA GLY D 240 15.86 3.73 -2.76
C GLY D 240 14.77 3.15 -1.86
N THR D 241 14.94 1.90 -1.47
CA THR D 241 13.95 1.22 -0.63
C THR D 241 13.85 1.85 0.76
N THR D 242 12.64 2.21 1.16
CA THR D 242 12.39 2.75 2.49
C THR D 242 12.53 1.63 3.53
N LEU D 243 13.35 1.88 4.54
CA LEU D 243 13.59 0.90 5.60
C LEU D 243 12.84 1.25 6.88
N VAL D 244 12.86 2.53 7.26
CA VAL D 244 12.17 2.98 8.47
C VAL D 244 11.35 4.23 8.16
N GLN D 245 10.14 4.30 8.72
CA GLN D 245 9.21 5.40 8.43
C GLN D 245 8.43 5.83 9.67
N GLY D 246 8.56 7.09 10.05
CA GLY D 246 7.87 7.64 11.21
C GLY D 246 6.42 7.99 10.94
N HIS D 247 5.58 7.85 11.97
CA HIS D 247 4.13 8.06 11.84
C HIS D 247 3.59 9.05 12.88
N ASN D 249 3.90 11.46 15.38
CA ASN D 249 4.05 12.20 16.62
C ASN D 249 5.05 13.33 16.49
N PRO D 250 4.83 14.42 17.25
CA PRO D 250 5.98 15.17 17.71
C PRO D 250 6.70 14.28 18.72
N TRP D 251 8.03 14.33 18.74
CA TRP D 251 8.84 13.50 19.63
C TRP D 251 9.09 12.08 19.14
N GLU D 252 8.59 11.74 17.95
CA GLU D 252 8.81 10.40 17.42
C GLU D 252 10.26 10.17 17.01
N ILE D 253 10.83 9.06 17.45
CA ILE D 253 12.21 8.75 17.16
C ILE D 253 12.30 7.68 16.06
N VAL D 254 13.07 7.98 15.02
CA VAL D 254 13.29 7.04 13.94
C VAL D 254 14.72 6.50 14.03
N THR D 255 14.84 5.18 14.19
CA THR D 255 16.15 4.55 14.35
C THR D 255 16.37 3.44 13.31
N GLY D 256 17.63 3.09 13.11
CA GLY D 256 18.00 2.02 12.19
C GLY D 256 19.50 1.92 12.02
N GLU D 257 19.97 0.73 11.63
CA GLU D 257 21.39 0.52 11.38
C GLU D 257 21.70 0.81 9.91
N ILE D 258 22.74 1.60 9.68
CA ILE D 258 23.16 1.98 8.33
C ILE D 258 24.50 1.33 8.02
N TYR D 259 24.60 0.69 6.86
CA TYR D 259 25.85 0.06 6.45
C TYR D 259 26.40 0.74 5.19
N PRO D 260 27.13 1.86 5.39
CA PRO D 260 27.64 2.69 4.29
C PRO D 260 28.61 1.97 3.38
N LYS D 261 29.26 0.93 3.90
CA LYS D 261 30.22 0.14 3.11
C LYS D 261 29.51 -0.56 1.95
N MET D 262 28.27 -0.97 2.20
CA MET D 262 27.47 -1.63 1.17
C MET D 262 27.08 -0.66 0.05
N ALA D 263 26.91 0.61 0.41
CA ALA D 263 26.64 1.65 -0.56
C ALA D 263 27.92 1.96 -1.35
N ASP D 264 29.04 2.02 -0.64
CA ASP D 264 30.34 2.21 -1.26
C ASP D 264 30.62 1.11 -2.29
N ASN D 265 30.41 -0.13 -1.87
CA ASN D 265 30.64 -1.30 -2.72
C ASN D 265 29.80 -1.32 -3.99
N ALA D 266 28.54 -0.89 -3.88
CA ALA D 266 27.65 -0.83 -5.03
C ALA D 266 28.20 0.09 -6.11
N ARG D 267 28.68 1.26 -5.68
CA ARG D 267 29.29 2.24 -6.59
C ARG D 267 30.53 1.68 -7.29
N LEU D 268 31.29 0.86 -6.57
CA LEU D 268 32.48 0.24 -7.13
C LEU D 268 32.15 -0.99 -7.98
N SER D 269 31.10 -1.71 -7.60
CA SER D 269 30.81 -3.02 -8.18
C SER D 269 29.80 -3.02 -9.32
N TRP D 270 28.75 -2.21 -9.19
CA TRP D 270 27.61 -2.25 -10.12
C TRP D 270 27.97 -1.80 -11.54
N GLY D 271 27.34 -2.43 -12.52
CA GLY D 271 27.52 -2.06 -13.92
C GLY D 271 26.23 -1.51 -14.49
N LEU D 272 25.28 -2.40 -14.76
CA LEU D 272 23.96 -2.00 -15.28
C LEU D 272 23.28 -0.97 -14.41
N GLU D 273 23.62 -0.96 -13.13
CA GLU D 273 22.87 -0.16 -12.17
C GLU D 273 23.59 1.11 -11.71
N ASN D 274 24.75 1.39 -12.30
CA ASN D 274 25.63 2.46 -11.80
C ASN D 274 25.37 3.82 -12.46
N ASN D 275 24.21 4.40 -12.15
CA ASN D 275 23.73 5.59 -12.84
C ASN D 275 24.57 6.86 -12.62
N ILE D 276 25.10 7.02 -11.41
CA ILE D 276 25.93 8.18 -11.07
C ILE D 276 27.21 8.23 -11.91
N TYR D 277 27.73 7.07 -12.28
CA TYR D 277 28.90 6.98 -13.15
C TYR D 277 28.51 7.26 -14.60
N ASN D 278 27.41 6.66 -15.04
CA ASN D 278 26.92 6.79 -16.41
C ASN D 278 26.73 8.23 -16.87
N LEU D 279 26.33 9.10 -15.94
CA LEU D 279 26.07 10.51 -16.23
C LEU D 279 27.27 11.22 -16.87
N GLY D 280 28.47 10.87 -16.41
CA GLY D 280 29.69 11.46 -16.94
C GLY D 280 30.43 10.56 -17.92
N HIS D 281 29.87 9.37 -18.16
CA HIS D 281 30.48 8.42 -19.07
C HIS D 281 29.42 7.71 -19.93
N ARG D 282 28.67 8.53 -20.67
CA ARG D 282 27.58 8.06 -21.53
C ARG D 282 28.03 6.91 -22.43
N GLY D 289 35.75 5.48 -23.09
CA GLY D 289 35.46 6.04 -21.77
C GLY D 289 34.17 6.83 -21.74
N GLY D 290 33.39 6.73 -22.81
CA GLY D 290 32.11 7.41 -22.89
C GLY D 290 32.24 8.83 -23.40
N GLU D 291 31.09 9.48 -23.64
CA GLU D 291 31.07 10.88 -24.04
C GLU D 291 30.92 11.75 -22.80
N HIS D 292 31.92 12.60 -22.57
CA HIS D 292 31.98 13.41 -21.36
C HIS D 292 31.02 14.60 -21.41
N ASP D 293 30.67 15.03 -22.61
CA ASP D 293 29.65 16.05 -22.80
C ASP D 293 28.28 15.36 -22.68
N ALA D 294 27.46 15.84 -21.76
CA ALA D 294 26.15 15.24 -21.51
C ALA D 294 25.11 15.75 -22.50
N GLY D 295 25.43 16.83 -23.19
CA GLY D 295 24.52 17.43 -24.16
C GLY D 295 23.31 18.06 -23.50
N THR D 297 22.74 21.41 -22.23
CA THR D 297 22.84 22.69 -22.94
C THR D 297 21.64 22.91 -23.87
N ILE D 299 22.75 21.33 -18.95
CA ILE D 299 23.13 21.97 -17.70
C ILE D 299 23.87 23.28 -17.95
N LYS D 300 24.64 23.31 -19.04
CA LYS D 300 25.64 24.36 -19.33
C LYS D 300 25.27 25.78 -18.88
N ASP D 301 24.02 26.18 -19.08
CA ASP D 301 23.59 27.52 -18.68
C ASP D 301 23.80 27.78 -17.19
N LEU D 302 23.63 26.75 -16.36
CA LEU D 302 23.74 26.86 -14.92
C LEU D 302 25.18 27.14 -14.46
N ALA D 303 26.14 26.54 -15.14
CA ALA D 303 27.56 26.74 -14.82
C ALA D 303 27.98 28.18 -15.06
N ALA D 304 27.49 28.75 -16.16
CA ALA D 304 27.82 30.12 -16.54
C ALA D 304 26.91 31.12 -15.82
N GLY D 305 25.93 30.60 -15.09
CA GLY D 305 25.01 31.44 -14.32
C GLY D 305 23.94 32.08 -15.17
N LYS D 306 23.52 31.37 -16.22
CA LYS D 306 22.50 31.88 -17.15
C LYS D 306 21.30 30.95 -17.29
N TYR D 307 21.05 30.14 -16.26
CA TYR D 307 19.88 29.26 -16.23
C TYR D 307 18.60 30.11 -16.38
N LYS D 308 17.89 29.90 -17.47
CA LYS D 308 16.69 30.68 -17.76
C LYS D 308 15.59 29.82 -18.34
N LEU D 309 14.47 29.74 -17.64
CA LEU D 309 13.29 29.03 -18.13
C LEU D 309 12.54 29.88 -19.16
N PRO D 310 11.97 29.23 -20.20
CA PRO D 310 11.25 29.91 -21.27
C PRO D 310 9.98 30.62 -20.82
N TRP D 311 9.49 30.32 -19.62
CA TRP D 311 8.24 30.88 -19.13
C TRP D 311 8.40 31.84 -17.95
N GLU D 312 9.62 32.33 -17.74
CA GLU D 312 9.91 33.19 -16.59
C GLU D 312 9.17 34.52 -16.59
N ASP D 313 8.86 35.03 -17.78
CA ASP D 313 8.23 36.36 -17.91
C ASP D 313 6.78 36.43 -17.44
N HIS D 314 6.10 35.30 -17.42
CA HIS D 314 4.67 35.29 -17.05
C HIS D 314 4.41 34.65 -15.69
N MET D 315 5.46 34.46 -14.91
CA MET D 315 5.35 33.88 -13.58
C MET D 315 4.84 34.91 -12.57
N LYS D 316 4.02 34.45 -11.63
CA LYS D 316 3.42 35.34 -10.63
C LYS D 316 4.29 35.53 -9.39
N ILE D 317 5.16 34.57 -9.10
CA ILE D 317 5.96 34.63 -7.87
C ILE D 317 7.47 34.54 -8.15
N LYS D 318 8.10 35.70 -8.18
CA LYS D 318 9.55 35.79 -8.38
C LYS D 318 10.19 36.61 -7.28
N ASP D 319 9.36 37.04 -6.32
CA ASP D 319 9.82 37.71 -5.12
C ASP D 319 8.95 37.30 -3.93
N GLY D 320 9.17 37.93 -2.77
CA GLY D 320 8.46 37.55 -1.56
C GLY D 320 7.37 38.52 -1.13
N SER D 321 6.75 39.20 -2.09
CA SER D 321 5.73 40.20 -1.79
C SER D 321 4.40 39.57 -1.36
N ILE D 322 4.23 38.30 -1.68
CA ILE D 322 3.02 37.55 -1.31
C ILE D 322 2.96 37.33 0.20
N TYR D 323 4.13 37.21 0.82
CA TYR D 323 4.22 37.05 2.27
C TYR D 323 4.60 38.36 2.97
N GLY D 324 4.63 39.45 2.20
CA GLY D 324 4.83 40.78 2.75
C GLY D 324 6.26 41.24 2.93
N TYR D 325 7.21 40.49 2.35
CA TYR D 325 8.61 40.88 2.37
C TYR D 325 8.88 41.98 1.34
N PRO D 326 9.86 42.86 1.63
CA PRO D 326 10.31 43.83 0.63
C PRO D 326 11.03 43.14 -0.52
N THR D 327 11.03 43.75 -1.70
CA THR D 327 11.47 43.08 -2.92
C THR D 327 12.78 43.62 -3.48
N THR D 328 13.61 44.21 -2.61
CA THR D 328 14.85 44.86 -3.05
C THR D 328 16.09 44.25 -2.41
N GLY D 329 15.90 43.22 -1.59
CA GLY D 329 17.01 42.59 -0.89
C GLY D 329 17.53 43.44 0.25
N GLY D 330 18.80 43.26 0.59
CA GLY D 330 19.40 43.97 1.73
C GLY D 330 18.99 43.36 3.05
N ARG D 331 19.13 44.13 4.13
CA ARG D 331 18.80 43.65 5.46
C ARG D 331 17.42 44.13 5.91
N PHE D 332 16.52 43.18 6.17
CA PHE D 332 15.18 43.50 6.65
C PHE D 332 14.67 42.54 7.72
N GLY D 333 13.68 42.99 8.48
CA GLY D 333 13.07 42.18 9.53
C GLY D 333 13.85 42.19 10.83
N LYS D 334 14.81 43.10 10.94
CA LYS D 334 15.67 43.19 12.12
C LYS D 334 15.09 44.15 13.16
N GLY E 13 28.91 -9.97 -0.87
CA GLY E 13 28.01 -11.16 -0.86
C GLY E 13 27.87 -11.80 -2.22
N PHE E 14 26.64 -12.13 -2.60
CA PHE E 14 26.38 -12.80 -3.88
C PHE E 14 25.08 -12.33 -4.53
N LEU E 15 24.92 -12.65 -5.81
CA LEU E 15 23.74 -12.30 -6.58
C LEU E 15 22.87 -13.53 -6.80
N VAL E 16 21.56 -13.38 -6.61
CA VAL E 16 20.63 -14.50 -6.74
C VAL E 16 19.60 -14.28 -7.85
N ALA E 17 19.15 -15.36 -8.46
CA ALA E 17 18.07 -15.31 -9.45
C ALA E 17 17.03 -16.38 -9.13
N ALA E 18 15.76 -15.98 -9.11
CA ALA E 18 14.66 -16.90 -8.88
C ALA E 18 13.68 -16.83 -10.05
N ILE E 19 13.42 -17.99 -10.67
CA ILE E 19 12.60 -18.01 -11.87
C ILE E 19 11.20 -18.51 -11.54
N GLN E 20 10.20 -17.69 -11.86
CA GLN E 20 8.82 -18.13 -11.80
C GLN E 20 8.54 -19.01 -13.01
N PHE E 21 9.05 -20.24 -12.94
CA PHE E 21 9.02 -21.18 -14.06
C PHE E 21 7.59 -21.61 -14.38
N PRO E 22 7.26 -21.70 -15.68
CA PRO E 22 6.00 -22.30 -16.08
C PRO E 22 6.17 -23.76 -16.40
N VAL E 23 5.43 -24.63 -15.71
CA VAL E 23 5.40 -26.01 -16.13
C VAL E 23 4.15 -26.26 -16.95
N PRO E 24 4.34 -26.55 -18.25
CA PRO E 24 3.30 -27.10 -19.10
C PRO E 24 2.75 -28.39 -18.51
N ILE E 25 1.77 -28.98 -19.18
CA ILE E 25 1.11 -30.17 -18.69
C ILE E 25 2.00 -31.38 -18.96
N VAL E 26 2.13 -32.24 -17.96
CA VAL E 26 2.93 -33.44 -18.08
C VAL E 26 2.04 -34.68 -18.19
N ASN E 27 2.16 -35.38 -19.31
CA ASN E 27 1.35 -36.56 -19.58
C ASN E 27 2.18 -37.83 -19.74
N SER E 28 3.49 -37.67 -19.87
CA SER E 28 4.40 -38.80 -20.07
C SER E 28 5.83 -38.48 -19.64
N ARG E 29 6.70 -39.48 -19.72
CA ARG E 29 8.12 -39.32 -19.41
C ARG E 29 8.77 -38.35 -20.38
N LYS E 30 8.30 -38.36 -21.63
CA LYS E 30 8.79 -37.45 -22.67
C LYS E 30 8.68 -35.99 -22.21
N ASP E 31 7.54 -35.64 -21.62
CA ASP E 31 7.31 -34.28 -21.12
C ASP E 31 8.24 -33.91 -19.98
N ILE E 32 8.56 -34.88 -19.12
CA ILE E 32 9.48 -34.68 -18.02
C ILE E 32 10.88 -34.36 -18.56
N ASP E 33 11.29 -35.10 -19.58
CA ASP E 33 12.56 -34.86 -20.26
C ASP E 33 12.60 -33.48 -20.90
N HIS E 34 11.46 -33.05 -21.44
CA HIS E 34 11.33 -31.73 -22.06
C HIS E 34 11.49 -30.62 -21.02
N ASN E 35 10.89 -30.84 -19.85
CA ASN E 35 11.01 -29.91 -18.73
C ASN E 35 12.45 -29.78 -18.25
N ILE E 36 13.14 -30.91 -18.18
CA ILE E 36 14.53 -30.94 -17.74
C ILE E 36 15.42 -30.10 -18.66
N GLU E 37 15.25 -30.27 -19.97
CA GLU E 37 16.06 -29.53 -20.94
C GLU E 37 15.69 -28.05 -20.96
N SER E 38 14.42 -27.75 -20.73
CA SER E 38 13.95 -26.37 -20.65
C SER E 38 14.52 -25.66 -19.43
N ILE E 39 14.56 -26.36 -18.30
CA ILE E 39 15.14 -25.82 -17.07
C ILE E 39 16.64 -25.56 -17.25
N ILE E 40 17.32 -26.51 -17.90
CA ILE E 40 18.73 -26.37 -18.23
C ILE E 40 18.94 -25.20 -19.20
N ARG E 41 18.10 -25.12 -20.23
CA ARG E 41 18.11 -23.99 -21.16
C ARG E 41 17.95 -22.66 -20.42
N THR E 42 17.03 -22.65 -19.45
CA THR E 42 16.76 -21.45 -18.65
C THR E 42 17.95 -21.06 -17.78
N LEU E 43 18.63 -22.06 -17.22
CA LEU E 43 19.78 -21.82 -16.35
C LEU E 43 20.94 -21.16 -17.09
N HIS E 44 21.23 -21.66 -18.29
CA HIS E 44 22.32 -21.11 -19.10
C HIS E 44 21.99 -19.72 -19.62
N ALA E 45 20.72 -19.49 -19.93
CA ALA E 45 20.26 -18.20 -20.43
C ALA E 45 20.25 -17.13 -19.35
N THR E 46 19.99 -17.55 -18.12
CA THR E 46 19.98 -16.67 -16.96
C THR E 46 21.40 -16.26 -16.60
N LYS E 47 22.34 -17.20 -16.73
CA LYS E 47 23.75 -16.94 -16.47
C LYS E 47 24.33 -16.00 -17.52
N ALA E 48 23.88 -16.14 -18.76
CA ALA E 48 24.33 -15.28 -19.85
C ALA E 48 23.78 -13.86 -19.68
N GLY E 49 22.53 -13.77 -19.24
CA GLY E 49 21.89 -12.48 -18.98
C GLY E 49 22.42 -11.80 -17.74
N TYR E 50 22.68 -12.60 -16.70
CA TYR E 50 23.22 -12.10 -15.43
C TYR E 50 24.57 -12.76 -15.14
N PRO E 51 25.64 -12.27 -15.78
CA PRO E 51 26.95 -12.92 -15.68
C PRO E 51 27.53 -13.04 -14.26
N GLY E 52 26.99 -12.26 -13.32
CA GLY E 52 27.44 -12.30 -11.94
C GLY E 52 26.67 -13.22 -11.00
N VAL E 53 25.55 -13.75 -11.47
CA VAL E 53 24.70 -14.62 -10.64
C VAL E 53 25.42 -15.90 -10.21
N GLU E 54 25.25 -16.27 -8.94
CA GLU E 54 25.87 -17.47 -8.40
C GLU E 54 24.85 -18.48 -7.91
N LEU E 55 23.62 -18.02 -7.70
CA LEU E 55 22.55 -18.89 -7.21
C LEU E 55 21.30 -18.76 -8.08
N ILE E 56 20.96 -19.84 -8.78
CA ILE E 56 19.77 -19.89 -9.62
C ILE E 56 18.76 -20.87 -9.04
N ILE E 57 17.54 -20.40 -8.82
CA ILE E 57 16.53 -21.16 -8.10
C ILE E 57 15.28 -21.45 -8.95
N PHE E 58 14.93 -22.74 -9.02
CA PHE E 58 13.74 -23.19 -9.73
C PHE E 58 12.73 -23.74 -8.73
N PRO E 59 11.44 -23.56 -9.01
CA PRO E 59 10.38 -23.91 -8.05
C PRO E 59 10.06 -25.40 -7.97
N GLU E 60 9.21 -25.74 -7.01
CA GLU E 60 8.69 -27.09 -6.84
C GLU E 60 7.85 -27.51 -8.05
N TYR E 61 7.96 -28.79 -8.42
CA TYR E 61 7.22 -29.38 -9.54
C TYR E 61 7.68 -28.91 -10.92
N SER E 62 8.82 -28.22 -10.99
CA SER E 62 9.30 -27.69 -12.27
C SER E 62 9.83 -28.78 -13.20
N THR E 63 10.14 -29.94 -12.63
CA THR E 63 10.64 -31.07 -13.42
C THR E 63 9.52 -31.98 -13.91
N GLN E 64 8.52 -32.21 -13.06
CA GLN E 64 7.56 -33.28 -13.29
C GLN E 64 6.09 -32.84 -13.31
N GLY E 65 5.84 -31.56 -13.04
CA GLY E 65 4.47 -31.02 -13.09
C GLY E 65 3.57 -31.50 -11.97
N LEU E 66 2.26 -31.27 -12.12
CA LEU E 66 1.28 -31.65 -11.10
C LEU E 66 0.11 -32.44 -11.66
N ASN E 67 0.42 -33.43 -12.50
CA ASN E 67 -0.60 -34.37 -12.97
C ASN E 67 -0.95 -35.31 -11.82
N THR E 68 -2.00 -34.96 -11.08
CA THR E 68 -2.37 -35.71 -9.87
C THR E 68 -2.88 -37.12 -10.15
N ALA E 69 -3.15 -37.42 -11.40
CA ALA E 69 -3.60 -38.75 -11.78
C ALA E 69 -2.44 -39.68 -12.11
N LYS E 70 -1.27 -39.10 -12.37
CA LYS E 70 -0.11 -39.90 -12.80
C LYS E 70 1.16 -39.68 -11.98
N TRP E 71 1.14 -38.73 -11.04
CA TRP E 71 2.38 -38.34 -10.34
C TRP E 71 2.89 -39.36 -9.31
N LEU E 72 2.09 -40.38 -9.02
CA LEU E 72 2.51 -41.45 -8.12
C LEU E 72 2.99 -42.69 -8.87
N SER E 73 2.80 -42.68 -10.19
CA SER E 73 3.20 -43.81 -11.02
C SER E 73 4.71 -43.82 -11.20
N GLU E 74 5.25 -44.98 -11.57
CA GLU E 74 6.69 -45.16 -11.73
C GLU E 74 7.28 -44.31 -12.86
N GLU E 75 6.50 -44.10 -13.91
CA GLU E 75 6.93 -43.30 -15.06
C GLU E 75 7.21 -41.85 -14.69
N PHE E 76 6.51 -41.35 -13.67
CA PHE E 76 6.60 -39.95 -13.27
C PHE E 76 7.59 -39.73 -12.12
N LEU E 77 8.35 -40.77 -11.77
CA LEU E 77 9.27 -40.69 -10.64
C LEU E 77 10.72 -40.88 -11.06
N LEU E 78 11.62 -40.20 -10.35
CA LEU E 78 13.05 -40.26 -10.64
C LEU E 78 13.86 -40.67 -9.41
N ASP E 79 15.13 -41.00 -9.63
CA ASP E 79 16.05 -41.29 -8.53
C ASP E 79 16.90 -40.08 -8.18
N VAL E 80 17.25 -39.95 -6.91
CA VAL E 80 18.20 -38.94 -6.47
C VAL E 80 19.33 -39.60 -5.69
N PRO E 81 20.54 -39.63 -6.30
CA PRO E 81 20.84 -39.10 -7.62
C PRO E 81 20.46 -40.06 -8.74
N GLY E 82 20.33 -39.53 -9.95
CA GLY E 82 19.98 -40.32 -11.12
C GLY E 82 20.51 -39.67 -12.38
N LYS E 83 20.05 -40.16 -13.53
CA LYS E 83 20.52 -39.67 -14.83
C LYS E 83 20.05 -38.24 -15.11
N GLU E 84 18.98 -37.82 -14.45
CA GLU E 84 18.41 -36.50 -14.68
C GLU E 84 19.04 -35.45 -13.77
N THR E 85 19.31 -35.83 -12.52
CA THR E 85 19.99 -34.93 -11.59
C THR E 85 21.40 -34.63 -12.07
N GLU E 86 21.99 -35.60 -12.76
CA GLU E 86 23.33 -35.41 -13.32
C GLU E 86 23.33 -34.55 -14.57
N LEU E 87 22.18 -34.41 -15.21
CA LEU E 87 22.01 -33.43 -16.28
C LEU E 87 21.99 -32.03 -15.69
N TYR E 88 21.33 -31.88 -14.54
CA TYR E 88 21.32 -30.62 -13.82
C TYR E 88 22.71 -30.29 -13.29
N ALA E 89 23.44 -31.31 -12.85
CA ALA E 89 24.79 -31.16 -12.34
C ALA E 89 25.76 -30.73 -13.43
N LYS E 90 25.57 -31.28 -14.63
CA LYS E 90 26.40 -30.95 -15.78
C LYS E 90 26.19 -29.49 -16.17
N ALA E 91 24.93 -29.07 -16.22
CA ALA E 91 24.57 -27.69 -16.53
C ALA E 91 25.16 -26.70 -15.52
N CYS E 92 25.07 -27.04 -14.23
CA CYS E 92 25.59 -26.20 -13.17
C CYS E 92 27.11 -26.05 -13.24
N LYS E 93 27.78 -27.13 -13.63
CA LYS E 93 29.23 -27.11 -13.79
C LYS E 93 29.66 -26.27 -14.99
N GLU E 94 28.92 -26.38 -16.09
CA GLU E 94 29.24 -25.64 -17.31
C GLU E 94 29.03 -24.13 -17.11
N ALA E 95 28.03 -23.78 -16.32
CA ALA E 95 27.66 -22.39 -16.10
C ALA E 95 28.34 -21.80 -14.86
N LYS E 96 28.89 -22.67 -14.03
CA LYS E 96 29.59 -22.29 -12.79
C LYS E 96 28.66 -21.58 -11.80
N VAL E 97 27.54 -22.22 -11.49
CA VAL E 97 26.58 -21.66 -10.55
C VAL E 97 26.06 -22.71 -9.57
N TYR E 98 25.55 -22.23 -8.44
CA TYR E 98 24.76 -23.06 -7.55
C TYR E 98 23.35 -23.13 -8.15
N GLY E 99 22.78 -24.32 -8.20
CA GLY E 99 21.44 -24.51 -8.74
C GLY E 99 20.54 -25.23 -7.77
N VAL E 100 19.28 -24.82 -7.71
CA VAL E 100 18.29 -25.46 -6.86
C VAL E 100 17.23 -26.13 -7.73
N PHE E 101 17.06 -27.43 -7.56
CA PHE E 101 16.17 -28.21 -8.42
C PHE E 101 15.15 -29.02 -7.64
N SER E 102 14.05 -29.35 -8.30
CA SER E 102 12.95 -30.10 -7.69
C SER E 102 12.79 -31.45 -8.36
N ILE E 103 12.76 -32.51 -7.55
CA ILE E 103 12.56 -33.86 -8.05
C ILE E 103 11.58 -34.63 -7.15
N MET E 104 10.50 -35.14 -7.72
CA MET E 104 9.66 -36.10 -7.02
C MET E 104 10.42 -37.42 -7.01
N GLU E 105 10.89 -37.81 -5.82
CA GLU E 105 11.85 -38.91 -5.69
C GLU E 105 11.22 -40.24 -5.37
N ARG E 106 11.53 -41.24 -6.19
CA ARG E 106 11.12 -42.62 -5.95
C ARG E 106 11.73 -43.11 -4.63
N ASN E 107 10.88 -43.56 -3.73
CA ASN E 107 11.31 -44.06 -2.43
C ASN E 107 12.01 -45.42 -2.56
N PRO E 108 13.30 -45.48 -2.17
CA PRO E 108 14.08 -46.71 -2.16
C PRO E 108 13.32 -47.87 -1.51
N ASP E 109 12.59 -47.58 -0.44
CA ASP E 109 11.68 -48.54 0.18
C ASP E 109 10.40 -48.59 -0.64
N SER E 110 10.28 -49.62 -1.47
CA SER E 110 9.19 -49.72 -2.45
C SER E 110 7.80 -49.88 -1.84
N ASN E 111 7.75 -50.17 -0.53
CA ASN E 111 6.48 -50.30 0.17
C ASN E 111 5.88 -48.93 0.55
N LYS E 112 6.66 -47.88 0.37
CA LYS E 112 6.25 -46.54 0.73
C LYS E 112 6.13 -45.62 -0.48
N ASN E 113 5.31 -44.58 -0.35
CA ASN E 113 5.13 -43.60 -1.40
C ASN E 113 6.37 -42.73 -1.61
N PRO E 114 6.50 -42.12 -2.80
CA PRO E 114 7.65 -41.28 -3.14
C PRO E 114 7.75 -40.00 -2.31
N TYR E 115 8.97 -39.48 -2.21
CA TYR E 115 9.24 -38.22 -1.51
C TYR E 115 9.10 -37.02 -2.45
N ASN E 116 8.91 -35.85 -1.86
CA ASN E 116 9.00 -34.59 -2.56
C ASN E 116 10.36 -33.99 -2.20
N THR E 117 11.30 -34.06 -3.14
CA THR E 117 12.70 -33.75 -2.85
C THR E 117 13.20 -32.49 -3.54
N ALA E 118 14.04 -31.73 -2.83
CA ALA E 118 14.75 -30.60 -3.40
C ALA E 118 16.25 -30.84 -3.26
N ILE E 119 17.03 -30.37 -4.24
CA ILE E 119 18.49 -30.49 -4.19
C ILE E 119 19.19 -29.18 -4.52
N ILE E 120 20.39 -29.01 -3.96
CA ILE E 120 21.28 -27.92 -4.33
C ILE E 120 22.57 -28.50 -4.89
N ILE E 121 22.92 -28.10 -6.11
CA ILE E 121 24.14 -28.52 -6.76
C ILE E 121 25.10 -27.32 -6.80
N ASP E 122 26.38 -27.56 -6.54
CA ASP E 122 27.36 -26.48 -6.54
C ASP E 122 28.01 -26.33 -7.92
N PRO E 123 28.79 -25.25 -8.14
CA PRO E 123 29.42 -25.00 -9.43
C PRO E 123 30.41 -26.09 -9.85
N GLN E 124 30.69 -27.02 -8.95
CA GLN E 124 31.58 -28.14 -9.23
C GLN E 124 30.81 -29.37 -9.72
N GLY E 125 29.49 -29.27 -9.76
CA GLY E 125 28.64 -30.34 -10.29
C GLY E 125 28.26 -31.40 -9.27
N GLU E 126 28.42 -31.09 -7.99
CA GLU E 126 28.15 -32.04 -6.92
C GLU E 126 26.91 -31.64 -6.13
N ILE E 127 26.13 -32.63 -5.72
CA ILE E 127 25.00 -32.38 -4.84
C ILE E 127 25.52 -32.13 -3.43
N ILE E 128 25.26 -30.94 -2.90
CA ILE E 128 25.76 -30.55 -1.58
C ILE E 128 24.65 -30.44 -0.54
N LEU E 129 23.41 -30.45 -1.00
CA LEU E 129 22.26 -30.47 -0.10
C LEU E 129 21.15 -31.31 -0.71
N LYS E 130 20.57 -32.20 0.09
CA LYS E 130 19.42 -32.99 -0.33
C LYS E 130 18.34 -32.90 0.73
N TYR E 131 17.19 -32.36 0.34
CA TYR E 131 16.09 -32.16 1.28
C TYR E 131 14.81 -32.86 0.82
N ARG E 132 14.19 -33.60 1.73
CA ARG E 132 12.89 -34.21 1.46
C ARG E 132 11.79 -33.48 2.23
N LYS E 133 10.79 -32.99 1.51
CA LYS E 133 9.71 -32.18 2.08
C LYS E 133 9.18 -32.78 3.38
N LEU E 134 9.39 -32.06 4.47
CA LEU E 134 9.00 -32.54 5.80
C LEU E 134 7.49 -32.45 6.01
N PHE E 135 6.88 -31.41 5.47
CA PHE E 135 5.43 -31.22 5.62
C PHE E 135 4.73 -31.14 4.27
N PRO E 136 4.34 -32.30 3.70
CA PRO E 136 3.54 -32.35 2.49
C PRO E 136 2.24 -31.57 2.61
N TRP E 137 1.75 -31.04 1.50
CA TRP E 137 0.55 -30.20 1.50
C TRP E 137 -0.72 -31.06 1.54
N ASN E 138 -1.01 -31.61 2.71
CA ASN E 138 -2.18 -32.47 2.90
C ASN E 138 -3.46 -31.65 2.89
N PRO E 139 -4.56 -32.23 2.38
CA PRO E 139 -4.70 -33.60 1.91
C PRO E 139 -4.44 -33.85 0.41
N ILE E 140 -4.06 -32.82 -0.34
CA ILE E 140 -3.90 -32.96 -1.79
C ILE E 140 -2.62 -33.70 -2.19
N GLU E 141 -1.59 -33.63 -1.35
CA GLU E 141 -0.31 -34.26 -1.66
C GLU E 141 -0.13 -35.60 -0.97
N PRO E 142 0.23 -36.63 -1.75
CA PRO E 142 0.40 -38.00 -1.28
C PRO E 142 1.84 -38.36 -0.94
N TRP E 143 2.74 -37.37 -0.98
CA TRP E 143 4.16 -37.62 -0.75
C TRP E 143 4.45 -38.08 0.67
N TYR E 144 5.45 -38.93 0.81
CA TYR E 144 5.81 -39.45 2.12
C TYR E 144 6.60 -38.39 2.88
N PRO E 145 6.25 -38.19 4.17
CA PRO E 145 6.99 -37.25 5.02
C PRO E 145 8.48 -37.53 4.98
N GLY E 146 9.27 -36.51 4.65
CA GLY E 146 10.71 -36.66 4.48
C GLY E 146 11.44 -37.09 5.75
N ASP E 147 12.53 -37.83 5.56
CA ASP E 147 13.26 -38.41 6.69
C ASP E 147 14.65 -37.82 6.89
N LEU E 148 14.97 -36.76 6.15
CA LEU E 148 16.31 -36.20 6.15
C LEU E 148 16.47 -34.95 7.02
N GLY E 149 15.42 -34.59 7.76
CA GLY E 149 15.43 -33.37 8.56
C GLY E 149 15.55 -32.12 7.71
N MET E 150 16.08 -31.06 8.30
CA MET E 150 16.31 -29.81 7.58
C MET E 150 17.81 -29.51 7.51
N PRO E 151 18.44 -29.90 6.39
CA PRO E 151 19.89 -29.75 6.23
C PRO E 151 20.30 -28.33 5.86
N VAL E 152 21.51 -27.97 6.28
CA VAL E 152 22.10 -26.67 5.95
C VAL E 152 23.45 -26.90 5.26
N CYS E 153 23.68 -26.21 4.15
CA CYS E 153 24.91 -26.37 3.40
C CYS E 153 25.62 -25.04 3.18
N GLU E 154 26.90 -25.10 2.80
CA GLU E 154 27.66 -23.89 2.50
C GLU E 154 27.32 -23.40 1.11
N GLY E 155 27.27 -22.08 0.94
CA GLY E 155 26.92 -21.47 -0.35
C GLY E 155 27.89 -20.39 -0.77
N PRO E 156 27.49 -19.59 -1.78
CA PRO E 156 28.33 -18.50 -2.27
C PRO E 156 28.22 -17.25 -1.41
N GLY E 157 29.25 -16.40 -1.45
CA GLY E 157 29.24 -15.12 -0.75
C GLY E 157 29.08 -15.20 0.76
N GLY E 158 29.58 -16.28 1.36
CA GLY E 158 29.50 -16.47 2.81
C GLY E 158 28.17 -16.99 3.31
N SER E 159 27.28 -17.32 2.37
CA SER E 159 25.94 -17.79 2.72
C SER E 159 25.92 -19.23 3.22
N LYS E 160 25.00 -19.48 4.15
CA LYS E 160 24.70 -20.84 4.59
C LYS E 160 23.28 -21.15 4.15
N LEU E 161 23.15 -22.08 3.20
CA LEU E 161 21.88 -22.31 2.52
C LEU E 161 21.07 -23.44 3.12
N ALA E 162 19.75 -23.22 3.20
CA ALA E 162 18.79 -24.25 3.53
C ALA E 162 17.56 -24.04 2.66
N VAL E 163 16.91 -25.13 2.27
CA VAL E 163 15.73 -25.02 1.40
C VAL E 163 14.52 -25.74 1.98
N CYS E 164 13.37 -25.06 1.97
CA CYS E 164 12.10 -25.68 2.30
C CYS E 164 11.21 -25.71 1.07
N ILE E 165 10.15 -26.51 1.12
CA ILE E 165 9.32 -26.75 -0.04
C ILE E 165 7.87 -26.31 0.18
N SER E 166 7.45 -25.30 -0.58
CA SER E 166 6.10 -24.72 -0.53
C SER E 166 5.48 -24.69 0.87
N HIS E 167 4.64 -25.67 1.15
CA HIS E 167 3.89 -25.76 2.40
C HIS E 167 4.77 -25.75 3.65
N ASP E 168 6.00 -26.25 3.52
CA ASP E 168 6.98 -26.22 4.61
C ASP E 168 7.13 -24.82 5.21
N GLY E 169 7.13 -23.81 4.33
CA GLY E 169 7.36 -22.43 4.74
C GLY E 169 6.24 -21.77 5.53
N MET E 170 5.14 -22.50 5.71
CA MET E 170 4.04 -22.02 6.53
C MET E 170 4.23 -22.45 7.99
N ILE E 171 5.26 -23.24 8.23
CA ILE E 171 5.59 -23.73 9.57
C ILE E 171 6.74 -22.91 10.15
N PRO E 172 6.44 -22.05 11.14
CA PRO E 172 7.47 -21.17 11.73
C PRO E 172 8.56 -21.94 12.46
N GLU E 173 8.22 -23.12 12.99
CA GLU E 173 9.20 -23.97 13.67
C GLU E 173 10.26 -24.52 12.72
N LEU E 174 9.90 -24.67 11.45
CA LEU E 174 10.84 -25.16 10.45
C LEU E 174 11.84 -24.09 10.04
N ALA E 175 11.37 -22.84 9.93
CA ALA E 175 12.25 -21.72 9.67
C ALA E 175 13.21 -21.54 10.85
N ARG E 176 12.68 -21.74 12.06
CA ARG E 176 13.52 -21.72 13.26
C ARG E 176 14.61 -22.78 13.14
N GLU E 177 14.20 -23.99 12.78
CA GLU E 177 15.09 -25.15 12.67
C GLU E 177 16.29 -24.90 11.75
N ALA E 178 16.04 -24.36 10.57
CA ALA E 178 17.11 -24.08 9.61
C ALA E 178 18.11 -23.08 10.16
N ALA E 179 17.60 -22.00 10.73
CA ALA E 179 18.43 -20.95 11.31
C ALA E 179 19.22 -21.48 12.51
N TYR E 180 18.59 -22.35 13.30
CA TYR E 180 19.23 -22.96 14.46
C TYR E 180 20.48 -23.73 14.05
N LYS E 181 20.56 -24.11 12.78
CA LYS E 181 21.70 -24.87 12.29
C LYS E 181 22.61 -24.04 11.40
N GLY E 182 22.45 -22.72 11.46
CA GLY E 182 23.39 -21.80 10.82
C GLY E 182 22.90 -21.07 9.58
N CYS E 183 21.74 -21.48 9.07
CA CYS E 183 21.18 -20.88 7.85
C CYS E 183 21.03 -19.36 7.92
N ASN E 184 21.56 -18.67 6.91
CA ASN E 184 21.36 -17.22 6.79
C ASN E 184 20.56 -16.85 5.53
N VAL E 185 20.41 -17.82 4.63
CA VAL E 185 19.60 -17.62 3.43
C VAL E 185 18.60 -18.78 3.27
N TYR E 186 17.38 -18.53 3.71
CA TYR E 186 16.31 -19.53 3.69
C TYR E 186 15.63 -19.55 2.33
N ILE E 187 15.82 -20.64 1.59
CA ILE E 187 15.24 -20.76 0.25
C ILE E 187 13.90 -21.49 0.31
N ARG E 188 12.94 -21.02 -0.48
CA ARG E 188 11.63 -21.64 -0.54
C ARG E 188 11.20 -21.86 -1.99
N ILE E 189 11.30 -23.10 -2.45
CA ILE E 189 10.78 -23.46 -3.76
C ILE E 189 9.33 -23.92 -3.59
N SER E 190 8.46 -23.51 -4.51
CA SER E 190 7.03 -23.64 -4.24
C SER E 190 6.16 -23.91 -5.47
N GLY E 191 5.09 -24.67 -5.25
CA GLY E 191 4.12 -24.99 -6.31
C GLY E 191 2.67 -24.82 -5.88
N TYR E 192 2.36 -23.64 -5.33
CA TYR E 192 0.99 -23.28 -4.95
C TYR E 192 0.15 -22.94 -6.21
N SER E 193 -0.86 -22.08 -6.14
CA SER E 193 -1.28 -21.27 -4.97
C SER E 193 -2.72 -20.78 -5.11
N THR E 194 -2.83 -19.53 -5.54
CA THR E 194 -4.07 -18.73 -5.55
C THR E 194 -5.14 -19.05 -4.50
N GLN E 195 -4.71 -19.27 -3.28
CA GLN E 195 -5.60 -19.30 -2.12
C GLN E 195 -4.76 -19.01 -0.90
N VAL E 196 -3.46 -18.87 -1.13
CA VAL E 196 -2.51 -18.58 -0.07
C VAL E 196 -1.57 -17.45 -0.51
N ASN E 197 -1.98 -16.70 -1.52
CA ASN E 197 -1.15 -15.63 -2.09
C ASN E 197 -0.64 -14.62 -1.05
N ASP E 198 -1.55 -14.07 -0.26
CA ASP E 198 -1.20 -13.06 0.73
C ASP E 198 -0.37 -13.66 1.86
N GLN E 199 -0.70 -14.90 2.23
CA GLN E 199 -0.04 -15.59 3.32
C GLN E 199 1.35 -16.10 2.91
N TRP E 200 1.58 -16.21 1.61
CA TRP E 200 2.89 -16.59 1.10
C TRP E 200 3.88 -15.44 1.28
N ILE E 201 3.42 -14.23 0.98
CA ILE E 201 4.20 -13.02 1.20
C ILE E 201 4.39 -12.79 2.69
N LEU E 202 3.34 -13.06 3.47
CA LEU E 202 3.37 -12.91 4.92
C LEU E 202 4.46 -13.76 5.58
N THR E 203 4.46 -15.05 5.26
CA THR E 203 5.38 -15.99 5.92
C THR E 203 6.82 -15.91 5.42
N ASN E 204 7.01 -15.50 4.17
CA ASN E 204 8.35 -15.23 3.65
C ASN E 204 9.02 -14.10 4.44
N ARG E 205 8.21 -13.13 4.85
CA ARG E 205 8.70 -12.03 5.66
C ARG E 205 8.91 -12.46 7.11
N SER E 206 7.90 -13.12 7.68
CA SER E 206 7.96 -13.53 9.08
C SER E 206 9.07 -14.57 9.34
N ASN E 207 9.26 -15.49 8.41
CA ASN E 207 10.34 -16.47 8.51
C ASN E 207 11.71 -15.80 8.55
N ALA E 208 11.84 -14.68 7.85
CA ALA E 208 13.06 -13.89 7.84
C ALA E 208 13.30 -13.17 9.16
N TRP E 209 12.31 -12.41 9.62
CA TRP E 209 12.42 -11.61 10.82
C TRP E 209 12.57 -12.43 12.11
N HIS E 210 11.83 -13.54 12.19
CA HIS E 210 11.88 -14.41 13.37
C HIS E 210 13.29 -14.89 13.66
N ASN E 211 14.07 -15.13 12.61
CA ASN E 211 15.35 -15.80 12.75
C ASN E 211 16.54 -14.97 12.29
N LEU E 212 16.27 -13.73 11.91
CA LEU E 212 17.31 -12.82 11.42
C LEU E 212 18.10 -13.39 10.26
N MET E 213 17.38 -13.88 9.24
CA MET E 213 18.01 -14.41 8.03
C MET E 213 17.29 -13.91 6.79
N TYR E 214 17.98 -13.95 5.65
CA TYR E 214 17.35 -13.63 4.37
C TYR E 214 16.40 -14.75 3.97
N THR E 215 15.35 -14.39 3.22
CA THR E 215 14.52 -15.40 2.57
C THR E 215 14.43 -15.12 1.08
N VAL E 216 14.67 -16.15 0.28
CA VAL E 216 14.48 -16.08 -1.16
C VAL E 216 13.47 -17.15 -1.55
N SER E 217 12.34 -16.73 -2.10
CA SER E 217 11.23 -17.64 -2.33
C SER E 217 10.64 -17.47 -3.73
N VAL E 218 10.29 -18.58 -4.37
CA VAL E 218 9.72 -18.54 -5.71
C VAL E 218 8.70 -19.65 -5.94
N ASN E 219 7.62 -19.32 -6.66
CA ASN E 219 6.54 -20.25 -6.94
C ASN E 219 6.37 -20.48 -8.45
N LEU E 220 5.65 -21.55 -8.81
CA LEU E 220 5.46 -21.98 -10.18
C LEU E 220 4.50 -21.09 -11.00
N ALA E 221 3.84 -21.67 -12.00
CA ALA E 221 2.95 -20.88 -12.88
C ALA E 221 1.64 -21.55 -13.32
N GLY E 222 1.72 -22.74 -13.92
CA GLY E 222 0.53 -23.31 -14.59
C GLY E 222 0.20 -24.79 -14.47
N TYR E 223 -1.04 -25.14 -14.86
CA TYR E 223 -1.50 -26.53 -14.82
C TYR E 223 -2.69 -26.90 -15.73
N ASP E 224 -3.56 -25.95 -16.07
CA ASP E 224 -4.84 -26.33 -16.72
C ASP E 224 -4.87 -26.31 -18.26
N ASN E 225 -3.77 -26.74 -18.87
CA ASN E 225 -3.70 -27.04 -20.31
C ASN E 225 -3.57 -25.84 -21.26
N VAL E 226 -3.11 -24.69 -20.74
CA VAL E 226 -2.88 -23.49 -21.56
C VAL E 226 -2.58 -22.23 -20.73
N PHE E 227 -2.51 -22.39 -19.42
CA PHE E 227 -2.65 -21.27 -18.48
C PHE E 227 -1.35 -20.56 -18.01
N TYR E 228 -0.74 -21.05 -16.92
CA TYR E 228 0.53 -20.52 -16.40
C TYR E 228 0.48 -19.13 -15.74
N TYR E 229 -0.19 -19.01 -14.60
CA TYR E 229 -0.21 -17.76 -13.81
C TYR E 229 -0.46 -18.02 -12.32
N PHE E 230 0.59 -18.34 -11.57
CA PHE E 230 0.47 -18.67 -10.15
C PHE E 230 1.50 -18.04 -9.23
N GLY E 231 2.75 -17.99 -9.67
CA GLY E 231 3.89 -17.63 -8.82
C GLY E 231 3.94 -16.21 -8.29
N GLU E 232 5.01 -15.92 -7.55
CA GLU E 232 5.24 -14.57 -7.02
C GLU E 232 6.71 -14.19 -7.13
N GLY E 233 7.55 -14.74 -6.25
CA GLY E 233 8.98 -14.44 -6.29
C GLY E 233 9.30 -13.31 -5.34
N GLN E 234 10.09 -13.60 -4.30
CA GLN E 234 10.28 -12.65 -3.23
C GLN E 234 11.65 -12.79 -2.56
N ILE E 235 12.30 -11.66 -2.36
CA ILE E 235 13.54 -11.59 -1.58
C ILE E 235 13.33 -10.67 -0.38
N CYS E 236 13.50 -11.21 0.82
CA CYS E 236 13.34 -10.42 2.05
C CYS E 236 14.64 -10.24 2.82
N ASN E 237 14.76 -9.08 3.47
CA ASN E 237 15.90 -8.79 4.33
C ASN E 237 15.80 -9.56 5.65
N PHE E 238 16.88 -9.59 6.42
CA PHE E 238 16.89 -10.32 7.68
C PHE E 238 15.97 -9.73 8.74
N ASP E 239 15.57 -8.46 8.57
CA ASP E 239 14.60 -7.85 9.48
C ASP E 239 13.16 -7.99 8.98
N GLY E 240 12.99 -8.70 7.86
CA GLY E 240 11.66 -8.98 7.32
C GLY E 240 11.22 -8.03 6.22
N THR E 241 12.06 -7.07 5.88
CA THR E 241 11.72 -6.09 4.85
C THR E 241 11.87 -6.69 3.45
N THR E 242 10.80 -6.58 2.66
CA THR E 242 10.78 -7.09 1.29
C THR E 242 11.64 -6.20 0.41
N LEU E 243 12.56 -6.82 -0.33
CA LEU E 243 13.49 -6.07 -1.17
C LEU E 243 13.12 -6.15 -2.65
N VAL E 244 12.79 -7.34 -3.12
CA VAL E 244 12.37 -7.55 -4.50
C VAL E 244 11.09 -8.38 -4.52
N GLN E 245 10.11 -7.94 -5.29
CA GLN E 245 8.85 -8.65 -5.38
C GLN E 245 8.44 -8.92 -6.82
N GLY E 246 8.42 -10.21 -7.16
CA GLY E 246 7.95 -10.64 -8.46
C GLY E 246 6.43 -10.68 -8.48
N HIS E 247 5.88 -10.55 -9.67
CA HIS E 247 4.44 -10.53 -9.83
C HIS E 247 3.96 -11.96 -10.06
N ARG E 248 2.95 -12.19 -10.89
CA ARG E 248 2.35 -13.53 -10.97
C ARG E 248 2.40 -14.15 -12.36
N ASN E 249 3.41 -13.76 -13.13
CA ASN E 249 3.50 -14.20 -14.52
C ASN E 249 4.58 -15.26 -14.72
N PRO E 250 4.33 -16.19 -15.67
CA PRO E 250 5.30 -17.24 -15.97
C PRO E 250 6.57 -16.67 -16.59
N TRP E 251 7.72 -17.24 -16.23
CA TRP E 251 9.03 -16.83 -16.73
C TRP E 251 9.61 -15.59 -16.04
N GLU E 252 8.86 -15.05 -15.07
CA GLU E 252 9.29 -13.85 -14.36
C GLU E 252 10.47 -14.14 -13.45
N ILE E 253 11.58 -13.44 -13.68
CA ILE E 253 12.80 -13.65 -12.91
C ILE E 253 12.90 -12.64 -11.78
N VAL E 254 13.31 -13.11 -10.60
CA VAL E 254 13.51 -12.24 -9.44
C VAL E 254 14.99 -12.23 -9.05
N THR E 255 15.66 -11.11 -9.34
CA THR E 255 17.08 -10.97 -9.00
C THR E 255 17.32 -9.94 -7.92
N GLY E 256 18.41 -10.11 -7.19
CA GLY E 256 18.80 -9.18 -6.13
C GLY E 256 20.09 -9.61 -5.47
N GLU E 257 20.80 -8.65 -4.89
CA GLU E 257 22.04 -8.96 -4.19
C GLU E 257 21.78 -9.29 -2.72
N ILE E 258 22.47 -10.30 -2.22
CA ILE E 258 22.32 -10.74 -0.85
C ILE E 258 23.63 -10.55 -0.12
N TYR E 259 23.56 -9.97 1.08
CA TYR E 259 24.74 -9.76 1.91
C TYR E 259 24.59 -10.54 3.23
N PRO E 260 24.94 -11.84 3.21
CA PRO E 260 24.72 -12.74 4.34
C PRO E 260 25.49 -12.38 5.61
N LYS E 261 26.64 -11.75 5.46
CA LYS E 261 27.47 -11.35 6.60
C LYS E 261 26.71 -10.38 7.51
N MET E 262 25.87 -9.53 6.91
CA MET E 262 25.08 -8.55 7.66
C MET E 262 24.04 -9.22 8.56
N ALA E 263 23.49 -10.33 8.10
CA ALA E 263 22.54 -11.11 8.90
C ALA E 263 23.24 -11.79 10.08
N ASP E 264 24.45 -12.31 9.83
CA ASP E 264 25.24 -12.93 10.87
C ASP E 264 25.65 -11.92 11.93
N ASN E 265 26.11 -10.75 11.49
CA ASN E 265 26.45 -9.66 12.39
C ASN E 265 25.28 -9.25 13.28
N ALA E 266 24.09 -9.24 12.70
CA ALA E 266 22.87 -8.91 13.44
C ALA E 266 22.58 -9.94 14.53
N ARG E 267 22.90 -11.20 14.25
CA ARG E 267 22.74 -12.27 15.23
C ARG E 267 23.77 -12.17 16.35
N LEU E 268 24.91 -11.56 16.05
CA LEU E 268 25.98 -11.38 17.04
C LEU E 268 25.83 -10.10 17.84
N SER E 269 25.50 -8.99 17.17
CA SER E 269 25.50 -7.66 17.80
C SER E 269 24.19 -7.29 18.49
N TRP E 270 23.07 -7.57 17.84
CA TRP E 270 21.75 -7.17 18.35
C TRP E 270 21.49 -7.66 19.77
N GLY E 271 20.76 -6.87 20.54
CA GLY E 271 20.38 -7.24 21.90
C GLY E 271 18.87 -7.30 22.09
N LEU E 272 18.20 -6.17 21.85
CA LEU E 272 16.77 -6.04 22.08
C LEU E 272 15.92 -6.92 21.14
N GLU E 273 16.28 -6.95 19.87
CA GLU E 273 15.49 -7.66 18.87
C GLU E 273 16.11 -9.00 18.47
N ASN E 274 16.96 -9.55 19.33
CA ASN E 274 17.60 -10.82 19.03
C ASN E 274 16.73 -11.99 19.48
N ASN E 275 15.60 -12.16 18.80
CA ASN E 275 14.55 -13.07 19.25
C ASN E 275 14.90 -14.56 19.19
N ILE E 276 15.75 -14.93 18.23
CA ILE E 276 16.18 -16.32 18.10
C ILE E 276 17.04 -16.77 19.29
N TYR E 277 17.73 -15.82 19.92
CA TYR E 277 18.49 -16.09 21.13
C TYR E 277 17.59 -16.11 22.36
N ASN E 278 16.63 -15.20 22.39
CA ASN E 278 15.72 -15.04 23.52
C ASN E 278 14.89 -16.28 23.82
N LEU E 279 14.62 -17.10 22.80
CA LEU E 279 13.81 -18.30 22.94
C LEU E 279 14.39 -19.32 23.94
N GLY E 280 15.72 -19.41 23.97
CA GLY E 280 16.40 -20.36 24.84
C GLY E 280 17.10 -19.73 26.03
N HIS E 281 16.96 -18.42 26.19
CA HIS E 281 17.62 -17.69 27.27
C HIS E 281 16.76 -16.57 27.83
N ARG E 282 15.54 -16.91 28.24
CA ARG E 282 14.60 -15.95 28.82
C ARG E 282 15.24 -15.10 29.91
N GLY E 289 21.69 -17.24 33.28
CA GLY E 289 21.69 -17.02 31.85
C GLY E 289 20.36 -17.35 31.21
N GLY E 290 19.29 -16.85 31.82
CA GLY E 290 17.94 -17.09 31.34
C GLY E 290 17.40 -18.45 31.77
N GLU E 291 16.08 -18.56 31.81
CA GLU E 291 15.43 -19.84 32.08
C GLU E 291 15.49 -20.69 30.81
N HIS E 292 16.19 -21.82 30.90
CA HIS E 292 16.38 -22.68 29.73
C HIS E 292 15.09 -23.41 29.32
N ASP E 293 14.19 -23.59 30.28
CA ASP E 293 12.88 -24.16 30.00
C ASP E 293 11.94 -23.06 29.54
N ALA E 294 11.44 -23.19 28.31
CA ALA E 294 10.61 -22.16 27.69
C ALA E 294 9.20 -22.09 28.28
N GLY E 295 8.85 -23.11 29.05
CA GLY E 295 7.51 -23.24 29.64
C GLY E 295 6.37 -23.30 28.64
N LEU E 296 6.22 -24.39 27.88
CA LEU E 296 7.04 -25.62 27.94
C LEU E 296 7.01 -26.31 29.31
N THR E 297 5.98 -26.01 30.09
CA THR E 297 5.86 -26.49 31.46
C THR E 297 5.24 -27.88 31.51
N ILE E 299 4.55 -30.18 29.36
CA ILE E 299 4.49 -31.27 28.40
C ILE E 299 5.17 -30.91 27.07
N LYS E 300 6.37 -31.47 26.87
CA LYS E 300 7.11 -31.31 25.61
C LYS E 300 6.57 -32.28 24.56
N ASP E 301 5.32 -32.05 24.16
CA ASP E 301 4.57 -33.01 23.36
C ASP E 301 5.17 -33.34 21.99
N LEU E 302 5.52 -32.32 21.21
CA LEU E 302 6.06 -32.52 19.87
C LEU E 302 7.36 -33.30 19.90
N ALA E 303 8.17 -33.05 20.91
CA ALA E 303 9.45 -33.74 21.09
C ALA E 303 9.25 -35.22 21.41
N ALA E 304 8.24 -35.52 22.23
CA ALA E 304 7.94 -36.90 22.59
C ALA E 304 7.05 -37.58 21.55
N GLY E 305 6.68 -36.83 20.51
CA GLY E 305 5.83 -37.34 19.44
C GLY E 305 4.39 -37.54 19.89
N LYS E 306 3.96 -36.74 20.86
CA LYS E 306 2.60 -36.82 21.36
C LYS E 306 1.88 -35.46 21.24
N TYR E 307 2.23 -34.73 20.20
CA TYR E 307 1.56 -33.47 19.85
C TYR E 307 0.11 -33.75 19.53
N LYS E 308 -0.80 -33.05 20.20
CA LYS E 308 -2.23 -33.37 20.13
C LYS E 308 -3.10 -32.15 20.45
N LEU E 309 -3.84 -31.70 19.44
CA LEU E 309 -4.73 -30.55 19.58
C LEU E 309 -6.05 -30.97 20.25
N PRO E 310 -6.67 -30.05 21.02
CA PRO E 310 -7.88 -30.35 21.80
C PRO E 310 -9.13 -30.63 20.95
N TRP E 311 -9.09 -30.29 19.67
CA TRP E 311 -10.26 -30.42 18.80
C TRP E 311 -10.10 -31.49 17.73
N GLU E 312 -9.14 -32.40 17.93
CA GLU E 312 -8.82 -33.40 16.91
C GLU E 312 -9.93 -34.41 16.61
N ASP E 313 -10.74 -34.74 17.62
CA ASP E 313 -11.84 -35.70 17.45
C ASP E 313 -12.87 -35.21 16.45
N HIS E 314 -13.03 -33.89 16.34
CA HIS E 314 -14.11 -33.30 15.55
C HIS E 314 -13.66 -32.70 14.23
N MET E 315 -12.47 -33.08 13.76
CA MET E 315 -11.94 -32.58 12.50
C MET E 315 -12.53 -33.34 11.30
N LYS E 316 -12.77 -32.61 10.21
CA LYS E 316 -13.42 -33.18 9.03
C LYS E 316 -12.42 -33.79 8.05
N ILE E 317 -11.21 -33.26 8.03
CA ILE E 317 -10.18 -33.76 7.11
C ILE E 317 -8.93 -34.18 7.86
N LYS E 318 -8.74 -35.49 7.97
CA LYS E 318 -7.56 -36.04 8.62
C LYS E 318 -6.96 -37.16 7.78
N ASP E 319 -7.48 -37.30 6.56
CA ASP E 319 -6.91 -38.20 5.56
C ASP E 319 -7.11 -37.60 4.16
N GLY E 320 -6.72 -38.35 3.13
CA GLY E 320 -6.80 -37.85 1.76
C GLY E 320 -8.01 -38.30 0.97
N SER E 321 -9.03 -38.78 1.67
CA SER E 321 -10.22 -39.33 1.02
C SER E 321 -11.03 -38.28 0.25
N ILE E 322 -10.91 -37.02 0.65
CA ILE E 322 -11.57 -35.91 -0.05
C ILE E 322 -11.06 -35.80 -1.49
N TYR E 323 -9.80 -36.12 -1.71
CA TYR E 323 -9.21 -36.10 -3.05
C TYR E 323 -9.13 -37.50 -3.66
N GLY E 324 -9.68 -38.49 -2.96
CA GLY E 324 -9.79 -39.86 -3.50
C GLY E 324 -8.63 -40.78 -3.18
N TYR E 325 -7.77 -40.37 -2.26
CA TYR E 325 -6.62 -41.18 -1.87
C TYR E 325 -6.96 -42.27 -0.86
N PRO E 326 -6.36 -43.46 -1.00
CA PRO E 326 -6.49 -44.56 -0.04
C PRO E 326 -6.07 -44.14 1.37
N THR E 327 -6.81 -44.60 2.37
CA THR E 327 -6.58 -44.17 3.75
C THR E 327 -5.77 -45.17 4.59
N THR E 328 -5.25 -46.22 3.96
CA THR E 328 -4.54 -47.27 4.69
C THR E 328 -3.02 -47.21 4.54
N GLY E 329 -2.53 -46.13 3.93
CA GLY E 329 -1.10 -45.93 3.76
C GLY E 329 -0.44 -46.89 2.80
N GLY E 330 0.88 -46.99 2.90
CA GLY E 330 1.64 -47.88 2.02
C GLY E 330 1.84 -47.28 0.64
N ARG E 331 2.04 -48.15 -0.35
CA ARG E 331 2.27 -47.73 -1.72
C ARG E 331 0.98 -47.76 -2.54
N PHE E 332 0.60 -46.61 -3.08
CA PHE E 332 -0.58 -46.53 -3.95
C PHE E 332 -0.41 -45.54 -5.11
N GLY E 333 -1.17 -45.77 -6.17
CA GLY E 333 -1.15 -44.88 -7.33
C GLY E 333 -0.10 -45.27 -8.36
N LYS E 334 0.30 -46.53 -8.35
CA LYS E 334 1.31 -47.02 -9.28
C LYS E 334 0.69 -47.35 -10.64
N GLY F 13 -20.65 -13.51 18.15
CA GLY F 13 -19.30 -12.99 18.56
C GLY F 13 -19.36 -11.89 19.60
N PHE F 14 -18.38 -11.00 19.55
CA PHE F 14 -18.30 -9.90 20.51
C PHE F 14 -17.55 -8.69 19.97
N LEU F 15 -17.83 -7.52 20.55
CA LEU F 15 -17.16 -6.28 20.21
C LEU F 15 -15.98 -6.01 21.15
N VAL F 16 -14.77 -5.92 20.59
CA VAL F 16 -13.57 -5.67 21.38
C VAL F 16 -13.12 -4.20 21.28
N ALA F 17 -12.40 -3.74 22.30
CA ALA F 17 -11.80 -2.40 22.28
C ALA F 17 -10.37 -2.45 22.76
N ALA F 18 -9.48 -1.72 22.07
CA ALA F 18 -8.08 -1.63 22.47
C ALA F 18 -7.67 -0.16 22.55
N ILE F 19 -7.18 0.26 23.70
CA ILE F 19 -6.86 1.66 23.94
C ILE F 19 -5.37 1.89 23.90
N GLN F 20 -4.92 2.73 22.97
CA GLN F 20 -3.51 3.10 22.89
C GLN F 20 -3.14 4.08 24.00
N PHE F 21 -3.30 3.63 25.24
CA PHE F 21 -3.03 4.42 26.44
C PHE F 21 -1.68 5.14 26.36
N PRO F 22 -1.64 6.43 26.74
CA PRO F 22 -0.39 7.19 26.76
C PRO F 22 0.51 6.74 27.91
N VAL F 23 1.77 6.44 27.62
CA VAL F 23 2.72 6.08 28.67
C VAL F 23 2.78 7.22 29.67
N PRO F 24 2.54 6.90 30.95
CA PRO F 24 2.69 7.94 31.95
C PRO F 24 4.16 8.05 32.36
N ILE F 25 4.60 9.25 32.70
CA ILE F 25 5.87 9.37 33.39
C ILE F 25 5.58 9.25 34.88
N VAL F 26 6.27 8.32 35.53
CA VAL F 26 5.99 8.00 36.92
C VAL F 26 7.21 8.31 37.77
N ASN F 27 6.99 9.04 38.87
CA ASN F 27 8.07 9.42 39.77
C ASN F 27 7.77 9.05 41.22
N SER F 28 6.52 8.66 41.48
CA SER F 28 6.08 8.29 42.82
C SER F 28 4.92 7.29 42.77
N ARG F 29 4.50 6.82 43.95
CA ARG F 29 3.37 5.91 44.06
C ARG F 29 2.06 6.63 43.76
N LYS F 30 2.03 7.93 44.03
CA LYS F 30 0.86 8.76 43.70
C LYS F 30 0.59 8.72 42.21
N ASP F 31 1.64 8.81 41.41
CA ASP F 31 1.53 8.78 39.95
C ASP F 31 0.93 7.46 39.47
N ILE F 32 1.33 6.36 40.12
CA ILE F 32 0.77 5.04 39.81
C ILE F 32 -0.74 5.02 40.09
N ASP F 33 -1.13 5.48 41.28
CA ASP F 33 -2.55 5.56 41.63
C ASP F 33 -3.30 6.50 40.67
N HIS F 34 -2.62 7.57 40.23
CA HIS F 34 -3.16 8.47 39.21
C HIS F 34 -3.45 7.72 37.92
N ASN F 35 -2.53 6.85 37.52
CA ASN F 35 -2.69 6.01 36.33
C ASN F 35 -3.87 5.05 36.49
N ILE F 36 -3.94 4.40 37.64
CA ILE F 36 -5.00 3.44 37.95
C ILE F 36 -6.38 4.09 37.84
N GLU F 37 -6.50 5.30 38.39
CA GLU F 37 -7.75 6.04 38.30
C GLU F 37 -8.04 6.48 36.86
N SER F 38 -6.98 6.79 36.11
CA SER F 38 -7.13 7.16 34.71
C SER F 38 -7.61 5.97 33.88
N ILE F 39 -7.00 4.82 34.11
CA ILE F 39 -7.38 3.58 33.44
C ILE F 39 -8.84 3.21 33.76
N ILE F 40 -9.21 3.38 35.02
CA ILE F 40 -10.57 3.10 35.47
C ILE F 40 -11.57 4.08 34.85
N ARG F 41 -11.19 5.34 34.79
CA ARG F 41 -12.01 6.38 34.18
C ARG F 41 -12.10 6.22 32.66
N THR F 42 -11.07 5.62 32.06
CA THR F 42 -11.07 5.36 30.62
C THR F 42 -11.97 4.16 30.30
N LEU F 43 -11.93 3.16 31.17
CA LEU F 43 -12.70 1.94 31.00
C LEU F 43 -14.20 2.23 31.02
N HIS F 44 -14.65 3.00 32.00
CA HIS F 44 -16.05 3.36 32.11
C HIS F 44 -16.50 4.24 30.95
N ALA F 45 -15.60 5.07 30.46
CA ALA F 45 -15.90 5.96 29.34
C ALA F 45 -16.04 5.18 28.03
N THR F 46 -15.18 4.17 27.85
CA THR F 46 -15.24 3.31 26.67
C THR F 46 -16.57 2.54 26.62
N LYS F 47 -17.00 2.05 27.78
CA LYS F 47 -18.27 1.33 27.89
C LYS F 47 -19.46 2.23 27.57
N ALA F 48 -19.37 3.49 27.97
CA ALA F 48 -20.43 4.47 27.69
C ALA F 48 -20.50 4.81 26.20
N GLY F 49 -19.33 4.92 25.58
CA GLY F 49 -19.24 5.24 24.15
C GLY F 49 -19.56 4.05 23.26
N TYR F 50 -19.28 2.86 23.75
CA TYR F 50 -19.59 1.62 23.03
C TYR F 50 -20.35 0.67 23.95
N PRO F 51 -21.68 0.83 24.06
CA PRO F 51 -22.49 0.04 24.98
C PRO F 51 -22.40 -1.48 24.77
N GLY F 52 -21.92 -1.89 23.59
CA GLY F 52 -21.84 -3.31 23.26
C GLY F 52 -20.50 -3.97 23.53
N VAL F 53 -19.50 -3.19 23.93
CA VAL F 53 -18.16 -3.72 24.16
C VAL F 53 -18.11 -4.67 25.34
N GLU F 54 -17.51 -5.84 25.14
CA GLU F 54 -17.41 -6.83 26.20
C GLU F 54 -15.97 -7.10 26.62
N LEU F 55 -15.03 -6.52 25.87
CA LEU F 55 -13.60 -6.68 26.17
C LEU F 55 -12.84 -5.39 25.88
N ILE F 56 -12.41 -4.72 26.96
CA ILE F 56 -11.59 -3.52 26.83
C ILE F 56 -10.16 -3.86 27.27
N ILE F 57 -9.19 -3.55 26.40
CA ILE F 57 -7.80 -3.96 26.60
C ILE F 57 -6.88 -2.77 26.79
N PHE F 58 -6.00 -2.86 27.80
CA PHE F 58 -5.00 -1.82 28.05
C PHE F 58 -3.60 -2.39 27.83
N PRO F 59 -2.66 -1.55 27.33
CA PRO F 59 -1.31 -2.01 27.01
C PRO F 59 -0.41 -2.21 28.23
N GLU F 60 0.68 -2.93 28.02
CA GLU F 60 1.71 -3.16 29.03
C GLU F 60 2.31 -1.84 29.55
N TYR F 61 2.58 -1.80 30.85
CA TYR F 61 3.13 -0.61 31.54
C TYR F 61 2.13 0.53 31.71
N SER F 62 0.84 0.26 31.48
CA SER F 62 -0.19 1.30 31.61
C SER F 62 -0.37 1.76 33.05
N THR F 63 -0.11 0.86 34.00
CA THR F 63 -0.29 1.15 35.41
C THR F 63 0.92 1.85 36.04
N GLN F 64 2.12 1.45 35.62
CA GLN F 64 3.34 1.84 36.33
C GLN F 64 4.39 2.58 35.49
N GLY F 65 4.20 2.62 34.17
CA GLY F 65 5.12 3.33 33.28
C GLY F 65 6.48 2.66 33.16
N LEU F 66 7.45 3.39 32.60
CA LEU F 66 8.78 2.83 32.35
C LEU F 66 9.91 3.68 32.94
N ASN F 67 9.80 4.02 34.22
CA ASN F 67 10.90 4.69 34.90
C ASN F 67 11.97 3.66 35.25
N THR F 68 12.92 3.49 34.35
CA THR F 68 13.93 2.42 34.46
C THR F 68 14.84 2.58 35.67
N ALA F 69 14.86 3.78 36.25
CA ALA F 69 15.66 4.05 37.44
C ALA F 69 14.94 3.61 38.70
N LYS F 70 13.62 3.50 38.62
CA LYS F 70 12.80 3.21 39.79
C LYS F 70 11.84 2.03 39.63
N TRP F 71 11.81 1.41 38.46
CA TRP F 71 10.82 0.36 38.18
C TRP F 71 11.14 -1.00 38.83
N LEU F 72 12.24 -1.07 39.56
CA LEU F 72 12.60 -2.27 40.32
C LEU F 72 12.42 -2.04 41.81
N SER F 73 12.20 -0.79 42.19
CA SER F 73 12.05 -0.43 43.60
C SER F 73 10.69 -0.84 44.14
N GLU F 74 10.67 -1.24 45.40
CA GLU F 74 9.46 -1.74 46.06
C GLU F 74 8.29 -0.75 46.06
N GLU F 75 8.62 0.54 45.97
CA GLU F 75 7.61 1.59 45.89
C GLU F 75 6.77 1.43 44.62
N PHE F 76 7.43 1.03 43.54
CA PHE F 76 6.79 0.90 42.23
C PHE F 76 6.13 -0.46 41.98
N LEU F 77 6.06 -1.29 43.02
CA LEU F 77 5.59 -2.67 42.85
C LEU F 77 4.27 -2.95 43.56
N LEU F 78 3.47 -3.82 42.96
CA LEU F 78 2.16 -4.19 43.50
C LEU F 78 2.06 -5.70 43.63
N ASP F 79 1.00 -6.16 44.30
CA ASP F 79 0.73 -7.60 44.40
C ASP F 79 -0.44 -7.97 43.49
N VAL F 80 -0.43 -9.21 43.02
CA VAL F 80 -1.53 -9.75 42.22
C VAL F 80 -2.00 -11.06 42.84
N PRO F 81 -3.17 -11.05 43.52
CA PRO F 81 -4.04 -9.89 43.66
C PRO F 81 -3.63 -8.93 44.78
N GLY F 82 -4.22 -7.75 44.78
CA GLY F 82 -3.98 -6.73 45.80
C GLY F 82 -5.15 -5.75 45.80
N LYS F 83 -4.95 -4.60 46.42
CA LYS F 83 -6.03 -3.59 46.44
C LYS F 83 -6.13 -2.80 45.13
N GLU F 84 -5.06 -2.85 44.33
CA GLU F 84 -5.06 -2.16 43.04
C GLU F 84 -5.75 -3.00 41.97
N THR F 85 -5.55 -4.32 42.04
CA THR F 85 -6.22 -5.23 41.13
C THR F 85 -7.70 -5.34 41.49
N GLU F 86 -8.01 -5.10 42.77
CA GLU F 86 -9.39 -5.08 43.22
C GLU F 86 -10.14 -3.83 42.76
N LEU F 87 -9.39 -2.75 42.54
CA LEU F 87 -9.96 -1.54 41.96
C LEU F 87 -10.33 -1.75 40.49
N TYR F 88 -9.47 -2.47 39.76
CA TYR F 88 -9.76 -2.82 38.38
C TYR F 88 -10.95 -3.76 38.29
N ALA F 89 -10.98 -4.75 39.19
CA ALA F 89 -12.06 -5.73 39.26
C ALA F 89 -13.40 -5.09 39.58
N LYS F 90 -13.40 -4.15 40.53
CA LYS F 90 -14.59 -3.37 40.87
C LYS F 90 -15.12 -2.63 39.64
N ALA F 91 -14.21 -2.09 38.85
CA ALA F 91 -14.57 -1.35 37.64
C ALA F 91 -15.18 -2.27 36.58
N CYS F 92 -14.58 -3.45 36.42
CA CYS F 92 -15.10 -4.45 35.48
C CYS F 92 -16.50 -4.91 35.88
N LYS F 93 -16.71 -5.06 37.19
CA LYS F 93 -17.99 -5.50 37.72
C LYS F 93 -19.08 -4.46 37.49
N GLU F 94 -18.74 -3.19 37.67
CA GLU F 94 -19.72 -2.11 37.52
C GLU F 94 -20.04 -1.80 36.06
N ALA F 95 -19.05 -1.99 35.19
CA ALA F 95 -19.23 -1.73 33.75
C ALA F 95 -19.77 -2.95 33.02
N LYS F 96 -19.63 -4.13 33.62
CA LYS F 96 -20.07 -5.40 33.04
C LYS F 96 -19.24 -5.79 31.83
N VAL F 97 -17.92 -5.68 31.95
CA VAL F 97 -17.01 -5.99 30.84
C VAL F 97 -15.86 -6.87 31.29
N TYR F 98 -15.21 -7.53 30.33
CA TYR F 98 -13.92 -8.17 30.56
C TYR F 98 -12.87 -7.08 30.40
N GLY F 99 -11.84 -7.12 31.24
CA GLY F 99 -10.77 -6.13 31.19
C GLY F 99 -9.39 -6.75 31.24
N VAL F 100 -8.47 -6.20 30.46
CA VAL F 100 -7.09 -6.68 30.45
C VAL F 100 -6.16 -5.60 31.01
N PHE F 101 -5.44 -5.92 32.07
CA PHE F 101 -4.61 -4.93 32.76
C PHE F 101 -3.16 -5.38 32.92
N SER F 102 -2.28 -4.42 33.16
CA SER F 102 -0.86 -4.68 33.32
C SER F 102 -0.40 -4.34 34.74
N ILE F 103 0.36 -5.25 35.34
CA ILE F 103 0.91 -5.04 36.69
C ILE F 103 2.35 -5.51 36.74
N MET F 104 3.25 -4.62 37.14
CA MET F 104 4.61 -5.04 37.46
C MET F 104 4.55 -5.65 38.86
N GLU F 105 4.63 -6.97 38.92
CA GLU F 105 4.29 -7.71 40.13
C GLU F 105 5.46 -8.01 41.05
N ARG F 106 5.31 -7.66 42.32
CA ARG F 106 6.26 -8.02 43.36
C ARG F 106 6.37 -9.54 43.45
N ASN F 107 7.61 -10.03 43.42
CA ASN F 107 7.86 -11.46 43.50
C ASN F 107 7.81 -11.94 44.95
N PRO F 108 6.89 -12.88 45.25
CA PRO F 108 6.73 -13.48 46.59
C PRO F 108 8.02 -14.11 47.10
N ASP F 109 8.81 -14.69 46.19
CA ASP F 109 10.17 -15.10 46.51
C ASP F 109 11.00 -13.82 46.59
N SER F 110 11.78 -13.69 47.67
CA SER F 110 12.51 -12.45 47.96
C SER F 110 13.86 -12.33 47.24
N ASN F 111 14.41 -13.46 46.81
CA ASN F 111 15.70 -13.46 46.11
C ASN F 111 15.56 -13.33 44.60
N LYS F 112 14.36 -13.01 44.13
CA LYS F 112 14.09 -12.91 42.70
C LYS F 112 13.46 -11.58 42.34
N ASN F 113 13.83 -11.05 41.17
CA ASN F 113 13.27 -9.80 40.65
C ASN F 113 11.78 -9.88 40.38
N PRO F 114 11.11 -8.71 40.30
CA PRO F 114 9.68 -8.63 40.02
C PRO F 114 9.28 -9.26 38.68
N TYR F 115 8.03 -9.68 38.59
CA TYR F 115 7.48 -10.21 37.35
C TYR F 115 6.84 -9.10 36.53
N ASN F 116 6.71 -9.34 35.22
CA ASN F 116 5.90 -8.49 34.36
C ASN F 116 4.61 -9.23 34.09
N THR F 117 3.52 -8.78 34.71
CA THR F 117 2.31 -9.57 34.80
C THR F 117 1.09 -8.93 34.13
N ALA F 118 0.40 -9.72 33.31
CA ALA F 118 -0.88 -9.32 32.75
C ALA F 118 -2.00 -10.12 33.41
N ILE F 119 -3.14 -9.48 33.62
CA ILE F 119 -4.32 -10.16 34.18
C ILE F 119 -5.58 -9.87 33.38
N ILE F 120 -6.45 -10.87 33.28
CA ILE F 120 -7.77 -10.71 32.68
C ILE F 120 -8.84 -10.82 33.75
N ILE F 121 -9.71 -9.82 33.84
CA ILE F 121 -10.79 -9.81 34.81
C ILE F 121 -12.14 -9.88 34.08
N ASP F 122 -13.04 -10.73 34.56
CA ASP F 122 -14.36 -10.88 33.94
C ASP F 122 -15.37 -9.88 34.52
N PRO F 123 -16.57 -9.78 33.91
CA PRO F 123 -17.62 -8.85 34.34
C PRO F 123 -18.16 -9.06 35.76
N GLN F 124 -17.67 -10.07 36.46
CA GLN F 124 -18.06 -10.31 37.84
C GLN F 124 -16.94 -9.93 38.82
N GLY F 125 -15.84 -9.44 38.27
CA GLY F 125 -14.72 -8.96 39.08
C GLY F 125 -13.72 -10.05 39.40
N GLU F 126 -13.89 -11.20 38.76
CA GLU F 126 -12.99 -12.33 38.98
C GLU F 126 -11.79 -12.27 38.04
N ILE F 127 -10.60 -12.46 38.59
CA ILE F 127 -9.41 -12.65 37.76
C ILE F 127 -9.39 -14.09 37.26
N ILE F 128 -9.71 -14.26 35.98
CA ILE F 128 -9.82 -15.59 35.38
C ILE F 128 -8.57 -15.99 34.62
N LEU F 129 -7.60 -15.08 34.59
CA LEU F 129 -6.33 -15.35 33.93
C LEU F 129 -5.21 -14.52 34.53
N LYS F 130 -4.13 -15.19 34.91
CA LYS F 130 -2.93 -14.52 35.41
C LYS F 130 -1.72 -15.01 34.61
N TYR F 131 -1.00 -14.08 33.98
CA TYR F 131 0.12 -14.44 33.13
C TYR F 131 1.35 -13.59 33.41
N ARG F 132 2.49 -14.25 33.57
CA ARG F 132 3.75 -13.56 33.80
C ARG F 132 4.65 -13.69 32.57
N LYS F 133 5.10 -12.54 32.06
CA LYS F 133 5.88 -12.44 30.82
C LYS F 133 7.00 -13.47 30.74
N LEU F 134 6.85 -14.42 29.82
CA LEU F 134 7.81 -15.52 29.66
C LEU F 134 9.13 -15.04 29.05
N PHE F 135 9.04 -14.09 28.13
CA PHE F 135 10.24 -13.55 27.49
C PHE F 135 10.33 -12.05 27.69
N PRO F 136 10.92 -11.61 28.82
CA PRO F 136 11.19 -10.19 29.03
C PRO F 136 12.05 -9.62 27.90
N TRP F 137 11.81 -8.36 27.55
CA TRP F 137 12.50 -7.71 26.44
C TRP F 137 13.94 -7.38 26.80
N ASN F 138 14.76 -8.43 26.91
CA ASN F 138 16.17 -8.29 27.25
C ASN F 138 16.96 -7.62 26.13
N PRO F 139 18.03 -6.89 26.47
CA PRO F 139 18.58 -6.71 27.81
C PRO F 139 18.08 -5.47 28.57
N ILE F 140 17.09 -4.78 28.06
CA ILE F 140 16.62 -3.55 28.73
C ILE F 140 15.68 -3.84 29.90
N GLU F 141 15.08 -5.03 29.90
CA GLU F 141 14.12 -5.39 30.95
C GLU F 141 14.70 -6.34 31.99
N PRO F 142 14.51 -6.01 33.29
CA PRO F 142 15.08 -6.76 34.41
C PRO F 142 14.11 -7.77 35.01
N TRP F 143 12.95 -7.95 34.39
CA TRP F 143 11.91 -8.81 34.96
C TRP F 143 12.31 -10.28 34.95
N TYR F 144 11.89 -11.01 35.98
CA TYR F 144 12.16 -12.43 36.05
C TYR F 144 11.26 -13.15 35.05
N PRO F 145 11.82 -14.14 34.33
CA PRO F 145 11.04 -14.98 33.41
C PRO F 145 9.81 -15.58 34.11
N GLY F 146 8.66 -15.50 33.44
CA GLY F 146 7.41 -16.01 34.00
C GLY F 146 7.44 -17.50 34.31
N ASP F 147 6.57 -17.92 35.23
CA ASP F 147 6.57 -19.30 35.70
C ASP F 147 5.19 -19.96 35.63
N LEU F 148 4.24 -19.23 35.04
CA LEU F 148 2.87 -19.71 34.94
C LEU F 148 2.54 -20.23 33.54
N GLY F 149 3.56 -20.34 32.70
CA GLY F 149 3.38 -20.78 31.32
C GLY F 149 2.50 -19.83 30.52
N MET F 150 1.76 -20.37 29.55
CA MET F 150 0.81 -19.58 28.77
C MET F 150 -0.60 -20.07 29.06
N PRO F 151 -1.31 -19.38 29.97
CA PRO F 151 -2.67 -19.77 30.35
C PRO F 151 -3.71 -19.31 29.36
N VAL F 152 -4.86 -19.97 29.37
CA VAL F 152 -5.99 -19.63 28.51
C VAL F 152 -7.25 -19.58 29.37
N CYS F 153 -8.19 -18.70 29.02
CA CYS F 153 -9.44 -18.59 29.76
C CYS F 153 -10.62 -18.44 28.83
N GLU F 154 -11.83 -18.58 29.37
CA GLU F 154 -13.05 -18.37 28.61
C GLU F 154 -13.35 -16.90 28.52
N GLY F 155 -13.87 -16.47 27.37
CA GLY F 155 -14.17 -15.07 27.15
C GLY F 155 -15.60 -14.88 26.71
N PRO F 156 -15.94 -13.66 26.27
CA PRO F 156 -17.28 -13.37 25.77
C PRO F 156 -17.47 -13.89 24.35
N GLY F 157 -18.72 -14.15 23.97
CA GLY F 157 -19.06 -14.58 22.61
C GLY F 157 -18.35 -15.84 22.15
N GLY F 158 -18.18 -16.79 23.08
CA GLY F 158 -17.58 -18.08 22.75
C GLY F 158 -16.09 -18.07 22.47
N SER F 159 -15.41 -17.02 22.93
CA SER F 159 -13.97 -16.90 22.70
C SER F 159 -13.12 -17.59 23.76
N LYS F 160 -11.90 -17.93 23.37
CA LYS F 160 -10.90 -18.47 24.30
C LYS F 160 -9.72 -17.50 24.28
N LEU F 161 -9.64 -16.65 25.30
CA LEU F 161 -8.64 -15.60 25.36
C LEU F 161 -7.30 -16.07 25.89
N ALA F 162 -6.23 -15.55 25.31
CA ALA F 162 -4.89 -15.69 25.86
C ALA F 162 -4.16 -14.37 25.68
N VAL F 163 -3.25 -14.06 26.58
CA VAL F 163 -2.49 -12.82 26.48
C VAL F 163 -0.98 -13.05 26.55
N CYS F 164 -0.27 -12.39 25.65
CA CYS F 164 1.18 -12.30 25.74
C CYS F 164 1.56 -10.84 25.91
N ILE F 165 2.81 -10.59 26.27
CA ILE F 165 3.25 -9.24 26.56
C ILE F 165 4.36 -8.76 25.62
N SER F 166 4.04 -7.78 24.80
CA SER F 166 4.98 -7.15 23.86
C SER F 166 5.96 -8.10 23.17
N HIS F 167 7.16 -8.21 23.73
CA HIS F 167 8.25 -9.03 23.17
C HIS F 167 7.84 -10.48 22.94
N ASP F 168 7.02 -11.01 23.84
CA ASP F 168 6.46 -12.35 23.71
C ASP F 168 5.86 -12.60 22.33
N GLY F 169 5.37 -11.54 21.69
CA GLY F 169 4.69 -11.64 20.40
C GLY F 169 5.60 -11.81 19.21
N MET F 170 6.92 -11.78 19.44
CA MET F 170 7.89 -11.98 18.38
C MET F 170 8.33 -13.43 18.35
N ILE F 171 7.82 -14.22 19.31
CA ILE F 171 8.14 -15.63 19.43
C ILE F 171 6.95 -16.46 18.96
N PRO F 172 7.03 -17.02 17.75
CA PRO F 172 5.94 -17.81 17.17
C PRO F 172 5.59 -19.05 17.99
N GLU F 173 6.60 -19.63 18.65
CA GLU F 173 6.40 -20.78 19.53
C GLU F 173 5.37 -20.47 20.62
N LEU F 174 5.41 -19.24 21.13
CA LEU F 174 4.48 -18.81 22.17
C LEU F 174 3.06 -18.67 21.64
N ALA F 175 2.93 -18.12 20.43
CA ALA F 175 1.63 -18.04 19.77
C ALA F 175 1.09 -19.45 19.50
N ARG F 176 1.98 -20.33 19.07
CA ARG F 176 1.63 -21.75 18.88
C ARG F 176 1.14 -22.37 20.18
N GLU F 177 1.84 -22.07 21.28
CA GLU F 177 1.49 -22.62 22.59
C GLU F 177 0.09 -22.18 23.04
N ALA F 178 -0.19 -20.88 22.93
CA ALA F 178 -1.52 -20.35 23.25
C ALA F 178 -2.61 -21.10 22.49
N ALA F 179 -2.46 -21.18 21.17
CA ALA F 179 -3.42 -21.88 20.31
C ALA F 179 -3.55 -23.36 20.66
N TYR F 180 -2.41 -24.02 20.88
CA TYR F 180 -2.35 -25.42 21.29
C TYR F 180 -3.24 -25.71 22.49
N LYS F 181 -3.43 -24.72 23.35
CA LYS F 181 -4.23 -24.87 24.55
C LYS F 181 -5.65 -24.33 24.37
N GLY F 182 -6.04 -24.07 23.12
CA GLY F 182 -7.42 -23.74 22.79
C GLY F 182 -7.72 -22.29 22.45
N CYS F 183 -6.70 -21.43 22.51
CA CYS F 183 -6.90 -20.00 22.28
C CYS F 183 -7.32 -19.69 20.85
N ASN F 184 -8.37 -18.89 20.71
CA ASN F 184 -8.84 -18.44 19.40
C ASN F 184 -8.76 -16.92 19.23
N VAL F 185 -8.47 -16.21 20.31
CA VAL F 185 -8.25 -14.77 20.29
C VAL F 185 -6.98 -14.42 21.06
N TYR F 186 -5.89 -14.22 20.32
CA TYR F 186 -4.57 -13.97 20.91
C TYR F 186 -4.40 -12.48 21.19
N ILE F 187 -4.35 -12.12 22.47
CA ILE F 187 -4.23 -10.72 22.88
C ILE F 187 -2.77 -10.36 23.14
N ARG F 188 -2.37 -9.16 22.68
CA ARG F 188 -1.00 -8.70 22.87
C ARG F 188 -0.95 -7.29 23.42
N ILE F 189 -0.73 -7.17 24.74
CA ILE F 189 -0.54 -5.87 25.36
C ILE F 189 0.94 -5.52 25.32
N SER F 190 1.25 -4.26 25.02
CA SER F 190 2.62 -3.94 24.64
C SER F 190 3.11 -2.56 25.06
N GLY F 191 4.40 -2.49 25.39
CA GLY F 191 5.06 -1.24 25.75
C GLY F 191 6.34 -1.01 24.96
N TYR F 192 6.27 -1.30 23.66
CA TYR F 192 7.35 -1.00 22.71
C TYR F 192 7.43 0.54 22.45
N SER F 193 7.68 1.01 21.22
CA SER F 193 7.96 0.22 20.02
C SER F 193 9.05 0.88 19.20
N GLN F 195 11.24 1.42 17.21
CA GLN F 195 12.30 0.72 16.51
C GLN F 195 11.89 -0.67 16.03
N VAL F 196 10.64 -1.06 16.30
CA VAL F 196 10.14 -2.37 15.90
C VAL F 196 8.74 -2.26 15.28
N ASN F 197 8.39 -1.04 14.88
CA ASN F 197 7.05 -0.72 14.38
C ASN F 197 6.50 -1.63 13.28
N ASP F 198 7.30 -1.88 12.25
CA ASP F 198 6.85 -2.69 11.12
C ASP F 198 6.78 -4.17 11.49
N GLN F 199 7.69 -4.60 12.36
CA GLN F 199 7.75 -5.99 12.80
C GLN F 199 6.66 -6.29 13.84
N TRP F 200 6.01 -5.24 14.34
CA TRP F 200 4.89 -5.41 15.24
C TRP F 200 3.65 -5.79 14.44
N ILE F 201 3.40 -5.07 13.36
CA ILE F 201 2.30 -5.37 12.47
C ILE F 201 2.50 -6.72 11.78
N LEU F 202 3.74 -6.99 11.37
CA LEU F 202 4.09 -8.25 10.72
C LEU F 202 3.78 -9.47 11.59
N THR F 203 4.28 -9.46 12.82
CA THR F 203 4.11 -10.60 13.73
C THR F 203 2.68 -10.74 14.24
N ASN F 204 1.94 -9.64 14.30
CA ASN F 204 0.51 -9.68 14.64
C ASN F 204 -0.30 -10.46 13.62
N ARG F 205 0.06 -10.32 12.35
CA ARG F 205 -0.60 -11.04 11.26
C ARG F 205 -0.15 -12.51 11.19
N SER F 206 1.14 -12.73 11.39
CA SER F 206 1.69 -14.09 11.31
C SER F 206 1.19 -14.96 12.45
N ASN F 207 1.10 -14.39 13.66
CA ASN F 207 0.58 -15.13 14.81
C ASN F 207 -0.83 -15.63 14.55
N ALA F 208 -1.64 -14.76 13.96
CA ALA F 208 -3.00 -15.10 13.56
C ALA F 208 -3.02 -16.27 12.59
N TRP F 209 -2.41 -16.08 11.43
CA TRP F 209 -2.45 -17.09 10.35
C TRP F 209 -1.81 -18.43 10.71
N HIS F 210 -0.65 -18.40 11.34
CA HIS F 210 0.06 -19.63 11.71
C HIS F 210 -0.81 -20.57 12.53
N ASN F 211 -1.72 -20.01 13.31
CA ASN F 211 -2.47 -20.78 14.30
C ASN F 211 -3.99 -20.76 14.10
N LEU F 212 -4.43 -20.06 13.06
CA LEU F 212 -5.86 -19.94 12.74
C LEU F 212 -6.65 -19.35 13.90
N MET F 213 -6.15 -18.25 14.44
CA MET F 213 -6.84 -17.53 15.50
C MET F 213 -6.79 -16.04 15.24
N TYR F 214 -7.69 -15.30 15.88
CA TYR F 214 -7.68 -13.85 15.84
C TYR F 214 -6.52 -13.33 16.69
N THR F 215 -5.99 -12.17 16.32
CA THR F 215 -5.08 -11.45 17.20
C THR F 215 -5.59 -10.03 17.42
N VAL F 216 -5.62 -9.61 18.69
CA VAL F 216 -5.95 -8.24 19.04
C VAL F 216 -4.77 -7.68 19.81
N SER F 217 -4.15 -6.64 19.27
CA SER F 217 -2.91 -6.12 19.83
C SER F 217 -2.95 -4.61 19.99
N VAL F 218 -2.36 -4.12 21.07
CA VAL F 218 -2.30 -2.69 21.34
C VAL F 218 -1.01 -2.34 22.09
N ASN F 219 -0.43 -1.20 21.71
CA ASN F 219 0.83 -0.76 22.31
C ASN F 219 0.63 0.55 23.07
N LEU F 220 1.43 0.74 24.12
CA LEU F 220 1.43 1.97 24.90
C LEU F 220 1.96 3.12 24.02
N ALA F 221 1.96 4.33 24.54
CA ALA F 221 2.17 5.49 23.68
C ALA F 221 3.45 6.34 23.85
N GLY F 222 4.36 5.98 24.75
CA GLY F 222 5.65 6.70 24.80
C GLY F 222 6.01 7.41 26.10
N TYR F 223 7.31 7.48 26.37
CA TYR F 223 7.87 7.93 27.66
C TYR F 223 8.32 9.39 27.67
N ASP F 224 8.90 9.80 28.80
CA ASP F 224 9.77 10.99 28.90
C ASP F 224 9.13 12.33 29.28
N ASN F 225 7.96 12.28 29.93
CA ASN F 225 7.29 13.49 30.44
C ASN F 225 6.78 14.44 29.35
N VAL F 226 7.19 14.21 28.12
CA VAL F 226 6.72 15.00 26.99
C VAL F 226 6.26 14.09 25.83
N PHE F 227 7.10 13.13 25.45
CA PHE F 227 6.75 12.20 24.37
C PHE F 227 5.65 11.26 24.85
N TYR F 228 4.59 11.13 24.05
CA TYR F 228 3.41 10.34 24.43
C TYR F 228 2.77 9.57 23.26
N TYR F 229 3.54 9.22 22.24
CA TYR F 229 2.96 8.66 21.01
C TYR F 229 3.83 7.58 20.35
N PHE F 230 3.79 6.34 20.86
CA PHE F 230 4.79 5.33 20.49
C PHE F 230 4.27 3.97 20.02
N GLY F 231 3.55 3.94 18.91
CA GLY F 231 3.14 2.67 18.33
C GLY F 231 1.79 2.65 17.64
N GLU F 232 1.27 1.45 17.42
CA GLU F 232 0.02 1.24 16.69
C GLU F 232 -1.02 0.54 17.56
N GLY F 233 -1.93 -0.18 16.89
CA GLY F 233 -3.00 -0.95 17.54
C GLY F 233 -3.76 -1.71 16.46
N GLN F 234 -3.92 -3.02 16.62
CA GLN F 234 -4.30 -3.87 15.48
C GLN F 234 -5.25 -5.03 15.81
N ILE F 235 -6.19 -5.29 14.89
CA ILE F 235 -7.01 -6.48 14.93
C ILE F 235 -6.82 -7.29 13.65
N CYS F 236 -6.40 -8.56 13.79
CA CYS F 236 -6.20 -9.45 12.65
C CYS F 236 -7.18 -10.63 12.63
N ASN F 237 -7.69 -10.94 11.44
CA ASN F 237 -8.53 -12.11 11.23
C ASN F 237 -7.67 -13.37 11.32
N PHE F 238 -8.32 -14.52 11.49
CA PHE F 238 -7.59 -15.79 11.65
C PHE F 238 -6.80 -16.24 10.42
N ASP F 239 -7.00 -15.55 9.29
CA ASP F 239 -6.23 -15.84 8.09
C ASP F 239 -5.07 -14.87 7.90
N GLY F 240 -4.86 -14.01 8.89
CA GLY F 240 -3.76 -13.04 8.86
C GLY F 240 -4.17 -11.67 8.36
N THR F 241 -5.36 -11.57 7.78
CA THR F 241 -5.85 -10.31 7.22
C THR F 241 -6.13 -9.26 8.30
N THR F 242 -5.48 -8.11 8.18
CA THR F 242 -5.68 -7.02 9.12
C THR F 242 -7.06 -6.38 8.92
N LEU F 243 -7.84 -6.31 9.99
CA LEU F 243 -9.20 -5.79 9.92
C LEU F 243 -9.29 -4.33 10.38
N VAL F 244 -8.62 -4.01 11.47
CA VAL F 244 -8.61 -2.66 12.02
C VAL F 244 -7.19 -2.28 12.41
N GLN F 245 -6.78 -1.05 12.10
CA GLN F 245 -5.41 -0.60 12.34
C GLN F 245 -5.34 0.78 13.00
N GLY F 246 -4.74 0.83 14.18
CA GLY F 246 -4.45 2.10 14.85
C GLY F 246 -3.26 2.75 14.18
N HIS F 247 -3.28 4.07 14.08
CA HIS F 247 -2.40 4.77 13.16
C HIS F 247 -2.17 6.22 13.53
N ASN F 249 -0.35 7.31 17.94
CA ASN F 249 -0.63 8.41 18.85
C ASN F 249 -1.61 8.03 19.97
N PRO F 250 -1.52 8.71 21.13
CA PRO F 250 -2.12 8.37 22.42
C PRO F 250 -3.50 7.69 22.39
N TRP F 251 -4.48 8.28 23.05
CA TRP F 251 -5.76 7.61 23.31
C TRP F 251 -6.53 7.06 22.10
N GLU F 252 -5.82 6.56 21.10
CA GLU F 252 -6.49 5.94 19.95
C GLU F 252 -7.20 4.66 20.37
N ILE F 253 -8.48 4.58 20.04
CA ILE F 253 -9.26 3.39 20.37
C ILE F 253 -9.47 2.55 19.11
N VAL F 254 -8.96 1.32 19.15
CA VAL F 254 -9.16 0.36 18.08
C VAL F 254 -10.30 -0.58 18.47
N THR F 255 -11.36 -0.59 17.68
CA THR F 255 -12.51 -1.45 17.93
C THR F 255 -12.88 -2.30 16.72
N GLY F 256 -13.52 -3.43 16.98
CA GLY F 256 -13.98 -4.32 15.92
C GLY F 256 -14.77 -5.50 16.46
N GLU F 257 -15.66 -6.06 15.65
CA GLU F 257 -16.43 -7.24 16.03
C GLU F 257 -15.65 -8.50 15.71
N ILE F 258 -15.55 -9.39 16.69
CA ILE F 258 -14.79 -10.63 16.56
C ILE F 258 -15.72 -11.84 16.53
N TYR F 259 -15.46 -12.77 15.62
CA TYR F 259 -16.29 -13.97 15.49
C TYR F 259 -15.44 -15.23 15.65
N PRO F 260 -15.24 -15.66 16.91
CA PRO F 260 -14.31 -16.74 17.27
C PRO F 260 -14.72 -18.13 16.79
N LYS F 261 -16.02 -18.40 16.75
CA LYS F 261 -16.50 -19.74 16.39
C LYS F 261 -16.12 -20.10 14.95
N MET F 262 -15.97 -19.09 14.11
CA MET F 262 -15.60 -19.34 12.72
C MET F 262 -14.09 -19.49 12.53
N ALA F 263 -13.34 -19.12 13.56
CA ALA F 263 -11.94 -19.52 13.65
C ALA F 263 -11.90 -20.98 14.10
N ASP F 264 -12.76 -21.31 15.06
CA ASP F 264 -12.91 -22.70 15.51
C ASP F 264 -13.33 -23.59 14.34
N ASN F 265 -14.32 -23.13 13.59
CA ASN F 265 -14.80 -23.84 12.41
C ASN F 265 -13.69 -24.09 11.39
N ALA F 266 -12.85 -23.09 11.15
CA ALA F 266 -11.73 -23.21 10.24
C ALA F 266 -10.79 -24.34 10.67
N ARG F 267 -10.48 -24.38 11.96
CA ARG F 267 -9.63 -25.42 12.52
C ARG F 267 -10.24 -26.81 12.36
N LEU F 268 -11.57 -26.87 12.33
CA LEU F 268 -12.28 -28.12 12.15
C LEU F 268 -12.51 -28.47 10.67
N SER F 269 -12.76 -27.45 9.86
CA SER F 269 -13.11 -27.64 8.45
C SER F 269 -11.91 -27.81 7.53
N TRP F 270 -10.89 -26.99 7.74
CA TRP F 270 -9.79 -26.84 6.78
C TRP F 270 -8.93 -28.09 6.60
N GLY F 271 -8.50 -28.29 5.35
CA GLY F 271 -7.58 -29.38 5.03
C GLY F 271 -6.24 -28.82 4.62
N LEU F 272 -6.20 -28.24 3.43
CA LEU F 272 -4.96 -27.74 2.83
C LEU F 272 -4.09 -26.92 3.77
N GLU F 273 -4.62 -25.82 4.29
CA GLU F 273 -3.81 -24.90 5.09
C GLU F 273 -4.05 -25.04 6.60
N ASN F 274 -4.50 -26.21 7.04
CA ASN F 274 -4.68 -26.46 8.47
C ASN F 274 -3.32 -26.75 9.10
N ASN F 275 -2.47 -25.72 9.11
CA ASN F 275 -1.05 -25.86 9.44
C ASN F 275 -0.77 -26.31 10.86
N ILE F 276 -1.59 -25.82 11.80
CA ILE F 276 -1.44 -26.16 13.21
C ILE F 276 -1.61 -27.68 13.44
N TYR F 277 -2.44 -28.30 12.60
CA TYR F 277 -2.60 -29.76 12.63
C TYR F 277 -1.44 -30.44 11.91
N ASN F 278 -1.05 -29.88 10.76
CA ASN F 278 0.04 -30.41 9.95
C ASN F 278 1.36 -30.56 10.71
N LEU F 279 1.59 -29.67 11.67
CA LEU F 279 2.81 -29.69 12.47
C LEU F 279 2.98 -31.00 13.24
N GLY F 280 1.87 -31.54 13.73
CA GLY F 280 1.89 -32.77 14.51
C GLY F 280 1.64 -34.03 13.71
N HIS F 281 1.13 -33.89 12.50
CA HIS F 281 0.77 -35.05 11.68
C HIS F 281 1.20 -34.92 10.22
N ARG F 282 2.48 -34.62 10.01
CA ARG F 282 3.03 -34.47 8.67
C ARG F 282 2.92 -35.75 7.84
N GLY F 289 -1.70 -41.59 10.27
CA GLY F 289 -2.00 -40.23 10.70
C GLY F 289 -0.77 -39.36 10.83
N GLY F 290 0.07 -39.38 9.80
CA GLY F 290 1.27 -38.55 9.74
C GLY F 290 2.40 -39.01 10.65
N GLU F 291 3.59 -38.46 10.42
CA GLU F 291 4.74 -38.74 11.26
C GLU F 291 4.72 -37.84 12.49
N HIS F 292 4.72 -38.46 13.67
CA HIS F 292 4.57 -37.72 14.93
C HIS F 292 5.82 -36.91 15.31
N ASP F 293 6.99 -37.44 14.95
CA ASP F 293 8.24 -36.71 15.16
C ASP F 293 8.40 -35.68 14.06
N ALA F 294 8.43 -34.40 14.43
CA ALA F 294 8.56 -33.30 13.47
C ALA F 294 9.92 -33.36 12.76
N GLY F 295 10.86 -34.08 13.35
CA GLY F 295 12.19 -34.27 12.79
C GLY F 295 12.96 -33.01 12.47
N LEU F 296 13.47 -32.28 13.47
CA LEU F 296 13.35 -32.58 14.92
C LEU F 296 13.79 -33.98 15.38
N THR F 297 14.53 -34.68 14.52
CA THR F 297 15.15 -35.94 14.89
C THR F 297 16.61 -35.64 15.21
N TYR F 298 17.03 -34.42 14.90
CA TYR F 298 18.34 -33.94 15.32
C TYR F 298 18.42 -32.42 15.56
N ILE F 299 17.43 -31.91 16.30
CA ILE F 299 17.48 -30.60 16.98
C ILE F 299 16.30 -30.46 17.99
N LYS F 300 16.24 -31.38 18.96
CA LYS F 300 15.17 -31.44 19.95
C LYS F 300 15.61 -30.78 21.27
N ASP F 301 16.28 -29.64 21.17
CA ASP F 301 17.00 -29.07 22.29
C ASP F 301 16.15 -28.35 23.34
N LEU F 302 15.19 -27.53 22.89
CA LEU F 302 14.40 -26.70 23.81
C LEU F 302 13.59 -27.50 24.83
N ALA F 303 13.19 -28.70 24.46
CA ALA F 303 12.40 -29.57 25.35
C ALA F 303 13.19 -29.96 26.60
N ALA F 304 14.46 -30.31 26.41
CA ALA F 304 15.31 -30.76 27.50
C ALA F 304 16.03 -29.59 28.19
N GLY F 305 15.87 -28.40 27.64
CA GLY F 305 16.52 -27.21 28.18
C GLY F 305 17.95 -27.05 27.70
N LYS F 306 18.20 -27.46 26.46
CA LYS F 306 19.55 -27.39 25.89
C LYS F 306 19.60 -26.60 24.59
N TYR F 307 18.67 -25.65 24.43
CA TYR F 307 18.68 -24.75 23.29
C TYR F 307 20.02 -24.02 23.23
N LYS F 308 20.71 -24.14 22.11
CA LYS F 308 22.01 -23.52 21.93
C LYS F 308 22.29 -23.19 20.47
N LEU F 309 22.39 -21.89 20.17
CA LEU F 309 22.75 -21.44 18.84
C LEU F 309 24.25 -21.57 18.64
N PRO F 310 24.68 -21.95 17.42
CA PRO F 310 26.08 -22.19 17.09
C PRO F 310 26.98 -20.97 17.29
N TRP F 311 26.40 -19.78 17.28
CA TRP F 311 27.18 -18.54 17.32
C TRP F 311 27.12 -17.84 18.69
N GLU F 312 26.64 -18.54 19.70
CA GLU F 312 26.49 -17.96 21.03
C GLU F 312 27.80 -17.51 21.68
N ASP F 313 28.89 -18.15 21.28
CA ASP F 313 30.21 -17.83 21.83
C ASP F 313 30.74 -16.46 21.44
N HIS F 314 30.30 -15.94 20.29
CA HIS F 314 30.80 -14.67 19.78
C HIS F 314 29.82 -13.51 19.94
N MET F 315 28.73 -13.73 20.67
CA MET F 315 27.70 -12.69 20.83
C MET F 315 28.14 -11.54 21.75
N LYS F 316 27.73 -10.33 21.39
CA LYS F 316 28.16 -9.12 22.11
C LYS F 316 27.26 -8.81 23.31
N ILE F 317 26.00 -9.23 23.23
CA ILE F 317 25.04 -8.97 24.31
C ILE F 317 24.36 -10.24 24.80
N LYS F 318 24.72 -10.66 26.02
CA LYS F 318 24.14 -11.84 26.64
C LYS F 318 23.77 -11.57 28.09
N ASP F 319 23.96 -10.33 28.51
CA ASP F 319 23.52 -9.86 29.83
C ASP F 319 23.03 -8.42 29.75
N GLY F 320 22.71 -7.82 30.89
CA GLY F 320 22.15 -6.47 30.92
C GLY F 320 23.10 -5.36 31.30
N SER F 321 24.41 -5.58 31.12
CA SER F 321 25.42 -4.60 31.51
C SER F 321 25.49 -3.40 30.55
N ILE F 322 24.81 -3.51 29.41
CA ILE F 322 24.74 -2.40 28.45
C ILE F 322 23.83 -1.28 28.97
N TYR F 323 22.88 -1.65 29.82
CA TYR F 323 21.94 -0.69 30.40
C TYR F 323 22.19 -0.45 31.90
N GLY F 324 23.35 -0.89 32.39
CA GLY F 324 23.74 -0.63 33.77
C GLY F 324 23.30 -1.64 34.81
N TYR F 325 22.74 -2.76 34.36
CA TYR F 325 22.29 -3.81 35.27
C TYR F 325 23.43 -4.76 35.67
N PRO F 326 23.40 -5.23 36.93
CA PRO F 326 24.36 -6.23 37.40
C PRO F 326 24.19 -7.57 36.68
N THR F 327 25.25 -8.37 36.65
CA THR F 327 25.29 -9.58 35.83
C THR F 327 25.36 -10.88 36.63
N THR F 328 25.09 -10.81 37.94
CA THR F 328 25.22 -11.98 38.80
C THR F 328 23.88 -12.49 39.33
N GLY F 329 22.79 -11.85 38.92
CA GLY F 329 21.45 -12.29 39.30
C GLY F 329 21.03 -11.89 40.71
N GLY F 330 20.03 -12.60 41.24
CA GLY F 330 19.47 -12.26 42.54
C GLY F 330 18.56 -11.05 42.46
N ARG F 331 18.08 -10.58 43.61
CA ARG F 331 17.27 -9.38 43.66
C ARG F 331 18.15 -8.14 43.56
N PHE F 332 17.78 -7.21 42.68
CA PHE F 332 18.46 -5.93 42.60
C PHE F 332 17.54 -4.78 42.23
N GLY F 333 18.04 -3.56 42.37
CA GLY F 333 17.27 -2.35 42.04
C GLY F 333 16.24 -1.99 43.10
N LYS F 334 16.45 -2.50 44.31
CA LYS F 334 15.54 -2.22 45.42
C LYS F 334 15.68 -0.78 45.91
#